data_9BJU
#
_entry.id   9BJU
#
_cell.length_a   93.297
_cell.length_b   93.297
_cell.length_c   362.757
_cell.angle_alpha   90.00
_cell.angle_beta   90.00
_cell.angle_gamma   90.00
#
_symmetry.space_group_name_H-M   'P 41 2 2'
#
loop_
_entity.id
_entity.type
_entity.pdbx_description
1 polymer Elongin-B
2 polymer Elongin-C
3 polymer 'von Hippel-Lindau disease tumor suppressor'
4 polymer 'von Hippel-Lindau disease tumor suppressor'
5 polymer 3-PYRIDIN-4-YL-2,4-DIHYDRO-INDENO[1,2-.C.]PYRAZOLE
6 non-polymer 'trifluoroacetic acid'
7 non-polymer DI(HYDROXYETHYL)ETHER
8 non-polymer 1,2-ETHANEDIOL
9 non-polymer 'ACETATE ION'
10 non-polymer 'DIMETHYL SULFOXIDE'
11 water water
#
loop_
_entity_poly.entity_id
_entity_poly.type
_entity_poly.pdbx_seq_one_letter_code
_entity_poly.pdbx_strand_id
1 'polypeptide(L)'
;MDVFLMIRRHKTTIFTDAKESSTVFELKRIVEGILKRPPDEQRLYKDDQLLDDGKTLGECGFTSQTARPQAPATVGLAFR
ADDTFEALCIEPFSSPPELPDVMK
;
A,D,G,J
2 'polypeptide(L)'
;MYVKLISSDGHEFIVKREHALTSGTIKAMLSGPGQFAENETNEVNFREIPSHVLSKVCMYFTYKVRYTNSSTEIPEFPIA
PEIALELLMAANFLDC
;
B,E,H,K
3 'polypeptide(L)'
;MHHHHHHGENLYFQGSMEAGRPRPVLRSVNSREPSQVIF(CSX)NRSPRVVLPVWLNFDGEPQPYPTLPPGTGRRIHSYR
GHLWLFRDAGTHDGLLVNQTELFVPSLNVDGQPIFANITLPVYTLKERCLQVVRSLVKPENYRRLDIVRSLYEDLEDHPN
VQKDLERLTQERIAHQRMGD
;
C,L
4 'polypeptide(L)'
;MHHHHHHGENLYFQGSMEAGRPRPVLRSVNSREPSQVIFCNRSPRVVLPVWLNFDGEPQPYPTLPPGTGRRIHSYRGHLW
LFRDAGTHDGLLVNQTELFVPSLNVDGQPIFANITLPVYTLKERCLQVVRSLVKPENYRRLDIVRSLYEDLEDHPNVQKD
LERLTQERIAHQRMGD
;
F,I
5 'polypeptide(L)' (ACE)(TBG)(HYP)(A1AQ4)(NH2) W,X,Y,Z
#
# COMPACT_ATOMS: atom_id res chain seq x y z
N MET A 1 7.28 14.40 38.56
CA MET A 1 6.80 13.37 37.62
C MET A 1 6.47 12.12 38.41
N ASP A 2 5.22 11.63 38.26
CA ASP A 2 4.80 10.45 38.98
C ASP A 2 5.27 9.23 38.20
N VAL A 3 5.65 8.20 38.95
CA VAL A 3 5.95 6.90 38.40
C VAL A 3 5.06 5.90 39.13
N PHE A 4 4.61 4.89 38.39
CA PHE A 4 3.58 3.96 38.86
C PHE A 4 4.22 2.57 39.02
N LEU A 5 4.09 2.00 40.23
CA LEU A 5 4.83 0.87 40.65
C LEU A 5 3.91 -0.24 41.18
N MET A 6 4.39 -1.48 41.03
CA MET A 6 3.98 -2.61 41.85
C MET A 6 5.16 -3.02 42.71
N ILE A 7 5.02 -2.93 44.05
CA ILE A 7 6.03 -3.38 44.97
C ILE A 7 5.66 -4.81 45.38
N ARG A 8 6.52 -5.78 45.07
CA ARG A 8 6.13 -7.16 45.07
C ARG A 8 7.08 -7.98 45.93
N ARG A 9 6.47 -8.77 46.82
CA ARG A 9 7.17 -9.72 47.64
C ARG A 9 6.28 -10.95 47.79
N HIS A 10 6.85 -12.13 47.49
CA HIS A 10 6.19 -13.41 47.69
C HIS A 10 4.84 -13.37 46.95
N LYS A 11 3.72 -13.35 47.69
CA LYS A 11 2.38 -13.26 47.10
C LYS A 11 1.73 -11.90 47.38
N THR A 12 2.52 -10.93 47.85
CA THR A 12 2.06 -9.59 48.14
C THR A 12 2.43 -8.67 46.96
N THR A 13 1.52 -7.75 46.60
CA THR A 13 1.74 -6.72 45.59
C THR A 13 1.07 -5.41 46.00
N ILE A 14 1.88 -4.36 46.17
CA ILE A 14 1.37 -3.03 46.48
C ILE A 14 1.35 -2.20 45.19
N PHE A 15 0.21 -1.59 44.88
CA PHE A 15 0.14 -0.60 43.79
C PHE A 15 0.22 0.78 44.42
N THR A 16 1.28 1.51 44.06
CA THR A 16 1.39 2.87 44.49
C THR A 16 2.17 3.65 43.43
N ASP A 17 2.09 4.97 43.58
CA ASP A 17 2.90 5.88 42.81
C ASP A 17 3.89 6.59 43.74
N ALA A 18 4.93 7.18 43.14
CA ALA A 18 5.95 7.99 43.86
C ALA A 18 6.54 8.98 42.85
N LYS A 19 7.29 9.96 43.35
CA LYS A 19 7.95 10.91 42.45
C LYS A 19 9.24 10.30 41.91
N GLU A 20 9.55 10.61 40.67
CA GLU A 20 10.77 10.17 40.02
C GLU A 20 11.97 10.66 40.85
N SER A 21 11.84 11.82 41.50
CA SER A 21 12.96 12.44 42.23
C SER A 21 13.02 11.95 43.68
N SER A 22 12.01 11.18 44.12
CA SER A 22 12.01 10.57 45.45
C SER A 22 13.03 9.42 45.48
N THR A 23 13.39 8.96 46.67
CA THR A 23 14.49 8.04 46.87
C THR A 23 13.99 6.64 47.20
N VAL A 24 14.86 5.66 46.99
CA VAL A 24 14.64 4.29 47.41
C VAL A 24 14.31 4.25 48.90
N PHE A 25 15.04 5.02 49.73
CA PHE A 25 14.75 5.06 51.17
C PHE A 25 13.29 5.55 51.39
N GLU A 26 12.90 6.60 50.68
CA GLU A 26 11.57 7.21 50.87
C GLU A 26 10.47 6.20 50.51
N LEU A 27 10.77 5.28 49.60
CA LEU A 27 9.83 4.26 49.17
C LEU A 27 9.70 3.20 50.26
N LYS A 28 10.81 2.88 50.91
CA LYS A 28 10.81 1.95 52.00
C LYS A 28 9.95 2.49 53.14
N ARG A 29 9.93 3.82 53.33
CA ARG A 29 9.01 4.48 54.30
C ARG A 29 7.55 4.23 53.92
N ILE A 30 7.25 4.31 52.61
CA ILE A 30 5.90 4.01 52.10
C ILE A 30 5.56 2.55 52.44
N VAL A 31 6.47 1.63 52.13
CA VAL A 31 6.27 0.20 52.41
C VAL A 31 6.11 -0.01 53.92
N GLU A 32 6.86 0.75 54.74
CA GLU A 32 6.79 0.65 56.18
C GLU A 32 5.39 1.00 56.65
N GLY A 33 4.86 2.12 56.16
CA GLY A 33 3.50 2.56 56.47
C GLY A 33 2.48 1.44 56.24
N ILE A 34 2.70 0.63 55.19
CA ILE A 34 1.73 -0.32 54.71
C ILE A 34 1.93 -1.68 55.39
N LEU A 35 3.17 -2.19 55.37
CA LEU A 35 3.42 -3.60 55.74
C LEU A 35 4.04 -3.72 57.14
N LYS A 36 4.28 -2.58 57.82
CA LYS A 36 4.65 -2.50 59.24
C LYS A 36 6.02 -3.16 59.47
N ARG A 37 6.96 -2.92 58.56
CA ARG A 37 8.32 -3.37 58.66
C ARG A 37 9.23 -2.21 58.31
N PRO A 38 10.28 -1.91 59.12
CA PRO A 38 11.03 -0.68 58.94
C PRO A 38 12.09 -0.77 57.83
N PRO A 39 12.49 0.38 57.24
CA PRO A 39 13.47 0.39 56.14
C PRO A 39 14.69 -0.53 56.25
N ASP A 40 15.31 -0.61 57.44
CA ASP A 40 16.54 -1.41 57.63
C ASP A 40 16.24 -2.92 57.55
N GLU A 41 14.96 -3.30 57.51
CA GLU A 41 14.55 -4.70 57.38
C GLU A 41 14.11 -4.99 55.92
N GLN A 42 14.12 -3.99 55.05
CA GLN A 42 13.70 -4.10 53.66
C GLN A 42 14.89 -4.02 52.72
N ARG A 43 14.92 -4.88 51.69
CA ARG A 43 15.74 -4.64 50.49
C ARG A 43 14.78 -4.45 49.30
N LEU A 44 15.02 -3.42 48.49
CA LEU A 44 14.28 -3.15 47.28
C LEU A 44 15.16 -3.47 46.07
N TYR A 45 14.55 -4.07 45.03
CA TYR A 45 15.26 -4.51 43.80
C TYR A 45 14.56 -4.00 42.53
N LYS A 46 15.33 -3.75 41.48
CA LYS A 46 14.84 -3.70 40.14
C LYS A 46 15.45 -4.87 39.38
N ASP A 47 14.60 -5.83 39.00
CA ASP A 47 15.03 -7.12 38.51
C ASP A 47 15.78 -7.80 39.65
N ASP A 48 17.02 -8.20 39.41
CA ASP A 48 17.80 -8.92 40.42
C ASP A 48 18.79 -7.95 41.09
N GLN A 49 18.77 -6.68 40.70
CA GLN A 49 19.74 -5.70 41.15
C GLN A 49 19.25 -5.00 42.41
N LEU A 50 20.07 -5.03 43.45
CA LEU A 50 19.76 -4.36 44.73
C LEU A 50 19.87 -2.84 44.53
N LEU A 51 18.93 -2.09 45.09
CA LEU A 51 18.86 -0.63 44.91
C LEU A 51 19.36 0.06 46.17
N ASP A 52 20.18 1.10 45.96
CA ASP A 52 20.82 1.86 47.04
C ASP A 52 19.85 2.90 47.60
N ASP A 53 19.76 2.98 48.94
CA ASP A 53 18.81 3.82 49.67
C ASP A 53 18.80 5.27 49.16
N GLY A 54 19.95 5.85 48.83
CA GLY A 54 20.08 7.28 48.55
C GLY A 54 19.84 7.63 47.09
N LYS A 55 19.56 6.63 46.24
CA LYS A 55 19.38 6.83 44.80
C LYS A 55 17.91 7.16 44.52
N THR A 56 17.69 8.03 43.53
CA THR A 56 16.32 8.35 43.13
C THR A 56 15.74 7.18 42.32
N LEU A 57 14.42 7.15 42.26
CA LEU A 57 13.71 6.16 41.51
C LEU A 57 14.12 6.31 40.03
N GLY A 58 14.27 7.55 39.57
CA GLY A 58 14.75 7.86 38.22
C GLY A 58 16.12 7.24 37.93
N GLU A 59 17.06 7.43 38.87
CA GLU A 59 18.39 6.86 38.80
C GLU A 59 18.31 5.33 38.81
N CYS A 60 17.28 4.76 39.43
CA CYS A 60 17.08 3.31 39.50
C CYS A 60 16.36 2.76 38.29
N GLY A 61 15.93 3.62 37.36
CA GLY A 61 15.35 3.17 36.09
C GLY A 61 13.82 3.25 36.05
N PHE A 62 13.19 3.85 37.06
CA PHE A 62 11.74 4.07 37.05
C PHE A 62 11.47 5.50 36.57
N THR A 63 10.82 5.62 35.41
CA THR A 63 10.60 6.88 34.69
C THR A 63 9.19 6.84 34.13
N SER A 64 8.74 7.98 33.60
CA SER A 64 7.45 8.07 32.99
C SER A 64 7.37 7.11 31.80
N GLN A 65 8.50 6.83 31.16
CA GLN A 65 8.47 5.94 30.03
C GLN A 65 8.25 4.48 30.46
N THR A 66 8.75 4.07 31.62
CA THR A 66 8.81 2.66 31.98
C THR A 66 7.85 2.30 33.11
N ALA A 67 7.15 3.28 33.67
CA ALA A 67 6.43 3.04 34.93
C ALA A 67 5.10 3.78 34.86
N ARG A 68 4.24 3.25 33.99
CA ARG A 68 3.06 3.92 33.55
C ARG A 68 1.87 3.39 34.34
N PRO A 69 0.81 4.20 34.48
CA PRO A 69 -0.37 3.80 35.24
C PRO A 69 -0.92 2.44 34.78
N GLN A 70 -1.13 2.29 33.47
CA GLN A 70 -1.68 1.09 32.89
C GLN A 70 -0.66 -0.02 32.72
N ALA A 71 0.60 0.20 33.13
CA ALA A 71 1.68 -0.78 32.94
C ALA A 71 2.81 -0.44 33.89
N PRO A 72 2.58 -0.65 35.20
CA PRO A 72 3.52 -0.22 36.21
C PRO A 72 4.80 -1.06 36.21
N ALA A 73 5.89 -0.44 36.70
CA ALA A 73 7.14 -1.09 36.86
C ALA A 73 7.14 -1.85 38.19
N THR A 74 7.86 -2.97 38.22
CA THR A 74 7.93 -3.82 39.37
C THR A 74 9.15 -3.45 40.19
N VAL A 75 8.96 -3.34 41.51
CA VAL A 75 10.01 -3.25 42.47
C VAL A 75 9.98 -4.52 43.34
N GLY A 76 11.10 -5.25 43.39
CA GLY A 76 11.22 -6.41 44.27
C GLY A 76 11.45 -5.98 45.73
N LEU A 77 10.89 -6.74 46.67
CA LEU A 77 10.99 -6.46 48.08
C LEU A 77 11.39 -7.75 48.78
N ALA A 78 12.32 -7.62 49.74
CA ALA A 78 12.81 -8.73 50.51
C ALA A 78 12.94 -8.27 51.96
N PHE A 79 12.48 -9.11 52.88
CA PHE A 79 12.46 -8.83 54.31
C PHE A 79 13.62 -9.55 55.02
N ARG A 80 14.12 -8.93 56.08
CA ARG A 80 15.06 -9.53 57.01
C ARG A 80 14.25 -10.20 58.13
N ALA A 81 14.46 -11.50 58.31
CA ALA A 81 14.00 -12.20 59.53
C ALA A 81 15.18 -12.28 60.52
N ASP A 82 15.09 -11.45 61.59
CA ASP A 82 16.07 -11.36 62.72
C ASP A 82 17.48 -11.04 62.14
N ASP A 83 18.17 -12.10 61.71
CA ASP A 83 19.60 -12.06 61.44
C ASP A 83 19.81 -11.50 60.02
N THR A 84 19.34 -12.27 59.04
CA THR A 84 19.78 -12.15 57.64
C THR A 84 18.59 -12.06 56.68
N PHE A 85 18.82 -11.41 55.53
CA PHE A 85 17.79 -11.17 54.49
C PHE A 85 17.48 -12.50 53.79
N GLU A 86 16.18 -12.75 53.58
CA GLU A 86 15.73 -13.80 52.71
C GLU A 86 16.12 -13.42 51.28
N ALA A 87 16.20 -14.43 50.40
CA ALA A 87 16.37 -14.19 48.98
C ALA A 87 15.10 -13.48 48.46
N LEU A 88 15.29 -12.72 47.38
CA LEU A 88 14.18 -12.11 46.69
C LEU A 88 13.34 -13.23 46.09
N CYS A 89 12.08 -13.30 46.53
CA CYS A 89 11.17 -14.23 45.91
C CYS A 89 9.87 -13.52 45.51
N ILE A 90 9.50 -13.66 44.23
CA ILE A 90 8.24 -13.12 43.73
C ILE A 90 7.45 -14.25 43.07
N GLU A 91 6.35 -14.62 43.70
CA GLU A 91 5.44 -15.63 43.16
C GLU A 91 4.84 -15.11 41.86
N PRO A 92 4.90 -15.85 40.74
CA PRO A 92 4.32 -15.35 39.50
C PRO A 92 2.80 -15.28 39.66
N PHE A 93 2.16 -14.49 38.79
CA PHE A 93 0.72 -14.53 38.68
C PHE A 93 0.32 -15.85 38.02
N SER A 94 -0.96 -16.20 38.13
CA SER A 94 -1.53 -17.36 37.49
C SER A 94 -1.41 -17.23 35.98
N SER A 95 -1.41 -18.39 35.30
CA SER A 95 -1.43 -18.46 33.86
C SER A 95 -2.86 -18.32 33.38
N PRO A 96 -3.11 -17.56 32.30
CA PRO A 96 -4.40 -17.63 31.61
C PRO A 96 -4.64 -18.99 30.96
N PRO A 97 -5.90 -19.36 30.68
CA PRO A 97 -6.22 -20.59 29.94
C PRO A 97 -5.76 -20.43 28.49
N GLU A 98 -5.62 -21.56 27.79
CA GLU A 98 -5.36 -21.55 26.38
C GLU A 98 -6.44 -20.69 25.70
N LEU A 99 -6.01 -19.99 24.67
CA LEU A 99 -6.85 -19.12 23.87
C LEU A 99 -7.95 -19.95 23.19
N PRO A 100 -9.26 -19.64 23.39
CA PRO A 100 -10.33 -20.33 22.67
C PRO A 100 -10.17 -20.30 21.14
N ASP A 101 -10.57 -21.40 20.48
CA ASP A 101 -10.28 -21.58 19.04
C ASP A 101 -10.90 -20.41 18.26
N VAL A 102 -12.03 -19.88 18.72
CA VAL A 102 -12.77 -18.82 18.02
C VAL A 102 -12.09 -17.44 18.14
N MET A 103 -11.02 -17.34 18.93
CA MET A 103 -10.23 -16.09 19.07
C MET A 103 -8.94 -16.18 18.24
N LYS A 104 -8.96 -17.00 17.17
CA LYS A 104 -7.95 -17.04 16.12
C LYS A 104 -8.68 -16.90 14.78
N MET B 1 -6.55 4.18 54.37
CA MET B 1 -6.13 4.74 53.06
C MET B 1 -5.85 3.62 52.05
N TYR B 2 -5.33 2.46 52.50
CA TYR B 2 -5.07 1.31 51.59
C TYR B 2 -5.99 0.14 51.97
N VAL B 3 -6.34 -0.68 50.97
CA VAL B 3 -7.16 -1.83 51.16
C VAL B 3 -6.47 -3.00 50.45
N LYS B 4 -6.84 -4.21 50.83
CA LYS B 4 -6.27 -5.44 50.28
C LYS B 4 -7.36 -6.20 49.50
N LEU B 5 -7.02 -6.60 48.27
CA LEU B 5 -7.88 -7.38 47.43
C LEU B 5 -7.15 -8.67 47.13
N ILE B 6 -7.77 -9.82 47.48
CA ILE B 6 -7.12 -11.12 47.45
C ILE B 6 -7.73 -11.94 46.33
N SER B 7 -6.87 -12.52 45.49
CA SER B 7 -7.29 -13.24 44.33
C SER B 7 -7.67 -14.65 44.76
N SER B 8 -8.22 -15.40 43.80
CA SER B 8 -8.66 -16.76 43.99
C SER B 8 -7.45 -17.63 44.38
N ASP B 9 -6.29 -17.35 43.76
CA ASP B 9 -5.06 -18.13 43.95
C ASP B 9 -4.21 -17.54 45.08
N GLY B 10 -4.79 -16.67 45.92
CA GLY B 10 -4.18 -16.19 47.18
C GLY B 10 -3.30 -14.94 47.04
N HIS B 11 -3.10 -14.40 45.83
CA HIS B 11 -2.29 -13.18 45.71
C HIS B 11 -2.98 -12.01 46.41
N GLU B 12 -2.20 -11.18 47.11
CA GLU B 12 -2.74 -10.06 47.90
C GLU B 12 -2.32 -8.75 47.22
N PHE B 13 -3.30 -8.02 46.69
CA PHE B 13 -3.09 -6.76 46.01
C PHE B 13 -3.50 -5.62 46.95
N ILE B 14 -2.55 -4.71 47.26
CA ILE B 14 -2.80 -3.61 48.17
C ILE B 14 -2.85 -2.34 47.34
N VAL B 15 -4.03 -1.69 47.33
CA VAL B 15 -4.26 -0.52 46.53
C VAL B 15 -4.88 0.55 47.43
N LYS B 16 -4.73 1.82 47.03
CA LYS B 16 -5.40 2.91 47.70
C LYS B 16 -6.92 2.65 47.66
N ARG B 17 -7.60 3.03 48.74
CA ARG B 17 -9.06 2.86 48.90
C ARG B 17 -9.77 3.61 47.77
N GLU B 18 -9.41 4.87 47.53
CA GLU B 18 -9.99 5.69 46.49
C GLU B 18 -9.86 4.98 45.13
N HIS B 19 -8.76 4.27 44.88
CA HIS B 19 -8.61 3.51 43.61
C HIS B 19 -9.58 2.32 43.57
N ALA B 20 -9.67 1.57 44.67
CA ALA B 20 -10.56 0.41 44.78
C ALA B 20 -12.01 0.83 44.56
N LEU B 21 -12.36 2.03 45.03
CA LEU B 21 -13.75 2.49 45.05
C LEU B 21 -14.23 2.87 43.65
N THR B 22 -13.44 2.62 42.61
CA THR B 22 -13.96 2.81 41.27
C THR B 22 -14.75 1.56 40.85
N SER B 23 -14.58 0.46 41.58
CA SER B 23 -15.55 -0.63 41.54
C SER B 23 -16.69 -0.38 42.53
N GLY B 24 -17.92 -0.27 42.04
CA GLY B 24 -19.10 -0.17 42.87
C GLY B 24 -19.27 -1.40 43.74
N THR B 25 -19.00 -2.57 43.15
CA THR B 25 -19.08 -3.83 43.80
C THR B 25 -18.15 -3.85 45.01
N ILE B 26 -16.90 -3.46 44.80
CA ILE B 26 -15.90 -3.41 45.88
C ILE B 26 -16.33 -2.36 46.92
N LYS B 27 -16.83 -1.20 46.46
CA LYS B 27 -17.28 -0.17 47.37
C LYS B 27 -18.31 -0.74 48.35
N ALA B 28 -19.18 -1.62 47.85
CA ALA B 28 -20.18 -2.26 48.68
C ALA B 28 -19.55 -3.32 49.58
N MET B 29 -18.60 -4.11 49.04
CA MET B 29 -17.92 -5.14 49.79
C MET B 29 -17.13 -4.51 50.96
N LEU B 30 -16.80 -3.22 50.88
CA LEU B 30 -16.21 -2.47 52.01
C LEU B 30 -17.31 -1.64 52.72
N SER B 31 -17.94 -2.25 53.72
CA SER B 31 -19.02 -1.61 54.51
C SER B 31 -19.29 -2.42 55.79
N GLU B 40 -11.88 -7.40 59.41
CA GLU B 40 -11.05 -7.11 58.25
C GLU B 40 -11.94 -6.53 57.14
N THR B 41 -12.58 -5.39 57.44
CA THR B 41 -13.42 -4.61 56.51
C THR B 41 -12.52 -3.75 55.61
N ASN B 42 -11.22 -4.05 55.62
CA ASN B 42 -10.22 -3.40 54.77
C ASN B 42 -9.53 -4.46 53.90
N GLU B 43 -10.16 -5.64 53.82
CA GLU B 43 -9.68 -6.80 53.10
C GLU B 43 -10.91 -7.39 52.39
N VAL B 44 -10.77 -7.82 51.14
CA VAL B 44 -11.85 -8.45 50.41
C VAL B 44 -11.27 -9.61 49.58
N ASN B 45 -11.99 -10.71 49.58
CA ASN B 45 -11.58 -11.94 48.94
C ASN B 45 -12.38 -12.10 47.65
N PHE B 46 -11.74 -12.57 46.58
CA PHE B 46 -12.39 -12.76 45.30
C PHE B 46 -12.15 -14.20 44.88
N ARG B 47 -13.02 -15.12 45.30
CA ARG B 47 -12.73 -16.53 45.10
C ARG B 47 -12.90 -16.92 43.63
N GLU B 48 -13.31 -16.01 42.76
CA GLU B 48 -13.55 -16.31 41.34
C GLU B 48 -12.62 -15.54 40.38
N ILE B 49 -11.78 -14.64 40.91
CA ILE B 49 -10.94 -13.80 40.07
C ILE B 49 -9.49 -14.19 40.33
N PRO B 50 -8.82 -14.87 39.39
CA PRO B 50 -7.40 -15.20 39.56
C PRO B 50 -6.47 -13.96 39.45
N SER B 51 -5.22 -14.15 39.89
CA SER B 51 -4.26 -13.10 40.09
C SER B 51 -3.92 -12.41 38.77
N HIS B 52 -3.88 -13.18 37.66
CA HIS B 52 -3.52 -12.63 36.36
C HIS B 52 -4.60 -11.66 35.86
N VAL B 53 -5.81 -11.74 36.43
CA VAL B 53 -6.93 -10.87 36.11
C VAL B 53 -7.00 -9.73 37.12
N LEU B 54 -6.87 -10.02 38.41
CA LEU B 54 -7.08 -9.02 39.45
C LEU B 54 -5.94 -7.99 39.39
N SER B 55 -4.75 -8.44 38.98
CA SER B 55 -3.62 -7.53 38.81
C SER B 55 -3.97 -6.50 37.73
N LYS B 56 -4.54 -6.98 36.61
CA LYS B 56 -4.94 -6.08 35.52
C LYS B 56 -6.02 -5.10 35.98
N VAL B 57 -7.00 -5.60 36.75
CA VAL B 57 -8.06 -4.78 37.28
C VAL B 57 -7.44 -3.61 38.05
N CYS B 58 -6.43 -3.91 38.88
CA CYS B 58 -5.80 -2.91 39.74
C CYS B 58 -5.07 -1.89 38.85
N MET B 59 -4.45 -2.37 37.76
CA MET B 59 -3.78 -1.48 36.83
C MET B 59 -4.83 -0.54 36.22
N TYR B 60 -6.05 -1.06 35.99
CA TYR B 60 -7.10 -0.27 35.41
C TYR B 60 -7.51 0.84 36.40
N PHE B 61 -7.59 0.52 37.69
CA PHE B 61 -7.93 1.52 38.67
C PHE B 61 -6.90 2.66 38.61
N THR B 62 -5.61 2.31 38.59
CA THR B 62 -4.57 3.31 38.57
C THR B 62 -4.79 4.21 37.34
N TYR B 63 -5.04 3.55 36.20
CA TYR B 63 -5.26 4.16 34.91
C TYR B 63 -6.44 5.12 34.94
N LYS B 64 -7.56 4.64 35.49
CA LYS B 64 -8.79 5.41 35.57
C LYS B 64 -8.53 6.66 36.39
N VAL B 65 -7.91 6.51 37.55
CA VAL B 65 -7.75 7.64 38.47
C VAL B 65 -6.72 8.64 37.93
N ARG B 66 -5.70 8.17 37.22
CA ARG B 66 -4.72 9.09 36.66
C ARG B 66 -5.36 9.90 35.53
N TYR B 67 -6.12 9.26 34.66
CA TYR B 67 -6.49 9.90 33.38
C TYR B 67 -7.92 10.46 33.36
N THR B 68 -8.75 10.15 34.37
CA THR B 68 -10.09 10.73 34.45
C THR B 68 -9.95 12.23 34.74
N ASN B 69 -10.56 13.06 33.88
CA ASN B 69 -10.58 14.55 33.96
C ASN B 69 -9.21 15.09 33.58
N SER B 70 -8.60 14.51 32.53
CA SER B 70 -7.30 14.97 32.03
C SER B 70 -7.40 15.41 30.56
N SER B 71 -6.77 16.56 30.25
CA SER B 71 -6.73 17.15 28.90
C SER B 71 -5.56 16.57 28.10
N THR B 72 -4.53 16.10 28.81
CA THR B 72 -3.45 15.29 28.23
C THR B 72 -4.09 14.20 27.34
N GLU B 73 -3.39 13.86 26.26
CA GLU B 73 -3.71 12.70 25.44
C GLU B 73 -3.75 11.47 26.37
N ILE B 74 -4.77 10.63 26.17
CA ILE B 74 -5.01 9.49 26.99
C ILE B 74 -4.58 8.26 26.18
N PRO B 75 -3.71 7.39 26.73
CA PRO B 75 -3.28 6.20 26.00
C PRO B 75 -4.32 5.07 26.12
N GLU B 76 -4.23 4.12 25.19
CA GLU B 76 -5.06 2.96 25.17
C GLU B 76 -4.77 2.17 26.44
N PHE B 77 -5.83 1.60 27.05
CA PHE B 77 -5.69 0.60 28.06
C PHE B 77 -5.49 -0.76 27.40
N PRO B 78 -4.31 -1.39 27.52
CA PRO B 78 -4.00 -2.57 26.74
C PRO B 78 -4.52 -3.83 27.43
N ILE B 79 -5.00 -4.77 26.63
CA ILE B 79 -5.52 -6.03 27.10
C ILE B 79 -5.06 -7.12 26.13
N ALA B 80 -4.23 -8.03 26.63
CA ALA B 80 -3.78 -9.14 25.86
C ALA B 80 -4.99 -10.00 25.49
N PRO B 81 -5.03 -10.61 24.29
CA PRO B 81 -6.13 -11.50 23.93
C PRO B 81 -6.39 -12.61 24.97
N GLU B 82 -5.32 -13.08 25.61
CA GLU B 82 -5.35 -14.31 26.45
C GLU B 82 -6.17 -14.08 27.72
N ILE B 83 -6.33 -12.84 28.16
CA ILE B 83 -7.00 -12.55 29.42
C ILE B 83 -8.31 -11.81 29.19
N ALA B 84 -8.63 -11.50 27.93
CA ALA B 84 -9.75 -10.64 27.58
C ALA B 84 -11.05 -11.22 28.11
N LEU B 85 -11.31 -12.50 27.89
CA LEU B 85 -12.55 -13.10 28.34
C LEU B 85 -12.67 -12.98 29.86
N GLU B 86 -11.65 -13.39 30.60
CA GLU B 86 -11.74 -13.38 32.06
C GLU B 86 -11.85 -11.93 32.55
N LEU B 87 -11.09 -11.04 31.95
CA LEU B 87 -11.10 -9.65 32.38
C LEU B 87 -12.49 -9.06 32.16
N LEU B 88 -13.13 -9.45 31.05
CA LEU B 88 -14.51 -9.05 30.74
C LEU B 88 -15.43 -9.47 31.89
N MET B 89 -15.35 -10.75 32.25
CA MET B 89 -16.22 -11.32 33.30
C MET B 89 -15.99 -10.56 34.63
N ALA B 90 -14.72 -10.32 34.96
CA ALA B 90 -14.40 -9.67 36.20
C ALA B 90 -14.91 -8.22 36.16
N ALA B 91 -14.65 -7.52 35.05
CA ALA B 91 -15.09 -6.14 34.89
C ALA B 91 -16.61 -6.06 35.07
N ASN B 92 -17.32 -6.99 34.45
CA ASN B 92 -18.77 -7.02 34.52
C ASN B 92 -19.23 -7.16 35.98
N PHE B 93 -18.63 -8.11 36.73
CA PHE B 93 -19.02 -8.37 38.10
C PHE B 93 -18.72 -7.17 38.99
N LEU B 94 -17.54 -6.59 38.78
CA LEU B 94 -17.02 -5.46 39.58
C LEU B 94 -17.70 -4.14 39.24
N ASP B 95 -18.40 -4.08 38.12
CA ASP B 95 -19.07 -2.84 37.69
C ASP B 95 -18.07 -1.70 37.48
N CYS B 96 -17.08 -1.89 36.62
CA CYS B 96 -16.09 -0.87 36.41
C CYS B 96 -15.60 -0.85 34.97
N PRO C 24 -36.25 17.87 15.48
CA PRO C 24 -35.09 17.10 16.00
C PRO C 24 -34.16 18.01 16.83
N VAL C 25 -33.86 17.58 18.06
CA VAL C 25 -33.31 18.48 19.10
C VAL C 25 -31.80 18.72 18.84
N LEU C 26 -31.05 17.71 18.39
CA LEU C 26 -29.60 17.82 18.15
C LEU C 26 -29.30 18.06 16.67
N ARG C 27 -29.11 19.33 16.31
CA ARG C 27 -28.87 19.66 14.92
C ARG C 27 -27.91 20.85 14.81
N SER C 28 -27.24 20.93 13.67
CA SER C 28 -26.48 22.13 13.32
C SER C 28 -27.47 23.26 13.05
N VAL C 29 -27.11 24.46 13.53
CA VAL C 29 -27.72 25.71 13.10
C VAL C 29 -27.15 26.07 11.71
N ASN C 30 -28.00 26.52 10.78
CA ASN C 30 -27.59 26.94 9.44
C ASN C 30 -27.17 28.41 9.48
N SER C 31 -25.98 28.68 10.01
CA SER C 31 -25.55 30.05 10.36
C SER C 31 -25.00 30.77 9.13
N ARG C 32 -24.43 29.99 8.19
CA ARG C 32 -23.74 30.48 6.99
C ARG C 32 -22.53 31.36 7.36
N GLU C 33 -22.04 31.25 8.61
CA GLU C 33 -20.91 32.03 9.16
C GLU C 33 -19.65 31.17 9.20
N PRO C 34 -18.69 31.33 8.26
CA PRO C 34 -17.55 30.41 8.19
C PRO C 34 -16.76 30.40 9.49
N SER C 35 -16.26 29.21 9.84
CA SER C 35 -15.41 28.99 10.98
C SER C 35 -14.41 27.90 10.62
N GLN C 36 -13.13 28.28 10.71
CA GLN C 36 -12.03 27.40 10.35
C GLN C 36 -11.68 26.59 11.61
N VAL C 37 -11.38 25.29 11.43
CA VAL C 37 -11.18 24.38 12.54
C VAL C 37 -10.07 23.37 12.18
N ILE C 38 -9.29 22.97 13.18
CA ILE C 38 -8.32 21.91 13.01
C ILE C 38 -8.81 20.70 13.82
N PHE C 39 -9.02 19.60 13.10
CA PHE C 39 -9.29 18.32 13.68
C PHE C 39 -7.95 17.61 13.90
N ASN C 41 -6.35 14.36 15.48
CA ASN C 41 -6.53 13.00 15.96
C ASN C 41 -5.37 12.64 16.91
N ARG C 42 -5.56 12.95 18.20
CA ARG C 42 -4.66 12.57 19.27
C ARG C 42 -5.10 11.25 19.91
N SER C 43 -5.45 10.29 19.08
CA SER C 43 -5.91 9.01 19.51
C SER C 43 -5.18 7.96 18.66
N PRO C 44 -5.13 6.69 19.11
CA PRO C 44 -4.58 5.61 18.29
C PRO C 44 -5.58 4.95 17.33
N ARG C 45 -6.76 5.56 17.17
CA ARG C 45 -7.79 5.02 16.29
C ARG C 45 -7.87 5.85 15.02
N VAL C 46 -8.29 5.20 13.93
CA VAL C 46 -8.76 5.86 12.74
C VAL C 46 -10.07 6.57 13.13
N VAL C 47 -10.12 7.89 12.97
CA VAL C 47 -11.23 8.71 13.44
C VAL C 47 -12.17 9.02 12.27
N LEU C 48 -13.46 8.84 12.52
CA LEU C 48 -14.56 9.19 11.64
C LEU C 48 -15.23 10.42 12.22
N PRO C 49 -15.05 11.61 11.61
CA PRO C 49 -15.76 12.81 12.00
C PRO C 49 -17.21 12.72 11.50
N VAL C 50 -18.14 13.21 12.32
CA VAL C 50 -19.55 13.13 12.03
C VAL C 50 -20.17 14.50 12.30
N TRP C 51 -20.81 15.01 11.25
CA TRP C 51 -21.47 16.30 11.27
C TRP C 51 -22.96 16.04 11.40
N LEU C 52 -23.60 16.71 12.35
CA LEU C 52 -25.05 16.64 12.47
C LEU C 52 -25.64 17.71 11.54
N ASN C 53 -26.37 17.24 10.51
CA ASN C 53 -26.95 18.12 9.50
C ASN C 53 -28.11 18.87 10.16
N PHE C 54 -28.79 19.69 9.34
CA PHE C 54 -29.79 20.62 9.80
C PHE C 54 -31.05 19.89 10.27
N ASP C 55 -31.24 18.65 9.82
CA ASP C 55 -32.36 17.77 10.23
C ASP C 55 -31.93 16.91 11.43
N GLY C 56 -30.63 16.94 11.79
CA GLY C 56 -30.10 16.16 12.90
C GLY C 56 -29.57 14.79 12.47
N GLU C 57 -29.51 14.56 11.15
CA GLU C 57 -28.99 13.30 10.63
C GLU C 57 -27.46 13.32 10.71
N PRO C 58 -26.82 12.26 11.24
CA PRO C 58 -25.36 12.19 11.26
C PRO C 58 -24.85 12.06 9.81
N GLN C 59 -23.81 12.83 9.49
CA GLN C 59 -23.21 12.79 8.18
C GLN C 59 -21.72 12.49 8.35
N PRO C 60 -21.24 11.37 7.77
CA PRO C 60 -19.82 11.03 7.83
C PRO C 60 -18.97 11.88 6.87
N TYR C 61 -17.79 12.30 7.36
CA TYR C 61 -16.74 13.04 6.61
C TYR C 61 -15.50 12.17 6.53
N PRO C 62 -14.45 12.54 5.76
CA PRO C 62 -13.26 11.70 5.59
C PRO C 62 -12.54 11.34 6.90
N THR C 63 -11.92 10.15 6.91
CA THR C 63 -11.31 9.60 8.10
C THR C 63 -9.92 10.20 8.29
N LEU C 64 -9.53 10.37 9.56
CA LEU C 64 -8.22 10.78 9.96
C LEU C 64 -7.46 9.57 10.49
N PRO C 65 -6.37 9.10 9.85
CA PRO C 65 -5.54 8.06 10.47
C PRO C 65 -4.95 8.54 11.81
N PRO C 66 -4.51 7.61 12.67
CA PRO C 66 -3.96 7.98 13.98
C PRO C 66 -2.80 8.98 13.85
N GLY C 67 -2.82 10.01 14.71
CA GLY C 67 -1.71 10.97 14.80
C GLY C 67 -1.83 12.18 13.86
N THR C 68 -2.82 12.18 12.96
CA THR C 68 -2.89 13.14 11.87
C THR C 68 -3.90 14.25 12.18
N GLY C 69 -3.84 15.30 11.37
CA GLY C 69 -4.74 16.45 11.47
C GLY C 69 -5.26 16.86 10.11
N ARG C 70 -6.37 17.60 10.12
CA ARG C 70 -6.90 18.22 8.90
C ARG C 70 -7.43 19.62 9.27
N ARG C 71 -7.12 20.62 8.40
CA ARG C 71 -7.75 21.91 8.48
C ARG C 71 -9.07 21.83 7.71
N ILE C 72 -10.14 22.29 8.37
CA ILE C 72 -11.55 22.05 8.06
C ILE C 72 -12.24 23.41 7.99
N HIS C 73 -13.03 23.62 6.93
CA HIS C 73 -13.95 24.73 6.81
C HIS C 73 -15.33 24.24 7.26
N SER C 74 -15.79 24.79 8.40
CA SER C 74 -17.10 24.56 8.92
C SER C 74 -17.76 25.92 9.19
N TYR C 75 -18.77 25.95 10.05
CA TYR C 75 -19.57 27.16 10.27
C TYR C 75 -19.95 27.21 11.74
N ARG C 76 -20.14 28.42 12.28
CA ARG C 76 -20.50 28.56 13.68
C ARG C 76 -21.85 27.86 13.89
N GLY C 77 -22.00 27.22 15.06
CA GLY C 77 -23.25 26.55 15.43
C GLY C 77 -23.43 25.17 14.79
N HIS C 78 -22.45 24.71 14.01
CA HIS C 78 -22.45 23.33 13.50
C HIS C 78 -21.98 22.35 14.59
N LEU C 79 -22.57 21.15 14.59
CA LEU C 79 -22.31 20.14 15.62
C LEU C 79 -21.50 19.01 14.98
N TRP C 80 -20.42 18.61 15.66
CA TRP C 80 -19.61 17.50 15.27
C TRP C 80 -19.43 16.54 16.46
N LEU C 81 -19.30 15.26 16.14
CA LEU C 81 -18.83 14.28 17.10
C LEU C 81 -17.90 13.36 16.33
N PHE C 82 -17.24 12.44 17.03
CA PHE C 82 -16.11 11.68 16.50
C PHE C 82 -16.18 10.26 17.04
N ARG C 83 -15.84 9.30 16.16
CA ARG C 83 -16.00 7.91 16.46
C ARG C 83 -14.83 7.14 15.83
N ASP C 84 -14.48 5.98 16.40
CA ASP C 84 -13.61 5.02 15.72
C ASP C 84 -14.28 4.60 14.42
N ALA C 85 -13.58 4.74 13.29
CA ALA C 85 -14.16 4.53 11.95
C ALA C 85 -14.44 3.05 11.69
N GLY C 86 -13.78 2.16 12.42
CA GLY C 86 -13.92 0.73 12.18
C GLY C 86 -14.97 0.09 13.08
N THR C 87 -15.05 0.54 14.34
CA THR C 87 -15.87 -0.10 15.39
C THR C 87 -16.98 0.84 15.88
N HIS C 88 -16.91 2.13 15.55
CA HIS C 88 -17.89 3.16 15.99
C HIS C 88 -17.78 3.47 17.48
N ASP C 89 -16.72 3.01 18.18
CA ASP C 89 -16.51 3.35 19.60
C ASP C 89 -16.53 4.88 19.74
N GLY C 90 -17.10 5.39 20.83
CA GLY C 90 -17.16 6.81 21.16
C GLY C 90 -15.78 7.39 21.44
N LEU C 91 -15.49 8.59 20.89
CA LEU C 91 -14.32 9.36 21.17
C LEU C 91 -14.74 10.69 21.77
N LEU C 92 -13.82 11.34 22.46
CA LEU C 92 -14.07 12.67 23.01
C LEU C 92 -13.45 13.71 22.07
N VAL C 93 -13.89 14.95 22.25
CA VAL C 93 -13.35 16.05 21.53
C VAL C 93 -13.34 17.23 22.49
N ASN C 94 -12.15 17.81 22.70
CA ASN C 94 -11.92 18.78 23.74
C ASN C 94 -12.62 18.28 25.02
N GLN C 95 -12.39 17.00 25.33
CA GLN C 95 -12.79 16.35 26.59
C GLN C 95 -14.33 16.23 26.74
N THR C 96 -15.09 16.38 25.65
CA THR C 96 -16.52 16.29 25.73
C THR C 96 -17.05 15.59 24.47
N GLU C 97 -18.39 15.51 24.39
CA GLU C 97 -19.10 14.64 23.45
C GLU C 97 -19.23 15.31 22.07
N LEU C 98 -19.56 16.59 22.13
CA LEU C 98 -19.86 17.40 20.95
C LEU C 98 -18.89 18.57 20.85
N PHE C 99 -18.49 18.85 19.60
CA PHE C 99 -17.73 20.01 19.24
C PHE C 99 -18.57 20.96 18.37
N VAL C 100 -18.59 22.23 18.81
CA VAL C 100 -19.31 23.32 18.13
C VAL C 100 -18.31 24.40 17.77
N PRO C 101 -17.97 24.58 16.47
CA PRO C 101 -17.08 25.67 16.05
C PRO C 101 -17.60 27.01 16.60
N SER C 102 -16.68 27.78 17.17
CA SER C 102 -16.96 29.15 17.63
C SER C 102 -16.38 30.16 16.62
N LEU C 103 -16.53 31.45 16.94
CA LEU C 103 -15.94 32.56 16.15
C LEU C 103 -14.40 32.46 16.21
N ASN C 104 -13.75 32.61 15.04
CA ASN C 104 -12.29 32.72 14.93
C ASN C 104 -11.84 34.13 15.36
N GLN C 108 -7.45 32.97 13.78
CA GLN C 108 -6.97 31.77 14.46
C GLN C 108 -7.97 30.61 14.29
N PRO C 109 -7.56 29.48 13.66
CA PRO C 109 -8.35 28.25 13.70
C PRO C 109 -8.59 27.78 15.14
N ILE C 110 -9.76 27.19 15.38
CA ILE C 110 -10.11 26.56 16.65
C ILE C 110 -9.60 25.12 16.62
N PHE C 111 -9.06 24.67 17.74
CA PHE C 111 -8.58 23.33 17.90
C PHE C 111 -9.71 22.40 18.37
N ALA C 112 -9.81 21.26 17.70
CA ALA C 112 -10.62 20.16 18.12
C ALA C 112 -9.70 18.96 18.36
N ASN C 113 -9.36 18.73 19.63
CA ASN C 113 -8.50 17.66 20.04
C ASN C 113 -9.37 16.42 20.29
N ILE C 114 -9.20 15.44 19.42
CA ILE C 114 -9.92 14.20 19.46
C ILE C 114 -9.06 13.21 20.23
N THR C 115 -9.63 12.64 21.30
CA THR C 115 -8.89 11.75 22.23
C THR C 115 -9.71 10.53 22.60
N LEU C 116 -9.04 9.49 23.10
CA LEU C 116 -9.80 8.38 23.74
C LEU C 116 -10.45 8.94 24.98
N PRO C 117 -11.68 8.50 25.29
CA PRO C 117 -12.25 8.62 26.63
C PRO C 117 -11.56 7.59 27.53
N VAL C 118 -11.74 7.73 28.82
CA VAL C 118 -11.44 6.64 29.72
C VAL C 118 -12.64 5.71 29.66
N TYR C 119 -12.58 4.71 28.79
CA TYR C 119 -13.65 3.74 28.74
C TYR C 119 -13.69 3.04 30.10
N THR C 120 -14.87 2.55 30.47
CA THR C 120 -15.01 1.57 31.50
C THR C 120 -14.19 0.35 31.08
N LEU C 121 -13.71 -0.39 32.09
CA LEU C 121 -13.00 -1.63 31.81
C LEU C 121 -13.95 -2.59 31.10
N LYS C 122 -15.21 -2.63 31.50
CA LYS C 122 -16.16 -3.54 30.82
C LYS C 122 -16.19 -3.23 29.32
N GLU C 123 -16.37 -1.94 28.97
CA GLU C 123 -16.51 -1.58 27.60
C GLU C 123 -15.21 -1.83 26.82
N ARG C 124 -14.06 -1.64 27.47
CA ARG C 124 -12.79 -1.83 26.79
C ARG C 124 -12.61 -3.32 26.49
N CYS C 125 -12.94 -4.17 27.47
CA CYS C 125 -12.91 -5.59 27.27
C CYS C 125 -13.84 -5.98 26.11
N LEU C 126 -15.06 -5.42 26.09
CA LEU C 126 -15.96 -5.72 24.99
C LEU C 126 -15.29 -5.39 23.64
N GLN C 127 -14.63 -4.22 23.56
CA GLN C 127 -14.01 -3.73 22.32
C GLN C 127 -12.97 -4.76 21.84
N VAL C 128 -12.18 -5.29 22.75
CA VAL C 128 -11.09 -6.19 22.42
C VAL C 128 -11.67 -7.53 21.98
N VAL C 129 -12.67 -8.01 22.71
CA VAL C 129 -13.31 -9.28 22.37
C VAL C 129 -13.97 -9.14 20.99
N ARG C 130 -14.73 -8.05 20.78
CA ARG C 130 -15.38 -7.78 19.46
C ARG C 130 -14.32 -7.85 18.37
N SER C 131 -13.15 -7.25 18.62
CA SER C 131 -12.07 -7.11 17.62
C SER C 131 -11.40 -8.45 17.33
N LEU C 132 -11.66 -9.49 18.13
CA LEU C 132 -10.96 -10.78 18.01
C LEU C 132 -11.90 -11.91 17.56
N VAL C 133 -13.21 -11.68 17.63
CA VAL C 133 -14.17 -12.74 17.35
C VAL C 133 -15.17 -12.24 16.31
N LYS C 134 -15.36 -13.05 15.26
CA LYS C 134 -16.33 -12.76 14.22
C LYS C 134 -17.71 -12.78 14.87
N PRO C 135 -18.60 -11.80 14.57
CA PRO C 135 -19.92 -11.72 15.21
C PRO C 135 -20.75 -13.02 15.22
N GLU C 136 -20.53 -13.93 14.25
CA GLU C 136 -21.29 -15.19 14.19
C GLU C 136 -20.75 -16.21 15.20
N ASN C 137 -19.62 -15.91 15.86
CA ASN C 137 -18.94 -16.83 16.78
C ASN C 137 -19.07 -16.34 18.24
N TYR C 138 -19.69 -15.18 18.47
CA TYR C 138 -19.90 -14.68 19.84
C TYR C 138 -20.59 -15.78 20.67
N ARG C 139 -21.54 -16.49 20.03
CA ARG C 139 -22.40 -17.49 20.68
C ARG C 139 -21.61 -18.72 21.12
N ARG C 140 -20.38 -18.86 20.62
CA ARG C 140 -19.51 -20.01 20.93
C ARG C 140 -18.51 -19.67 22.05
N LEU C 141 -18.58 -18.46 22.59
CA LEU C 141 -17.76 -18.08 23.76
C LEU C 141 -18.43 -18.64 25.01
N ASP C 142 -17.60 -19.22 25.89
CA ASP C 142 -18.06 -19.76 27.15
C ASP C 142 -18.27 -18.61 28.15
N ILE C 143 -19.36 -17.86 27.96
CA ILE C 143 -19.69 -16.71 28.79
C ILE C 143 -21.19 -16.73 29.07
N VAL C 144 -21.57 -16.03 30.13
CA VAL C 144 -22.95 -15.94 30.53
C VAL C 144 -23.73 -15.24 29.41
N ARG C 145 -25.02 -15.56 29.29
CA ARG C 145 -25.87 -15.08 28.20
C ARG C 145 -25.77 -13.56 28.09
N SER C 146 -25.86 -12.85 29.22
CA SER C 146 -26.00 -11.38 29.21
C SER C 146 -24.77 -10.71 28.60
N LEU C 147 -23.62 -11.41 28.61
CA LEU C 147 -22.42 -10.89 27.98
C LEU C 147 -22.46 -11.11 26.47
N TYR C 148 -23.08 -12.20 25.97
CA TYR C 148 -23.28 -12.35 24.52
C TYR C 148 -23.99 -11.09 24.01
N GLU C 149 -25.04 -10.69 24.74
CA GLU C 149 -25.92 -9.65 24.29
C GLU C 149 -25.17 -8.31 24.32
N ASP C 150 -24.38 -8.09 25.39
CA ASP C 150 -23.55 -6.91 25.58
C ASP C 150 -22.56 -6.75 24.41
N LEU C 151 -21.99 -7.88 23.95
CA LEU C 151 -21.10 -7.95 22.78
C LEU C 151 -21.85 -7.53 21.51
N GLU C 152 -23.08 -8.04 21.34
CA GLU C 152 -23.86 -7.87 20.12
C GLU C 152 -24.28 -6.42 19.97
N ASP C 153 -24.52 -5.75 21.09
CA ASP C 153 -25.03 -4.38 21.17
C ASP C 153 -23.88 -3.40 20.83
N HIS C 154 -23.43 -3.43 19.56
N HIS C 154 -23.45 -3.42 19.56
CA HIS C 154 -22.31 -2.65 19.07
CA HIS C 154 -22.29 -2.66 19.11
C HIS C 154 -22.58 -1.16 19.32
C HIS C 154 -22.58 -1.16 19.31
N PRO C 155 -21.54 -0.34 19.55
CA PRO C 155 -21.73 1.10 19.64
C PRO C 155 -22.34 1.58 18.32
N ASN C 156 -23.20 2.57 18.44
CA ASN C 156 -24.07 2.95 17.38
C ASN C 156 -24.36 4.46 17.53
N VAL C 157 -24.13 5.22 16.45
CA VAL C 157 -24.26 6.68 16.53
C VAL C 157 -25.72 7.08 16.78
N GLN C 158 -26.65 6.49 16.01
CA GLN C 158 -28.05 6.94 16.09
C GLN C 158 -28.54 6.69 17.54
N LYS C 159 -28.12 5.57 18.15
CA LYS C 159 -28.45 5.27 19.56
C LYS C 159 -27.89 6.35 20.50
N ASP C 160 -26.58 6.64 20.39
CA ASP C 160 -25.93 7.68 21.20
C ASP C 160 -26.72 8.99 21.10
N LEU C 161 -27.18 9.32 19.88
CA LEU C 161 -27.92 10.56 19.63
C LEU C 161 -29.30 10.51 20.29
N GLU C 162 -29.96 9.36 20.31
CA GLU C 162 -31.23 9.21 21.06
C GLU C 162 -30.95 9.39 22.56
N ARG C 163 -29.84 8.81 23.05
CA ARG C 163 -29.37 8.95 24.45
C ARG C 163 -29.21 10.45 24.79
N LEU C 164 -28.40 11.15 23.99
CA LEU C 164 -28.06 12.56 24.23
C LEU C 164 -29.31 13.45 24.16
N THR C 165 -30.23 13.11 23.23
CA THR C 165 -31.48 13.86 23.01
C THR C 165 -32.36 13.80 24.26
N GLN C 166 -32.41 12.62 24.92
CA GLN C 166 -33.30 12.42 26.08
C GLN C 166 -32.73 13.11 27.34
N GLU C 167 -31.40 13.21 27.42
CA GLU C 167 -30.68 13.88 28.51
C GLU C 167 -31.06 15.36 28.60
N ARG C 168 -31.34 16.02 27.46
CA ARG C 168 -31.97 17.37 27.44
C ARG C 168 -33.40 17.22 28.00
N MET D 1 5.72 -20.19 5.84
CA MET D 1 5.23 -21.29 5.00
C MET D 1 4.93 -22.53 5.86
N ASP D 2 3.69 -23.01 5.77
CA ASP D 2 3.24 -24.12 6.58
C ASP D 2 3.66 -25.41 5.89
N VAL D 3 3.99 -26.40 6.73
CA VAL D 3 4.37 -27.73 6.34
C VAL D 3 3.46 -28.68 7.12
N PHE D 4 3.00 -29.76 6.49
CA PHE D 4 1.96 -30.63 7.04
C PHE D 4 2.56 -32.02 7.27
N LEU D 5 2.38 -32.56 8.49
CA LEU D 5 3.13 -33.71 8.96
C LEU D 5 2.21 -34.79 9.51
N MET D 6 2.68 -36.03 9.40
CA MET D 6 2.28 -37.12 10.28
C MET D 6 3.49 -37.50 11.16
N ILE D 7 3.38 -37.36 12.47
CA ILE D 7 4.40 -37.81 13.39
C ILE D 7 4.03 -39.21 13.86
N ARG D 8 4.85 -40.20 13.57
CA ARG D 8 4.44 -41.58 13.65
C ARG D 8 5.39 -42.40 14.52
N ARG D 9 4.80 -43.17 15.43
CA ARG D 9 5.52 -44.10 16.29
C ARG D 9 4.63 -45.32 16.49
N HIS D 10 5.19 -46.51 16.23
CA HIS D 10 4.50 -47.78 16.45
C HIS D 10 3.15 -47.72 15.71
N LYS D 11 2.05 -47.68 16.46
CA LYS D 11 0.69 -47.65 15.92
C LYS D 11 0.04 -46.28 16.14
N THR D 12 0.83 -45.28 16.59
CA THR D 12 0.35 -43.94 16.86
C THR D 12 0.76 -43.03 15.69
N THR D 13 -0.12 -42.08 15.33
CA THR D 13 0.11 -41.10 14.27
C THR D 13 -0.54 -39.75 14.62
N ILE D 14 0.27 -38.70 14.72
CA ILE D 14 -0.21 -37.35 14.98
C ILE D 14 -0.24 -36.58 13.66
N PHE D 15 -1.38 -35.97 13.33
CA PHE D 15 -1.48 -35.01 12.21
C PHE D 15 -1.36 -33.59 12.77
N THR D 16 -0.32 -32.87 12.37
CA THR D 16 -0.22 -31.46 12.73
C THR D 16 0.59 -30.75 11.65
N ASP D 17 0.57 -29.42 11.73
CA ASP D 17 1.34 -28.55 10.89
C ASP D 17 2.39 -27.81 11.75
N ALA D 18 3.41 -27.24 11.08
CA ALA D 18 4.41 -26.35 11.67
C ALA D 18 4.92 -25.40 10.60
N LYS D 19 5.71 -24.40 10.99
CA LYS D 19 6.38 -23.54 10.00
C LYS D 19 7.64 -24.26 9.48
N GLU D 20 7.94 -24.04 8.21
CA GLU D 20 9.14 -24.56 7.59
C GLU D 20 10.37 -24.04 8.35
N SER D 21 10.28 -22.82 8.92
CA SER D 21 11.42 -22.19 9.59
C SER D 21 11.48 -22.59 11.07
N SER D 22 10.46 -23.30 11.58
CA SER D 22 10.46 -23.85 12.94
C SER D 22 11.46 -25.01 13.05
N THR D 23 11.83 -25.39 14.27
CA THR D 23 12.97 -26.27 14.52
C THR D 23 12.50 -27.66 14.96
N VAL D 24 13.38 -28.65 14.77
CA VAL D 24 13.16 -29.98 15.27
C VAL D 24 12.86 -29.95 16.78
N PHE D 25 13.60 -29.12 17.53
CA PHE D 25 13.32 -29.01 18.97
C PHE D 25 11.88 -28.52 19.21
N GLU D 26 11.46 -27.49 18.47
CA GLU D 26 10.11 -26.88 18.62
C GLU D 26 9.03 -27.94 18.34
N LEU D 27 9.33 -28.92 17.49
CA LEU D 27 8.38 -29.97 17.13
C LEU D 27 8.27 -30.95 18.29
N LYS D 28 9.41 -31.23 18.93
CA LYS D 28 9.44 -32.12 20.07
C LYS D 28 8.56 -31.53 21.20
N ARG D 29 8.54 -30.18 21.32
CA ARG D 29 7.65 -29.46 22.25
C ARG D 29 6.18 -29.75 21.93
N ILE D 30 5.83 -29.77 20.62
CA ILE D 30 4.49 -30.07 20.18
C ILE D 30 4.16 -31.50 20.59
N VAL D 31 5.06 -32.45 20.30
CA VAL D 31 4.86 -33.85 20.68
C VAL D 31 4.72 -33.98 22.21
N GLU D 32 5.49 -33.19 22.95
CA GLU D 32 5.46 -33.21 24.40
C GLU D 32 4.06 -32.82 24.89
N GLY D 33 3.53 -31.72 24.35
CA GLY D 33 2.19 -31.24 24.66
C GLY D 33 1.16 -32.34 24.54
N ILE D 34 1.34 -33.21 23.54
CA ILE D 34 0.32 -34.18 23.14
C ILE D 34 0.54 -35.50 23.91
N LEU D 35 1.77 -36.03 23.87
CA LEU D 35 2.00 -37.42 24.31
C LEU D 35 2.65 -37.49 25.70
N LYS D 36 2.94 -36.32 26.30
CA LYS D 36 3.39 -36.17 27.69
C LYS D 36 4.75 -36.85 27.90
N ARG D 37 5.65 -36.67 26.93
CA ARG D 37 7.03 -37.13 27.01
C ARG D 37 7.91 -35.97 26.61
N PRO D 38 8.98 -35.65 27.39
CA PRO D 38 9.76 -34.43 27.13
C PRO D 38 10.80 -34.60 26.01
N PRO D 39 11.22 -33.49 25.36
CA PRO D 39 12.18 -33.54 24.25
C PRO D 39 13.37 -34.50 24.38
N ASP D 40 14.02 -34.56 25.56
CA ASP D 40 15.22 -35.37 25.76
C ASP D 40 14.88 -36.88 25.76
N GLU D 41 13.59 -37.22 25.77
CA GLU D 41 13.15 -38.62 25.70
C GLU D 41 12.65 -38.97 24.28
N GLN D 42 12.67 -38.00 23.36
CA GLN D 42 12.20 -38.19 21.99
C GLN D 42 13.39 -38.17 21.02
N ARG D 43 13.37 -39.09 20.04
CA ARG D 43 14.17 -38.96 18.82
C ARG D 43 13.20 -38.82 17.65
N LEU D 44 13.45 -37.81 16.79
CA LEU D 44 12.70 -37.59 15.58
C LEU D 44 13.56 -37.97 14.37
N TYR D 45 12.93 -38.59 13.36
CA TYR D 45 13.62 -39.09 12.17
C TYR D 45 12.90 -38.63 10.88
N LYS D 46 13.68 -38.44 9.82
CA LYS D 46 13.16 -38.48 8.47
C LYS D 46 13.75 -39.71 7.78
N ASP D 47 12.88 -40.67 7.47
CA ASP D 47 13.29 -41.99 7.04
C ASP D 47 14.10 -42.62 8.19
N ASP D 48 15.34 -43.03 7.93
CA ASP D 48 16.16 -43.69 8.95
C ASP D 48 17.14 -42.69 9.56
N GLN D 49 17.11 -41.43 9.12
CA GLN D 49 18.07 -40.44 9.53
C GLN D 49 17.58 -39.68 10.77
N LEU D 50 18.41 -39.65 11.80
CA LEU D 50 18.14 -38.91 13.04
C LEU D 50 18.26 -37.40 12.75
N LEU D 51 17.32 -36.61 13.28
CA LEU D 51 17.29 -35.16 13.02
C LEU D 51 17.84 -34.40 14.22
N ASP D 52 18.67 -33.37 13.96
CA ASP D 52 19.28 -32.54 14.99
C ASP D 52 18.29 -31.47 15.48
N ASP D 53 18.25 -31.28 16.80
CA ASP D 53 17.32 -30.38 17.50
C ASP D 53 17.36 -28.96 16.90
N GLY D 54 18.55 -28.47 16.51
CA GLY D 54 18.76 -27.08 16.11
C GLY D 54 18.45 -26.80 14.64
N LYS D 55 18.10 -27.84 13.86
CA LYS D 55 17.86 -27.71 12.43
C LYS D 55 16.40 -27.34 12.17
N THR D 56 16.15 -26.51 11.15
CA THR D 56 14.78 -26.21 10.78
C THR D 56 14.20 -27.40 10.01
N LEU D 57 12.86 -27.45 9.96
CA LEU D 57 12.15 -28.48 9.28
C LEU D 57 12.53 -28.42 7.80
N GLY D 58 12.67 -27.19 7.27
CA GLY D 58 13.12 -26.93 5.88
C GLY D 58 14.47 -27.57 5.59
N GLU D 59 15.43 -27.31 6.50
CA GLU D 59 16.75 -27.88 6.42
C GLU D 59 16.69 -29.42 6.50
N CYS D 60 15.70 -29.96 7.20
CA CYS D 60 15.52 -31.39 7.37
C CYS D 60 14.74 -32.03 6.21
N GLY D 61 14.25 -31.22 5.26
CA GLY D 61 13.66 -31.77 4.04
C GLY D 61 12.13 -31.74 4.02
N PHE D 62 11.52 -31.08 5.03
CA PHE D 62 10.08 -30.83 5.04
C PHE D 62 9.84 -29.43 4.49
N THR D 63 9.15 -29.34 3.35
CA THR D 63 8.90 -28.09 2.62
C THR D 63 7.46 -28.12 2.14
N SER D 64 6.96 -26.99 1.62
CA SER D 64 5.60 -26.95 1.18
C SER D 64 5.43 -27.92 0.02
N GLN D 65 6.50 -28.16 -0.73
CA GLN D 65 6.42 -29.05 -1.86
C GLN D 65 6.29 -30.51 -1.41
N THR D 66 6.88 -30.91 -0.28
CA THR D 66 6.95 -32.33 0.10
C THR D 66 6.05 -32.66 1.29
N ALA D 67 5.39 -31.66 1.86
CA ALA D 67 4.68 -31.83 3.11
C ALA D 67 3.36 -31.07 3.00
N ARG D 68 2.47 -31.62 2.17
CA ARG D 68 1.28 -30.95 1.74
C ARG D 68 0.10 -31.42 2.59
N PRO D 69 -0.95 -30.59 2.72
CA PRO D 69 -2.11 -30.95 3.54
C PRO D 69 -2.68 -32.33 3.15
N GLN D 70 -2.94 -32.53 1.86
CA GLN D 70 -3.53 -33.75 1.35
C GLN D 70 -2.51 -34.87 1.17
N ALA D 71 -1.24 -34.64 1.54
CA ALA D 71 -0.17 -35.64 1.36
C ALA D 71 0.97 -35.27 2.30
N PRO D 72 0.77 -35.43 3.62
CA PRO D 72 1.75 -34.96 4.60
C PRO D 72 3.02 -35.82 4.64
N ALA D 73 4.12 -35.21 5.05
CA ALA D 73 5.39 -35.87 5.19
C ALA D 73 5.43 -36.55 6.57
N THR D 74 6.12 -37.69 6.62
CA THR D 74 6.18 -38.50 7.79
C THR D 74 7.44 -38.13 8.58
N VAL D 75 7.25 -37.95 9.89
CA VAL D 75 8.34 -37.86 10.84
C VAL D 75 8.30 -39.09 11.74
N GLY D 76 9.41 -39.82 11.82
CA GLY D 76 9.56 -40.95 12.76
C GLY D 76 9.80 -40.45 14.18
N LEU D 77 9.23 -41.16 15.16
CA LEU D 77 9.36 -40.81 16.56
C LEU D 77 9.74 -42.08 17.31
N ALA D 78 10.69 -41.93 18.24
CA ALA D 78 11.17 -43.02 19.05
C ALA D 78 11.33 -42.49 20.48
N PHE D 79 10.87 -43.29 21.44
CA PHE D 79 10.89 -42.93 22.87
C PHE D 79 12.07 -43.63 23.57
N ARG D 80 12.59 -42.95 24.60
CA ARG D 80 13.54 -43.51 25.53
C ARG D 80 12.76 -44.12 26.70
N ALA D 81 13.00 -45.41 26.97
CA ALA D 81 12.57 -46.05 28.25
C ALA D 81 13.65 -45.90 29.36
N ASP D 82 13.84 -44.64 29.76
CA ASP D 82 14.84 -44.14 30.74
C ASP D 82 16.30 -44.48 30.37
N ASP D 83 16.63 -45.75 30.09
CA ASP D 83 18.01 -46.21 29.91
C ASP D 83 18.51 -45.79 28.52
N THR D 84 17.92 -46.40 27.49
CA THR D 84 18.32 -46.21 26.09
C THR D 84 17.05 -46.07 25.22
N PHE D 85 17.25 -45.47 24.04
CA PHE D 85 16.19 -45.29 23.02
C PHE D 85 15.88 -46.64 22.38
N GLU D 86 14.58 -46.88 22.19
CA GLU D 86 14.09 -47.99 21.39
C GLU D 86 14.47 -47.71 19.94
N ALA D 87 14.53 -48.78 19.14
CA ALA D 87 14.63 -48.68 17.70
C ALA D 87 13.39 -47.95 17.15
N LEU D 88 13.58 -47.24 16.03
CA LEU D 88 12.49 -46.63 15.33
C LEU D 88 11.65 -47.76 14.75
N CYS D 89 10.40 -47.84 15.19
CA CYS D 89 9.47 -48.78 14.62
C CYS D 89 8.17 -48.05 14.26
N ILE D 90 7.75 -48.24 13.01
CA ILE D 90 6.50 -47.68 12.52
C ILE D 90 5.70 -48.82 11.89
N GLU D 91 4.60 -49.18 12.56
CA GLU D 91 3.71 -50.22 12.11
C GLU D 91 3.03 -49.73 10.84
N PRO D 92 3.05 -50.48 9.72
CA PRO D 92 2.40 -50.02 8.51
C PRO D 92 0.89 -49.95 8.76
N PHE D 93 0.19 -49.19 7.92
CA PHE D 93 -1.24 -49.20 7.92
C PHE D 93 -1.70 -50.54 7.33
N SER D 94 -2.97 -50.88 7.51
CA SER D 94 -3.51 -52.11 6.88
C SER D 94 -3.42 -51.97 5.36
N SER D 95 -3.39 -53.12 4.67
CA SER D 95 -3.34 -53.17 3.23
C SER D 95 -4.75 -53.01 2.69
N PRO D 96 -4.92 -52.25 1.60
CA PRO D 96 -6.20 -52.29 0.87
C PRO D 96 -6.43 -53.66 0.25
N PRO D 97 -7.70 -54.04 -0.01
CA PRO D 97 -8.01 -55.29 -0.70
C PRO D 97 -7.57 -55.17 -2.16
N GLU D 98 -7.44 -56.31 -2.84
CA GLU D 98 -7.16 -56.29 -4.24
C GLU D 98 -8.27 -55.48 -4.93
N LEU D 99 -7.88 -54.76 -5.98
CA LEU D 99 -8.77 -53.93 -6.76
C LEU D 99 -9.89 -54.76 -7.37
N PRO D 100 -11.18 -54.44 -7.10
CA PRO D 100 -12.31 -55.14 -7.72
C PRO D 100 -12.26 -55.17 -9.26
N ASP D 101 -12.74 -56.28 -9.85
CA ASP D 101 -12.41 -56.68 -11.23
C ASP D 101 -12.62 -55.50 -12.19
N VAL D 102 -13.75 -54.79 -12.03
CA VAL D 102 -14.19 -53.81 -13.04
C VAL D 102 -13.45 -52.46 -12.83
N MET D 103 -12.31 -52.49 -12.12
CA MET D 103 -11.41 -51.34 -11.88
C MET D 103 -9.98 -51.70 -12.30
N MET E 1 -7.51 -29.47 22.71
CA MET E 1 -7.42 -29.13 21.29
C MET E 1 -7.31 -30.40 20.44
N TYR E 2 -6.81 -31.54 20.95
CA TYR E 2 -6.58 -32.75 20.10
C TYR E 2 -7.50 -33.89 20.55
N VAL E 3 -7.89 -34.73 19.58
CA VAL E 3 -8.75 -35.85 19.83
C VAL E 3 -8.12 -37.07 19.16
N LYS E 4 -8.55 -38.26 19.56
CA LYS E 4 -7.98 -39.52 19.08
C LYS E 4 -9.07 -40.29 18.33
N LEU E 5 -8.73 -40.76 17.13
CA LEU E 5 -9.61 -41.57 16.33
C LEU E 5 -8.89 -42.91 16.09
N ILE E 6 -9.52 -44.02 16.48
CA ILE E 6 -8.88 -45.33 16.49
C ILE E 6 -9.51 -46.21 15.41
N SER E 7 -8.66 -46.81 14.58
CA SER E 7 -9.11 -47.58 13.46
C SER E 7 -9.50 -48.98 13.94
N SER E 8 -10.07 -49.75 13.01
CA SER E 8 -10.50 -51.12 13.24
C SER E 8 -9.30 -51.98 13.62
N ASP E 9 -8.15 -51.75 12.98
CA ASP E 9 -6.92 -52.53 13.19
C ASP E 9 -6.05 -51.90 14.29
N GLY E 10 -6.61 -50.99 15.10
CA GLY E 10 -6.01 -50.49 16.34
C GLY E 10 -5.14 -49.24 16.20
N HIS E 11 -4.90 -48.75 14.97
CA HIS E 11 -4.07 -47.53 14.81
C HIS E 11 -4.76 -46.33 15.48
N GLU E 12 -3.98 -45.48 16.16
CA GLU E 12 -4.49 -44.31 16.86
C GLU E 12 -4.05 -43.05 16.11
N PHE E 13 -5.02 -42.31 15.56
CA PHE E 13 -4.81 -41.07 14.85
C PHE E 13 -5.21 -39.89 15.76
N ILE E 14 -4.25 -38.99 16.00
CA ILE E 14 -4.49 -37.84 16.87
C ILE E 14 -4.52 -36.59 16.00
N VAL E 15 -5.68 -35.91 15.99
CA VAL E 15 -5.92 -34.77 15.12
C VAL E 15 -6.52 -33.66 15.96
N LYS E 16 -6.36 -32.40 15.51
CA LYS E 16 -7.02 -31.28 16.11
C LYS E 16 -8.54 -31.53 16.14
N ARG E 17 -9.20 -31.08 17.21
CA ARG E 17 -10.64 -31.22 17.42
C ARG E 17 -11.39 -30.55 16.26
N GLU E 18 -11.01 -29.29 15.96
CA GLU E 18 -11.64 -28.54 14.91
C GLU E 18 -11.53 -29.30 13.57
N HIS E 19 -10.44 -30.04 13.33
CA HIS E 19 -10.32 -30.88 12.10
C HIS E 19 -11.33 -32.04 12.14
N ALA E 20 -11.39 -32.74 13.26
CA ALA E 20 -12.28 -33.88 13.43
C ALA E 20 -13.75 -33.45 13.23
N LEU E 21 -14.08 -32.22 13.65
CA LEU E 21 -15.44 -31.75 13.67
C LEU E 21 -15.95 -31.42 12.27
N THR E 22 -15.19 -31.74 11.22
CA THR E 22 -15.75 -31.60 9.88
C THR E 22 -16.58 -32.85 9.55
N SER E 23 -16.41 -33.91 10.34
CA SER E 23 -17.38 -35.00 10.35
C SER E 23 -18.50 -34.69 11.35
N GLY E 24 -19.73 -34.59 10.86
CA GLY E 24 -20.91 -34.47 11.74
C GLY E 24 -21.06 -35.69 12.63
N THR E 25 -20.82 -36.87 12.03
CA THR E 25 -20.89 -38.12 12.71
C THR E 25 -19.93 -38.12 13.91
N ILE E 26 -18.68 -37.73 13.67
CA ILE E 26 -17.66 -37.67 14.72
C ILE E 26 -18.07 -36.62 15.76
N LYS E 27 -18.58 -35.47 15.31
CA LYS E 27 -19.00 -34.41 16.23
C LYS E 27 -20.01 -34.98 17.22
N ALA E 28 -20.90 -35.87 16.75
CA ALA E 28 -21.88 -36.51 17.61
C ALA E 28 -21.20 -37.57 18.51
N MET E 29 -20.28 -38.34 17.94
CA MET E 29 -19.56 -39.36 18.71
C MET E 29 -18.74 -38.71 19.84
N LEU E 30 -18.43 -37.42 19.73
CA LEU E 30 -17.81 -36.64 20.84
C LEU E 30 -18.90 -35.82 21.55
N SER E 31 -19.47 -36.42 22.60
CA SER E 31 -20.52 -35.78 23.43
C SER E 31 -20.68 -36.50 24.78
N THR E 41 -13.42 -39.71 26.81
CA THR E 41 -13.53 -38.26 26.64
C THR E 41 -12.50 -37.81 25.58
N ASN E 42 -12.96 -37.72 24.32
CA ASN E 42 -12.21 -37.17 23.17
C ASN E 42 -11.36 -38.30 22.55
N GLU E 43 -12.00 -39.46 22.55
CA GLU E 43 -11.48 -40.70 22.02
C GLU E 43 -12.65 -41.35 21.28
N VAL E 44 -12.43 -41.89 20.08
CA VAL E 44 -13.53 -42.48 19.29
C VAL E 44 -13.00 -43.71 18.58
N ASN E 45 -13.75 -44.81 18.65
CA ASN E 45 -13.35 -46.07 18.08
C ASN E 45 -14.16 -46.30 16.81
N PHE E 46 -13.52 -46.82 15.76
CA PHE E 46 -14.21 -47.05 14.49
C PHE E 46 -13.99 -48.51 14.12
N ARG E 47 -14.91 -49.38 14.56
CA ARG E 47 -14.77 -50.79 14.44
C ARG E 47 -14.75 -51.25 12.97
N GLU E 48 -15.16 -50.39 12.02
CA GLU E 48 -15.32 -50.83 10.61
C GLU E 48 -14.47 -50.00 9.64
N ILE E 49 -13.65 -49.07 10.15
CA ILE E 49 -12.81 -48.25 9.27
C ILE E 49 -11.35 -48.63 9.51
N PRO E 50 -10.71 -49.34 8.56
CA PRO E 50 -9.30 -49.70 8.72
C PRO E 50 -8.35 -48.48 8.59
N SER E 51 -7.09 -48.68 9.01
CA SER E 51 -6.11 -47.62 9.17
C SER E 51 -5.80 -46.98 7.81
N HIS E 52 -5.79 -47.78 6.73
CA HIS E 52 -5.44 -47.26 5.41
C HIS E 52 -6.52 -46.29 4.88
N VAL E 53 -7.73 -46.35 5.47
CA VAL E 53 -8.84 -45.48 5.15
C VAL E 53 -8.89 -44.31 6.13
N LEU E 54 -8.74 -44.57 7.43
CA LEU E 54 -8.91 -43.53 8.45
C LEU E 54 -7.78 -42.51 8.34
N SER E 55 -6.59 -42.98 7.93
CA SER E 55 -5.47 -42.09 7.70
C SER E 55 -5.82 -41.10 6.59
N LYS E 56 -6.41 -41.60 5.49
CA LYS E 56 -6.81 -40.75 4.38
C LYS E 56 -7.88 -39.75 4.83
N VAL E 57 -8.85 -40.21 5.63
CA VAL E 57 -9.90 -39.35 6.14
C VAL E 57 -9.25 -38.17 6.86
N CYS E 58 -8.24 -38.46 7.68
CA CYS E 58 -7.59 -37.43 8.49
C CYS E 58 -6.87 -36.44 7.55
N MET E 59 -6.26 -36.95 6.48
CA MET E 59 -5.60 -36.12 5.51
C MET E 59 -6.64 -35.20 4.85
N TYR E 60 -7.85 -35.71 4.64
CA TYR E 60 -8.91 -34.93 4.05
C TYR E 60 -9.29 -33.78 5.00
N PHE E 61 -9.37 -34.04 6.30
CA PHE E 61 -9.69 -32.99 7.25
C PHE E 61 -8.64 -31.88 7.15
N THR E 62 -7.36 -32.25 7.10
CA THR E 62 -6.29 -31.25 7.00
C THR E 62 -6.54 -30.40 5.77
N TYR E 63 -6.81 -31.09 4.67
CA TYR E 63 -7.04 -30.51 3.36
C TYR E 63 -8.23 -29.55 3.38
N LYS E 64 -9.35 -30.01 3.96
CA LYS E 64 -10.57 -29.26 4.03
C LYS E 64 -10.29 -27.96 4.79
N VAL E 65 -9.65 -28.07 5.95
CA VAL E 65 -9.48 -26.91 6.82
C VAL E 65 -8.45 -25.94 6.23
N ARG E 66 -7.44 -26.45 5.54
CA ARG E 66 -6.45 -25.57 4.92
C ARG E 66 -7.11 -24.78 3.77
N TYR E 67 -7.91 -25.46 2.94
CA TYR E 67 -8.29 -24.87 1.64
C TYR E 67 -9.71 -24.27 1.61
N THR E 68 -10.55 -24.56 2.61
CA THR E 68 -11.87 -23.94 2.69
C THR E 68 -11.71 -22.42 2.92
N ASN E 69 -12.30 -21.62 2.04
CA ASN E 69 -12.33 -20.14 2.07
C ASN E 69 -10.94 -19.58 1.73
N SER E 70 -10.30 -20.17 0.71
CA SER E 70 -8.96 -19.73 0.28
C SER E 70 -8.98 -19.31 -1.19
N SER E 71 -8.28 -18.19 -1.48
CA SER E 71 -8.15 -17.58 -2.81
C SER E 71 -7.00 -18.24 -3.59
N THR E 72 -6.02 -18.78 -2.87
CA THR E 72 -4.97 -19.63 -3.49
C THR E 72 -5.67 -20.68 -4.37
N GLU E 73 -5.01 -21.05 -5.47
CA GLU E 73 -5.37 -22.18 -6.28
C GLU E 73 -5.41 -23.41 -5.37
N ILE E 74 -6.45 -24.24 -5.56
CA ILE E 74 -6.73 -25.36 -4.74
C ILE E 74 -6.32 -26.61 -5.52
N PRO E 75 -5.48 -27.49 -4.95
CA PRO E 75 -5.11 -28.73 -5.62
C PRO E 75 -6.19 -29.81 -5.47
N GLU E 76 -6.16 -30.78 -6.38
CA GLU E 76 -7.06 -31.93 -6.35
C GLU E 76 -6.75 -32.70 -5.06
N PHE E 77 -7.79 -33.23 -4.43
CA PHE E 77 -7.63 -34.23 -3.38
C PHE E 77 -7.46 -35.59 -4.04
N PRO E 78 -6.29 -36.23 -3.92
CA PRO E 78 -6.00 -37.43 -4.68
C PRO E 78 -6.51 -38.67 -3.92
N ILE E 79 -7.01 -39.64 -4.68
CA ILE E 79 -7.50 -40.88 -4.16
C ILE E 79 -7.02 -42.02 -5.06
N ALA E 80 -6.19 -42.90 -4.50
CA ALA E 80 -5.75 -44.06 -5.25
C ALA E 80 -6.96 -44.95 -5.53
N PRO E 81 -7.02 -45.63 -6.70
CA PRO E 81 -8.16 -46.51 -7.01
C PRO E 81 -8.44 -47.57 -5.92
N GLU E 82 -7.39 -48.05 -5.26
CA GLU E 82 -7.45 -49.22 -4.38
C GLU E 82 -8.26 -48.90 -3.11
N ILE E 83 -8.35 -47.63 -2.72
CA ILE E 83 -9.03 -47.27 -1.48
C ILE E 83 -10.32 -46.51 -1.75
N ALA E 84 -10.63 -46.26 -3.03
CA ALA E 84 -11.74 -45.41 -3.41
C ALA E 84 -13.05 -45.94 -2.83
N LEU E 85 -13.30 -47.25 -3.01
CA LEU E 85 -14.57 -47.80 -2.58
C LEU E 85 -14.70 -47.65 -1.06
N GLU E 86 -13.67 -48.06 -0.31
CA GLU E 86 -13.75 -48.02 1.13
C GLU E 86 -13.87 -46.57 1.61
N LEU E 87 -13.09 -45.68 1.00
CA LEU E 87 -13.08 -44.30 1.43
C LEU E 87 -14.48 -43.71 1.18
N LEU E 88 -15.12 -44.11 0.06
CA LEU E 88 -16.50 -43.70 -0.23
C LEU E 88 -17.42 -44.09 0.93
N MET E 89 -17.37 -45.36 1.32
CA MET E 89 -18.24 -45.89 2.39
C MET E 89 -17.97 -45.13 3.70
N ALA E 90 -16.70 -44.89 4.02
CA ALA E 90 -16.34 -44.20 5.24
C ALA E 90 -16.84 -42.76 5.16
N ALA E 91 -16.58 -42.09 4.04
CA ALA E 91 -17.04 -40.72 3.82
C ALA E 91 -18.55 -40.63 4.02
N ASN E 92 -19.26 -41.59 3.45
CA ASN E 92 -20.73 -41.62 3.54
C ASN E 92 -21.16 -41.70 5.01
N PHE E 93 -20.57 -42.63 5.77
CA PHE E 93 -20.92 -42.86 7.17
C PHE E 93 -20.60 -41.61 7.99
N LEU E 94 -19.43 -41.02 7.74
CA LEU E 94 -18.90 -39.87 8.50
C LEU E 94 -19.57 -38.55 8.11
N ASP E 95 -20.26 -38.53 6.97
CA ASP E 95 -20.94 -37.31 6.48
C ASP E 95 -19.91 -36.18 6.27
N CYS E 96 -18.90 -36.42 5.43
CA CYS E 96 -17.89 -35.43 5.23
C CYS E 96 -17.42 -35.46 3.77
N VAL F 25 -35.74 -16.64 -12.52
CA VAL F 25 -35.00 -15.72 -11.58
C VAL F 25 -33.50 -15.70 -11.97
N LEU F 26 -32.94 -16.83 -12.44
CA LEU F 26 -31.51 -16.95 -12.83
C LEU F 26 -31.34 -16.81 -14.34
N ARG F 27 -31.09 -15.57 -14.75
CA ARG F 27 -30.91 -15.23 -16.13
C ARG F 27 -29.94 -14.05 -16.21
N SER F 28 -29.28 -13.91 -17.35
CA SER F 28 -28.52 -12.72 -17.67
C SER F 28 -29.52 -11.58 -17.91
N VAL F 29 -29.17 -10.40 -17.40
CA VAL F 29 -29.79 -9.14 -17.78
C VAL F 29 -29.21 -8.73 -19.14
N ASN F 30 -30.07 -8.26 -20.08
CA ASN F 30 -29.61 -7.78 -21.40
C ASN F 30 -29.24 -6.31 -21.28
N SER F 31 -28.07 -6.02 -20.68
CA SER F 31 -27.67 -4.67 -20.25
C SER F 31 -27.10 -3.87 -21.42
N ARG F 32 -26.51 -4.58 -22.39
CA ARG F 32 -25.83 -4.00 -23.58
C ARG F 32 -24.63 -3.14 -23.13
N GLU F 33 -24.15 -3.34 -21.89
CA GLU F 33 -23.03 -2.58 -21.25
C GLU F 33 -21.76 -3.44 -21.30
N PRO F 34 -20.80 -3.19 -22.22
CA PRO F 34 -19.65 -4.10 -22.37
C PRO F 34 -18.86 -4.24 -21.06
N SER F 35 -18.37 -5.46 -20.81
CA SER F 35 -17.46 -5.74 -19.73
C SER F 35 -16.48 -6.80 -20.22
N GLN F 36 -15.19 -6.45 -20.16
CA GLN F 36 -14.11 -7.32 -20.55
C GLN F 36 -13.74 -8.16 -19.33
N VAL F 37 -13.46 -9.44 -19.56
CA VAL F 37 -13.24 -10.39 -18.47
C VAL F 37 -12.11 -11.34 -18.88
N ILE F 38 -11.34 -11.76 -17.88
CA ILE F 38 -10.36 -12.82 -18.09
C ILE F 38 -10.82 -14.06 -17.34
N PHE F 39 -11.04 -15.14 -18.08
CA PHE F 39 -11.31 -16.42 -17.54
C PHE F 39 -9.99 -17.16 -17.34
N CYS F 40 -9.57 -17.32 -16.08
CA CYS F 40 -8.34 -18.02 -15.73
C CYS F 40 -8.73 -19.38 -15.11
N ASN F 41 -8.37 -20.45 -15.82
CA ASN F 41 -8.55 -21.80 -15.38
C ASN F 41 -7.38 -22.18 -14.44
N ARG F 42 -7.56 -21.88 -13.14
CA ARG F 42 -6.62 -22.25 -12.08
C ARG F 42 -7.05 -23.58 -11.45
N SER F 43 -7.40 -24.54 -12.30
CA SER F 43 -7.86 -25.83 -11.87
C SER F 43 -7.15 -26.86 -12.73
N PRO F 44 -7.06 -28.13 -12.28
CA PRO F 44 -6.51 -29.21 -13.10
C PRO F 44 -7.53 -29.87 -14.04
N ARG F 45 -8.72 -29.29 -14.17
CA ARG F 45 -9.76 -29.82 -15.05
C ARG F 45 -9.85 -28.99 -16.32
N VAL F 46 -10.30 -29.63 -17.40
CA VAL F 46 -10.78 -28.98 -18.59
C VAL F 46 -12.09 -28.28 -18.19
N VAL F 47 -12.14 -26.96 -18.35
CA VAL F 47 -13.26 -26.14 -17.88
C VAL F 47 -14.20 -25.85 -19.06
N LEU F 48 -15.50 -26.05 -18.80
CA LEU F 48 -16.59 -25.66 -19.65
C LEU F 48 -17.26 -24.43 -19.05
N PRO F 49 -17.08 -23.23 -19.66
CA PRO F 49 -17.80 -22.04 -19.24
C PRO F 49 -19.26 -22.13 -19.73
N VAL F 50 -20.18 -21.64 -18.90
CA VAL F 50 -21.59 -21.70 -19.18
C VAL F 50 -22.21 -20.34 -18.89
N TRP F 51 -22.88 -19.81 -19.91
CA TRP F 51 -23.52 -18.52 -19.85
C TRP F 51 -25.02 -18.77 -19.71
N LEU F 52 -25.64 -18.11 -18.74
CA LEU F 52 -27.07 -18.17 -18.63
C LEU F 52 -27.68 -17.08 -19.53
N ASN F 53 -28.39 -17.53 -20.59
CA ASN F 53 -28.96 -16.64 -21.58
C ASN F 53 -30.13 -15.90 -20.93
N PHE F 54 -30.79 -15.05 -21.73
CA PHE F 54 -31.80 -14.13 -21.25
C PHE F 54 -33.07 -14.86 -20.80
N ASP F 55 -33.26 -16.10 -21.29
CA ASP F 55 -34.38 -16.98 -20.92
C ASP F 55 -33.98 -17.87 -19.74
N GLY F 56 -32.69 -17.85 -19.35
CA GLY F 56 -32.19 -18.66 -18.23
C GLY F 56 -31.66 -20.00 -18.68
N GLU F 57 -31.57 -20.23 -20.00
CA GLU F 57 -31.05 -21.47 -20.55
C GLU F 57 -29.54 -21.46 -20.45
N PRO F 58 -28.90 -22.54 -19.95
CA PRO F 58 -27.44 -22.61 -19.94
C PRO F 58 -26.94 -22.70 -21.38
N GLN F 59 -25.90 -21.92 -21.70
CA GLN F 59 -25.30 -21.94 -23.01
C GLN F 59 -23.82 -22.27 -22.84
N PRO F 60 -23.36 -23.41 -23.38
CA PRO F 60 -21.95 -23.77 -23.31
C PRO F 60 -21.10 -22.95 -24.31
N TYR F 61 -19.91 -22.54 -23.85
CA TYR F 61 -18.87 -21.82 -24.62
C TYR F 61 -17.65 -22.73 -24.74
N PRO F 62 -16.62 -22.39 -25.55
CA PRO F 62 -15.46 -23.26 -25.74
C PRO F 62 -14.65 -23.54 -24.44
N THR F 63 -14.02 -24.72 -24.41
CA THR F 63 -13.37 -25.26 -23.22
C THR F 63 -11.97 -24.63 -23.04
N LEU F 64 -11.60 -24.43 -21.79
CA LEU F 64 -10.27 -24.00 -21.38
C LEU F 64 -9.50 -25.22 -20.83
N PRO F 65 -8.41 -25.65 -21.49
CA PRO F 65 -7.56 -26.69 -20.89
C PRO F 65 -7.00 -26.24 -19.53
N PRO F 66 -6.55 -27.18 -18.68
CA PRO F 66 -5.98 -26.83 -17.38
C PRO F 66 -4.83 -25.83 -17.50
N GLY F 67 -4.84 -24.79 -16.65
CA GLY F 67 -3.74 -23.83 -16.54
C GLY F 67 -3.87 -22.61 -17.45
N THR F 68 -4.84 -22.61 -18.36
CA THR F 68 -4.92 -21.62 -19.45
C THR F 68 -5.95 -20.52 -19.13
N GLY F 69 -5.89 -19.45 -19.93
CA GLY F 69 -6.77 -18.31 -19.79
C GLY F 69 -7.31 -17.87 -21.14
N ARG F 70 -8.40 -17.09 -21.11
CA ARG F 70 -8.93 -16.45 -22.31
C ARG F 70 -9.46 -15.05 -21.92
N ARG F 71 -9.19 -14.07 -22.80
CA ARG F 71 -9.85 -12.76 -22.80
C ARG F 71 -11.23 -12.90 -23.42
N ILE F 72 -12.25 -12.42 -22.71
CA ILE F 72 -13.69 -12.64 -22.98
C ILE F 72 -14.37 -11.27 -23.02
N HIS F 73 -15.17 -11.05 -24.07
CA HIS F 73 -16.07 -9.90 -24.15
C HIS F 73 -17.46 -10.37 -23.68
N SER F 74 -17.89 -9.82 -22.54
CA SER F 74 -19.20 -10.07 -21.99
C SER F 74 -19.86 -8.73 -21.67
N TYR F 75 -20.86 -8.73 -20.79
CA TYR F 75 -21.66 -7.55 -20.51
C TYR F 75 -22.02 -7.56 -19.01
N ARG F 76 -22.22 -6.38 -18.44
CA ARG F 76 -22.58 -6.29 -17.03
C ARG F 76 -23.92 -7.01 -16.85
N GLY F 77 -24.09 -7.68 -15.71
CA GLY F 77 -25.34 -8.38 -15.37
C GLY F 77 -25.49 -9.73 -16.06
N HIS F 78 -24.51 -10.15 -16.86
CA HIS F 78 -24.49 -11.52 -17.42
C HIS F 78 -24.04 -12.53 -16.36
N LEU F 79 -24.64 -13.72 -16.40
CA LEU F 79 -24.37 -14.76 -15.41
C LEU F 79 -23.55 -15.86 -16.09
N TRP F 80 -22.47 -16.28 -15.42
CA TRP F 80 -21.65 -17.39 -15.85
C TRP F 80 -21.48 -18.38 -14.69
N LEU F 81 -21.34 -19.66 -15.04
CA LEU F 81 -20.84 -20.64 -14.09
C LEU F 81 -19.90 -21.54 -14.88
N PHE F 82 -19.22 -22.45 -14.17
CA PHE F 82 -18.10 -23.20 -14.73
C PHE F 82 -18.16 -24.64 -14.22
N ARG F 83 -17.84 -25.59 -15.10
CA ARG F 83 -17.99 -26.99 -14.83
C ARG F 83 -16.81 -27.74 -15.47
N ASP F 84 -16.46 -28.91 -14.92
CA ASP F 84 -15.59 -29.86 -15.59
C ASP F 84 -16.26 -30.28 -16.91
N ALA F 85 -15.57 -30.13 -18.03
CA ALA F 85 -16.18 -30.32 -19.37
C ALA F 85 -16.47 -31.80 -19.64
N GLY F 86 -15.81 -32.70 -18.91
CA GLY F 86 -15.93 -34.12 -19.17
C GLY F 86 -16.97 -34.77 -18.25
N THR F 87 -17.04 -34.32 -17.00
CA THR F 87 -17.86 -34.96 -15.96
C THR F 87 -18.97 -34.03 -15.45
N HIS F 88 -18.89 -32.73 -15.78
CA HIS F 88 -19.86 -31.71 -15.34
C HIS F 88 -19.74 -31.41 -13.83
N ASP F 89 -18.68 -31.89 -13.14
CA ASP F 89 -18.46 -31.54 -11.72
C ASP F 89 -18.48 -30.01 -11.57
N GLY F 90 -19.04 -29.52 -10.47
CA GLY F 90 -19.10 -28.08 -10.16
C GLY F 90 -17.72 -27.50 -9.87
N LEU F 91 -17.45 -26.30 -10.40
CA LEU F 91 -16.26 -25.54 -10.12
C LEU F 91 -16.68 -24.21 -9.52
N LEU F 92 -15.74 -23.57 -8.83
CA LEU F 92 -15.99 -22.26 -8.26
C LEU F 92 -15.38 -21.19 -9.18
N VAL F 93 -15.85 -19.97 -8.98
CA VAL F 93 -15.34 -18.84 -9.69
C VAL F 93 -15.34 -17.66 -8.73
N ASN F 94 -14.15 -17.08 -8.52
CA ASN F 94 -13.90 -16.14 -7.45
C ASN F 94 -14.59 -16.64 -6.18
N GLN F 95 -14.33 -17.91 -5.88
CA GLN F 95 -14.70 -18.55 -4.62
C GLN F 95 -16.23 -18.71 -4.46
N THR F 96 -17.01 -18.58 -5.54
CA THR F 96 -18.45 -18.72 -5.44
C THR F 96 -18.97 -19.44 -6.70
N GLU F 97 -20.29 -19.57 -6.77
CA GLU F 97 -20.99 -20.44 -7.72
C GLU F 97 -21.15 -19.75 -9.08
N LEU F 98 -21.52 -18.47 -9.01
CA LEU F 98 -21.90 -17.66 -10.15
C LEU F 98 -20.96 -16.45 -10.26
N PHE F 99 -20.58 -16.13 -11.50
CA PHE F 99 -19.80 -14.96 -11.83
C PHE F 99 -20.63 -13.99 -12.66
N VAL F 100 -20.67 -12.73 -12.19
CA VAL F 100 -21.38 -11.63 -12.81
C VAL F 100 -20.38 -10.53 -13.14
N PRO F 101 -20.03 -10.32 -14.43
CA PRO F 101 -19.13 -9.25 -14.83
C PRO F 101 -19.58 -7.92 -14.21
N SER F 102 -18.62 -7.22 -13.59
CA SER F 102 -18.90 -5.97 -12.91
C SER F 102 -18.37 -4.80 -13.77
N LEU F 103 -18.58 -3.59 -13.23
CA LEU F 103 -18.05 -2.33 -13.73
C LEU F 103 -16.51 -2.37 -13.71
N ASN F 104 -15.90 -1.99 -14.85
CA ASN F 104 -14.43 -2.05 -15.05
C ASN F 104 -13.86 -0.73 -14.49
N VAL F 105 -12.92 -0.80 -13.54
CA VAL F 105 -12.38 0.44 -12.90
C VAL F 105 -11.08 0.83 -13.63
N ASP F 106 -11.06 2.03 -14.23
CA ASP F 106 -9.97 2.56 -15.10
C ASP F 106 -9.53 1.46 -16.09
N GLY F 107 -10.47 1.02 -16.92
CA GLY F 107 -10.24 0.14 -18.09
C GLY F 107 -9.69 -1.24 -17.75
N GLN F 108 -9.83 -1.66 -16.49
CA GLN F 108 -9.24 -2.91 -15.99
C GLN F 108 -10.17 -4.09 -16.27
N PRO F 109 -9.73 -5.10 -17.05
CA PRO F 109 -10.45 -6.38 -17.15
C PRO F 109 -10.63 -7.00 -15.76
N ILE F 110 -11.80 -7.61 -15.54
CA ILE F 110 -12.14 -8.25 -14.29
C ILE F 110 -11.66 -9.70 -14.38
N PHE F 111 -11.12 -10.19 -13.27
CA PHE F 111 -10.60 -11.52 -13.18
C PHE F 111 -11.70 -12.48 -12.74
N ALA F 112 -11.80 -13.61 -13.43
CA ALA F 112 -12.63 -14.70 -13.03
C ALA F 112 -11.72 -15.91 -12.82
N ASN F 113 -11.39 -16.16 -11.54
CA ASN F 113 -10.51 -17.22 -11.17
C ASN F 113 -11.37 -18.46 -10.95
N ILE F 114 -11.21 -19.43 -11.86
CA ILE F 114 -11.93 -20.67 -11.85
C ILE F 114 -11.04 -21.66 -11.10
N THR F 115 -11.58 -22.25 -10.01
CA THR F 115 -10.83 -23.10 -9.09
C THR F 115 -11.64 -24.32 -8.72
N LEU F 116 -10.97 -25.36 -8.21
CA LEU F 116 -11.71 -26.46 -7.60
C LEU F 116 -12.38 -25.91 -6.35
N PRO F 117 -13.59 -26.40 -6.04
CA PRO F 117 -14.14 -26.29 -4.70
C PRO F 117 -13.42 -27.29 -3.80
N VAL F 118 -13.57 -27.13 -2.49
CA VAL F 118 -13.28 -28.22 -1.62
C VAL F 118 -14.51 -29.13 -1.66
N TYR F 119 -14.46 -30.14 -2.51
CA TYR F 119 -15.49 -31.10 -2.56
C TYR F 119 -15.60 -31.76 -1.19
N THR F 120 -16.79 -32.22 -0.85
CA THR F 120 -16.93 -33.18 0.25
C THR F 120 -16.11 -34.41 -0.13
N LEU F 121 -15.63 -35.13 0.89
CA LEU F 121 -14.94 -36.36 0.67
C LEU F 121 -15.85 -37.34 -0.05
N LYS F 122 -17.12 -37.38 0.34
CA LYS F 122 -18.07 -38.30 -0.32
C LYS F 122 -18.10 -38.00 -1.84
N GLU F 123 -18.28 -36.73 -2.19
CA GLU F 123 -18.44 -36.38 -3.58
C GLU F 123 -17.13 -36.63 -4.36
N ARG F 124 -15.98 -36.42 -3.72
CA ARG F 124 -14.72 -36.61 -4.44
C ARG F 124 -14.51 -38.10 -4.69
N CYS F 125 -14.83 -38.93 -3.69
CA CYS F 125 -14.81 -40.37 -3.87
C CYS F 125 -15.76 -40.76 -5.01
N LEU F 126 -16.96 -40.20 -5.05
CA LEU F 126 -17.90 -40.53 -6.13
C LEU F 126 -17.24 -40.21 -7.49
N GLN F 127 -16.56 -39.05 -7.58
CA GLN F 127 -15.96 -38.59 -8.86
C GLN F 127 -14.93 -39.62 -9.32
N VAL F 128 -14.13 -40.15 -8.40
CA VAL F 128 -13.05 -41.07 -8.70
C VAL F 128 -13.64 -42.41 -9.13
N VAL F 129 -14.67 -42.85 -8.41
CA VAL F 129 -15.29 -44.13 -8.73
C VAL F 129 -15.96 -44.00 -10.11
N ARG F 130 -16.71 -42.92 -10.34
CA ARG F 130 -17.34 -42.66 -11.66
C ARG F 130 -16.27 -42.75 -12.75
N SER F 131 -15.10 -42.14 -12.50
CA SER F 131 -14.02 -42.03 -13.47
C SER F 131 -13.34 -43.38 -13.75
N LEU F 132 -13.62 -44.41 -12.95
CA LEU F 132 -12.92 -45.71 -13.04
C LEU F 132 -13.87 -46.83 -13.47
N VAL F 133 -15.18 -46.60 -13.42
CA VAL F 133 -16.13 -47.66 -13.70
C VAL F 133 -17.13 -47.16 -14.74
N LYS F 134 -17.33 -48.00 -15.78
CA LYS F 134 -18.31 -47.74 -16.82
C LYS F 134 -19.68 -47.72 -16.16
N PRO F 135 -20.57 -46.74 -16.48
CA PRO F 135 -21.88 -46.65 -15.85
C PRO F 135 -22.72 -47.94 -15.81
N GLU F 136 -22.51 -48.88 -16.76
CA GLU F 136 -23.29 -50.12 -16.79
C GLU F 136 -22.74 -51.14 -15.76
N ASN F 137 -21.60 -50.83 -15.13
CA ASN F 137 -20.93 -51.72 -14.18
C ASN F 137 -21.06 -51.21 -12.74
N TYR F 138 -21.67 -50.03 -12.52
CA TYR F 138 -21.88 -49.51 -11.17
C TYR F 138 -22.58 -50.59 -10.33
N ARG F 139 -23.54 -51.29 -10.96
CA ARG F 139 -24.42 -52.30 -10.34
C ARG F 139 -23.60 -53.50 -9.82
N ARG F 140 -22.37 -53.67 -10.31
CA ARG F 140 -21.52 -54.83 -9.99
C ARG F 140 -20.49 -54.47 -8.89
N LEU F 141 -20.56 -53.25 -8.36
CA LEU F 141 -19.75 -52.86 -7.19
C LEU F 141 -20.39 -53.41 -5.91
N ASP F 142 -19.56 -53.97 -5.04
CA ASP F 142 -20.00 -54.49 -3.75
C ASP F 142 -20.22 -53.32 -2.78
N ILE F 143 -21.32 -52.58 -2.98
CA ILE F 143 -21.64 -51.41 -2.17
C ILE F 143 -23.14 -51.43 -1.89
N VAL F 144 -23.51 -50.72 -0.83
CA VAL F 144 -24.91 -50.64 -0.43
C VAL F 144 -25.68 -49.94 -1.56
N ARG F 145 -26.98 -50.26 -1.65
CA ARG F 145 -27.83 -49.79 -2.74
C ARG F 145 -27.69 -48.26 -2.87
N SER F 146 -27.78 -47.53 -1.75
CA SER F 146 -27.92 -46.05 -1.79
C SER F 146 -26.69 -45.40 -2.41
N LEU F 147 -25.55 -46.10 -2.40
CA LEU F 147 -24.35 -45.61 -3.04
C LEU F 147 -24.40 -45.84 -4.55
N TYR F 148 -25.03 -46.93 -5.04
CA TYR F 148 -25.23 -47.09 -6.48
C TYR F 148 -25.94 -45.84 -6.99
N GLU F 149 -27.00 -45.44 -6.28
CA GLU F 149 -27.87 -44.39 -6.76
C GLU F 149 -27.10 -43.06 -6.74
N ASP F 150 -26.31 -42.83 -5.68
CA ASP F 150 -25.48 -41.64 -5.51
C ASP F 150 -24.48 -41.52 -6.68
N LEU F 151 -23.92 -42.65 -7.12
CA LEU F 151 -23.03 -42.74 -8.30
C LEU F 151 -23.80 -42.34 -9.58
N GLU F 152 -25.03 -42.84 -9.72
CA GLU F 152 -25.82 -42.71 -10.94
C GLU F 152 -26.24 -41.25 -11.13
N ASP F 153 -26.47 -40.55 -10.01
CA ASP F 153 -26.95 -39.18 -9.98
C ASP F 153 -25.77 -38.25 -10.35
N HIS F 154 -25.37 -38.29 -11.63
N HIS F 154 -25.37 -38.29 -11.63
CA HIS F 154 -24.24 -37.54 -12.16
CA HIS F 154 -24.25 -37.53 -12.15
C HIS F 154 -24.51 -36.04 -11.93
C HIS F 154 -24.51 -36.04 -11.93
N PRO F 155 -23.46 -35.22 -11.70
CA PRO F 155 -23.64 -33.78 -11.59
C PRO F 155 -24.27 -33.31 -12.90
N ASN F 156 -25.12 -32.30 -12.75
CA ASN F 156 -26.02 -31.92 -13.79
C ASN F 156 -26.30 -30.42 -13.63
N VAL F 157 -26.11 -29.67 -14.71
CA VAL F 157 -26.25 -28.20 -14.64
C VAL F 157 -27.72 -27.83 -14.37
N GLN F 158 -28.65 -28.44 -15.11
CA GLN F 158 -30.06 -28.02 -15.00
C GLN F 158 -30.51 -28.26 -13.54
N LYS F 159 -30.06 -29.36 -12.93
CA LYS F 159 -30.35 -29.66 -11.51
C LYS F 159 -29.79 -28.56 -10.60
N ASP F 160 -28.51 -28.25 -10.74
CA ASP F 160 -27.84 -27.20 -9.96
C ASP F 160 -28.66 -25.90 -10.04
N LEU F 161 -29.16 -25.59 -11.24
CA LEU F 161 -29.93 -24.35 -11.48
C LEU F 161 -31.30 -24.42 -10.79
N GLU F 162 -31.94 -25.59 -10.76
CA GLU F 162 -33.18 -25.76 -9.98
C GLU F 162 -32.87 -25.56 -8.49
N ARG F 163 -31.74 -26.13 -8.03
CA ARG F 163 -31.26 -26.01 -6.63
C ARG F 163 -31.10 -24.52 -6.27
N LEU F 164 -30.30 -23.81 -7.08
CA LEU F 164 -29.98 -22.39 -6.85
C LEU F 164 -31.24 -21.52 -6.91
N THR F 165 -32.19 -21.86 -7.80
CA THR F 165 -33.44 -21.10 -7.99
C THR F 165 -34.29 -21.19 -6.72
N GLN F 166 -34.31 -22.34 -6.06
CA GLN F 166 -35.17 -22.56 -4.87
C GLN F 166 -34.56 -21.89 -3.63
N GLU F 167 -33.23 -21.78 -3.59
CA GLU F 167 -32.47 -21.09 -2.53
C GLU F 167 -32.88 -19.60 -2.42
N ARG F 168 -33.22 -18.96 -3.56
CA ARG F 168 -33.84 -17.62 -3.56
C ARG F 168 -35.24 -17.74 -2.92
N MET G 1 23.05 7.86 -23.93
CA MET G 1 22.45 6.97 -24.95
C MET G 1 22.06 5.64 -24.32
N ASP G 2 20.80 5.26 -24.46
CA ASP G 2 20.29 4.05 -23.86
C ASP G 2 20.64 2.87 -24.77
N VAL G 3 20.94 1.75 -24.12
CA VAL G 3 21.25 0.49 -24.73
C VAL G 3 20.33 -0.53 -24.07
N PHE G 4 19.80 -1.50 -24.84
CA PHE G 4 18.75 -2.41 -24.38
C PHE G 4 19.31 -3.84 -24.39
N LEU G 5 19.15 -4.53 -23.25
CA LEU G 5 19.87 -5.75 -22.96
C LEU G 5 18.91 -6.86 -22.52
N MET G 6 19.34 -8.10 -22.82
CA MET G 6 18.88 -9.28 -22.14
C MET G 6 20.07 -9.85 -21.34
N ILE G 7 19.93 -9.92 -20.01
CA ILE G 7 20.94 -10.54 -19.17
C ILE G 7 20.49 -11.96 -18.91
N ARG G 8 21.28 -12.94 -19.36
CA ARG G 8 20.77 -14.29 -19.52
C ARG G 8 21.68 -15.27 -18.79
N ARG G 9 21.05 -16.14 -18.00
CA ARG G 9 21.71 -17.23 -17.33
C ARG G 9 20.76 -18.42 -17.32
N HIS G 10 21.24 -19.58 -17.80
CA HIS G 10 20.48 -20.83 -17.79
C HIS G 10 19.14 -20.56 -18.49
N LYS G 11 18.03 -20.59 -17.72
CA LYS G 11 16.68 -20.37 -18.19
C LYS G 11 16.13 -19.07 -17.61
N THR G 12 17.00 -18.21 -17.07
CA THR G 12 16.65 -16.85 -16.64
C THR G 12 17.05 -15.87 -17.75
N THR G 13 16.20 -14.83 -17.96
CA THR G 13 16.49 -13.69 -18.81
C THR G 13 15.93 -12.41 -18.20
N ILE G 14 16.79 -11.43 -17.93
CA ILE G 14 16.37 -10.10 -17.49
C ILE G 14 16.37 -9.16 -18.70
N PHE G 15 15.26 -8.44 -18.92
CA PHE G 15 15.19 -7.31 -19.84
C PHE G 15 15.39 -6.03 -19.04
N THR G 16 16.47 -5.31 -19.34
CA THR G 16 16.67 -4.00 -18.82
C THR G 16 17.45 -3.17 -19.82
N ASP G 17 17.48 -1.86 -19.56
CA ASP G 17 18.25 -0.91 -20.30
C ASP G 17 19.32 -0.34 -19.36
N ALA G 18 20.33 0.31 -19.94
CA ALA G 18 21.39 1.02 -19.22
C ALA G 18 21.98 2.08 -20.15
N LYS G 19 22.80 2.97 -19.59
CA LYS G 19 23.50 3.95 -20.40
C LYS G 19 24.73 3.30 -21.03
N GLU G 20 25.04 3.74 -22.24
CA GLU G 20 26.25 3.34 -22.94
C GLU G 20 27.49 3.67 -22.09
N SER G 21 27.42 4.75 -21.29
CA SER G 21 28.57 5.22 -20.50
C SER G 21 28.60 4.56 -19.12
N SER G 22 27.56 3.80 -18.77
CA SER G 22 27.51 3.04 -17.51
C SER G 22 28.48 1.85 -17.58
N THR G 23 28.79 1.27 -16.43
CA THR G 23 29.88 0.30 -16.31
C THR G 23 29.33 -1.11 -16.11
N VAL G 24 30.16 -2.10 -16.44
CA VAL G 24 29.89 -3.49 -16.17
C VAL G 24 29.60 -3.67 -14.67
N PHE G 25 30.35 -3.00 -13.80
CA PHE G 25 30.08 -3.11 -12.35
C PHE G 25 28.66 -2.61 -12.03
N GLU G 26 28.27 -1.48 -12.62
CA GLU G 26 26.95 -0.86 -12.35
C GLU G 26 25.83 -1.82 -12.79
N LEU G 27 26.10 -2.66 -13.79
CA LEU G 27 25.12 -3.60 -14.31
C LEU G 27 24.96 -4.77 -13.33
N LYS G 28 26.09 -5.18 -12.74
CA LYS G 28 26.10 -6.24 -11.76
C LYS G 28 25.26 -5.80 -10.55
N ARG G 29 25.28 -4.50 -10.22
CA ARG G 29 24.43 -3.91 -9.16
C ARG G 29 22.94 -4.10 -9.48
N ILE G 30 22.60 -3.89 -10.76
CA ILE G 30 21.22 -4.08 -11.22
C ILE G 30 20.84 -5.55 -11.05
N VAL G 31 21.70 -6.46 -11.51
CA VAL G 31 21.47 -7.90 -11.35
C VAL G 31 21.35 -8.28 -9.86
N GLU G 32 22.15 -7.63 -9.01
CA GLU G 32 22.13 -7.89 -7.57
C GLU G 32 20.74 -7.54 -7.02
N GLY G 33 20.24 -6.35 -7.38
CA GLY G 33 18.90 -5.91 -6.98
C GLY G 33 17.84 -6.97 -7.28
N ILE G 34 18.00 -7.67 -8.41
CA ILE G 34 16.98 -8.55 -8.93
C ILE G 34 17.17 -9.98 -8.40
N LEU G 35 18.39 -10.53 -8.53
CA LEU G 35 18.61 -11.95 -8.31
C LEU G 35 19.27 -12.25 -6.96
N LYS G 36 19.56 -11.19 -6.18
CA LYS G 36 19.99 -11.27 -4.78
C LYS G 36 21.34 -11.98 -4.67
N ARG G 37 22.26 -11.67 -5.60
CA ARG G 37 23.61 -12.19 -5.61
C ARG G 37 24.54 -11.01 -5.86
N PRO G 38 25.63 -10.83 -5.07
CA PRO G 38 26.43 -9.61 -5.14
C PRO G 38 27.46 -9.63 -6.28
N PRO G 39 27.91 -8.44 -6.76
CA PRO G 39 28.86 -8.36 -7.87
C PRO G 39 30.02 -9.37 -7.93
N ASP G 40 30.68 -9.63 -6.78
CA ASP G 40 31.85 -10.51 -6.72
C ASP G 40 31.46 -11.98 -6.92
N GLU G 41 30.15 -12.28 -6.95
CA GLU G 41 29.64 -13.63 -7.21
C GLU G 41 29.13 -13.76 -8.66
N GLN G 42 29.20 -12.65 -9.42
CA GLN G 42 28.71 -12.61 -10.80
C GLN G 42 29.89 -12.49 -11.77
N ARG G 43 29.84 -13.24 -12.87
CA ARG G 43 30.61 -12.93 -14.07
C ARG G 43 29.63 -12.57 -15.19
N LEU G 44 29.90 -11.47 -15.89
CA LEU G 44 29.15 -11.02 -17.03
C LEU G 44 30.00 -11.20 -18.28
N TYR G 45 29.36 -11.63 -19.38
CA TYR G 45 30.05 -11.93 -20.65
C TYR G 45 29.36 -11.25 -21.82
N LYS G 46 30.14 -10.89 -22.84
CA LYS G 46 29.64 -10.68 -24.19
C LYS G 46 30.19 -11.81 -25.06
N ASP G 47 29.30 -12.69 -25.49
CA ASP G 47 29.67 -13.93 -26.14
C ASP G 47 30.49 -14.75 -25.14
N ASP G 48 31.72 -15.14 -25.50
CA ASP G 48 32.55 -15.96 -24.62
C ASP G 48 33.57 -15.09 -23.86
N GLN G 49 33.56 -13.77 -24.11
CA GLN G 49 34.50 -12.86 -23.52
C GLN G 49 34.02 -12.34 -22.15
N LEU G 50 34.84 -12.53 -21.12
CA LEU G 50 34.58 -12.04 -19.78
C LEU G 50 34.75 -10.52 -19.80
N LEU G 51 33.83 -9.80 -19.14
CA LEU G 51 33.83 -8.34 -19.17
C LEU G 51 34.40 -7.80 -17.86
N ASP G 52 35.25 -6.77 -17.97
CA ASP G 52 35.94 -6.18 -16.83
C ASP G 52 35.01 -5.16 -16.16
N ASP G 53 34.97 -5.19 -14.83
CA ASP G 53 34.05 -4.38 -14.02
C ASP G 53 34.11 -2.88 -14.38
N GLY G 54 35.32 -2.36 -14.69
CA GLY G 54 35.53 -0.91 -14.86
C GLY G 54 35.27 -0.42 -16.28
N LYS G 55 34.93 -1.31 -17.21
CA LYS G 55 34.71 -0.96 -18.61
C LYS G 55 33.26 -0.50 -18.82
N THR G 56 33.08 0.48 -19.72
CA THR G 56 31.73 0.90 -20.06
C THR G 56 31.12 -0.13 -21.02
N LEU G 57 29.79 -0.11 -21.08
CA LEU G 57 29.05 -0.98 -21.94
C LEU G 57 29.43 -0.65 -23.40
N GLY G 58 29.61 0.65 -23.70
CA GLY G 58 30.09 1.13 -25.00
C GLY G 58 31.43 0.53 -25.38
N GLU G 59 32.38 0.57 -24.43
CA GLU G 59 33.70 -0.02 -24.61
C GLU G 59 33.58 -1.53 -24.83
N CYS G 60 32.56 -2.16 -24.23
CA CYS G 60 32.34 -3.59 -24.34
C CYS G 60 31.61 -3.97 -25.64
N GLY G 61 31.14 -2.98 -26.41
CA GLY G 61 30.56 -3.24 -27.73
C GLY G 61 29.04 -3.24 -27.74
N PHE G 62 28.41 -2.78 -26.64
CA PHE G 62 26.97 -2.55 -26.61
C PHE G 62 26.70 -1.07 -26.95
N THR G 63 25.96 -0.83 -28.04
CA THR G 63 25.70 0.51 -28.57
C THR G 63 24.23 0.60 -28.99
N SER G 64 23.77 1.81 -29.30
CA SER G 64 22.41 1.99 -29.73
C SER G 64 22.18 1.22 -31.04
N GLN G 65 23.23 1.02 -31.83
CA GLN G 65 23.08 0.32 -33.08
C GLN G 65 22.90 -1.19 -32.84
N THR G 66 23.48 -1.78 -31.78
CA THR G 66 23.51 -3.24 -31.62
C THR G 66 22.64 -3.72 -30.46
N ALA G 67 22.02 -2.80 -29.73
CA ALA G 67 21.34 -3.13 -28.50
C ALA G 67 20.04 -2.32 -28.46
N ARG G 68 19.13 -2.72 -29.34
CA ARG G 68 17.94 -1.97 -29.64
C ARG G 68 16.77 -2.53 -28.83
N PRO G 69 15.75 -1.69 -28.54
CA PRO G 69 14.59 -2.15 -27.77
C PRO G 69 13.96 -3.42 -28.37
N GLN G 70 13.71 -3.42 -29.68
CA GLN G 70 13.07 -4.54 -30.36
C GLN G 70 14.05 -5.64 -30.70
N ALA G 71 15.33 -5.50 -30.35
CA ALA G 71 16.35 -6.51 -30.68
C ALA G 71 17.54 -6.32 -29.73
N PRO G 72 17.34 -6.65 -28.44
CA PRO G 72 18.35 -6.35 -27.43
C PRO G 72 19.59 -7.23 -27.57
N ALA G 73 20.72 -6.72 -27.07
CA ALA G 73 21.97 -7.45 -27.04
C ALA G 73 21.96 -8.33 -25.79
N THR G 74 22.61 -9.49 -25.90
CA THR G 74 22.66 -10.45 -24.84
C THR G 74 23.93 -10.22 -24.03
N VAL G 75 23.78 -10.21 -22.71
CA VAL G 75 24.87 -10.31 -21.77
C VAL G 75 24.77 -11.65 -21.04
N GLY G 76 25.84 -12.44 -21.08
CA GLY G 76 25.91 -13.71 -20.33
C GLY G 76 26.16 -13.47 -18.85
N LEU G 77 25.56 -14.31 -18.00
CA LEU G 77 25.71 -14.21 -16.55
C LEU G 77 26.04 -15.61 -16.02
N ALA G 78 27.00 -15.63 -15.09
CA ALA G 78 27.46 -16.84 -14.46
C ALA G 78 27.65 -16.55 -12.98
N PHE G 79 27.15 -17.47 -12.14
CA PHE G 79 27.18 -17.34 -10.69
C PHE G 79 28.31 -18.19 -10.10
N ARG G 80 28.84 -17.70 -8.96
CA ARG G 80 29.76 -18.47 -8.13
C ARG G 80 28.96 -19.34 -7.15
N ALA G 81 29.16 -20.65 -7.26
CA ALA G 81 28.50 -21.64 -6.45
C ALA G 81 29.55 -22.13 -5.44
N ASP G 82 29.37 -21.72 -4.17
CA ASP G 82 30.25 -22.08 -3.00
C ASP G 82 31.69 -21.61 -3.29
N ASP G 83 32.45 -22.48 -3.98
CA ASP G 83 33.89 -22.29 -4.14
C ASP G 83 34.13 -21.33 -5.33
N THR G 84 33.71 -21.80 -6.52
CA THR G 84 34.20 -21.40 -7.82
C THR G 84 33.03 -21.17 -8.79
N PHE G 85 33.31 -20.41 -9.86
CA PHE G 85 32.33 -20.00 -10.86
C PHE G 85 31.94 -21.19 -11.74
N GLU G 86 30.62 -21.31 -11.98
CA GLU G 86 30.10 -22.25 -12.95
C GLU G 86 30.50 -21.74 -14.33
N ALA G 87 30.50 -22.65 -15.31
CA ALA G 87 30.59 -22.29 -16.72
C ALA G 87 29.39 -21.43 -17.11
N LEU G 88 29.60 -20.54 -18.08
CA LEU G 88 28.54 -19.79 -18.69
C LEU G 88 27.66 -20.78 -19.44
N CYS G 89 26.41 -20.87 -19.02
CA CYS G 89 25.46 -21.67 -19.74
C CYS G 89 24.17 -20.87 -20.00
N ILE G 90 23.73 -20.83 -21.26
CA ILE G 90 22.49 -20.16 -21.64
C ILE G 90 21.63 -21.13 -22.45
N GLU G 91 20.50 -21.52 -21.86
CA GLU G 91 19.55 -22.40 -22.52
C GLU G 91 18.94 -21.67 -23.71
N PRO G 92 18.96 -22.23 -24.94
CA PRO G 92 18.30 -21.56 -26.06
C PRO G 92 16.79 -21.54 -25.79
N PHE G 93 16.08 -20.63 -26.48
CA PHE G 93 14.63 -20.63 -26.46
C PHE G 93 14.14 -21.84 -27.26
N SER G 94 12.87 -22.16 -27.13
CA SER G 94 12.23 -23.22 -27.91
C SER G 94 12.37 -22.95 -29.41
N SER G 95 12.32 -24.03 -30.19
CA SER G 95 12.32 -23.97 -31.64
C SER G 95 10.90 -23.66 -32.11
N PRO G 96 10.72 -22.77 -33.09
CA PRO G 96 9.43 -22.63 -33.74
C PRO G 96 9.05 -23.89 -34.52
N PRO G 97 7.73 -24.12 -34.77
CA PRO G 97 7.30 -25.26 -35.59
C PRO G 97 7.70 -25.00 -37.04
N GLU G 98 7.73 -26.06 -37.85
CA GLU G 98 7.98 -25.86 -39.25
C GLU G 98 6.86 -24.94 -39.79
N LEU G 99 7.23 -24.10 -40.75
CA LEU G 99 6.34 -23.14 -41.38
C LEU G 99 5.19 -23.89 -42.08
N PRO G 100 3.91 -23.60 -41.74
CA PRO G 100 2.77 -24.22 -42.42
C PRO G 100 2.79 -24.09 -43.94
N ASP G 101 2.28 -25.12 -44.64
CA ASP G 101 2.27 -25.20 -46.11
C ASP G 101 1.85 -23.88 -46.76
N VAL G 102 0.83 -23.23 -46.18
CA VAL G 102 0.21 -22.01 -46.78
C VAL G 102 1.09 -20.76 -46.61
N MET G 103 2.36 -20.91 -46.17
CA MET G 103 3.25 -19.79 -45.70
C MET G 103 4.67 -19.92 -46.27
N MET H 1 9.32 -3.61 -8.51
CA MET H 1 9.78 -2.89 -9.74
C MET H 1 9.91 -3.86 -10.91
N TYR H 2 10.31 -5.12 -10.64
CA TYR H 2 10.42 -6.17 -11.67
C TYR H 2 9.40 -7.27 -11.39
N VAL H 3 8.96 -7.96 -12.45
CA VAL H 3 8.01 -9.05 -12.36
C VAL H 3 8.56 -10.18 -13.24
N LYS H 4 8.10 -11.40 -12.99
CA LYS H 4 8.58 -12.60 -13.68
C LYS H 4 7.45 -13.20 -14.53
N LEU H 5 7.74 -13.49 -15.79
CA LEU H 5 6.81 -14.10 -16.71
C LEU H 5 7.45 -15.42 -17.17
N ILE H 6 6.73 -16.53 -16.96
CA ILE H 6 7.30 -17.86 -17.17
C ILE H 6 6.62 -18.50 -18.38
N SER H 7 7.44 -19.01 -19.32
CA SER H 7 6.96 -19.56 -20.54
C SER H 7 6.50 -20.99 -20.27
N SER H 8 5.87 -21.58 -21.29
CA SER H 8 5.34 -22.95 -21.25
C SER H 8 6.50 -23.93 -21.04
N ASP H 9 7.65 -23.64 -21.68
CA ASP H 9 8.84 -24.52 -21.63
C ASP H 9 9.76 -24.12 -20.45
N GLY H 10 9.26 -23.31 -19.50
CA GLY H 10 9.90 -23.04 -18.21
C GLY H 10 10.85 -21.85 -18.19
N HIS H 11 11.09 -21.17 -19.34
CA HIS H 11 11.97 -20.00 -19.34
C HIS H 11 11.37 -18.89 -18.46
N GLU H 12 12.22 -18.21 -17.68
CA GLU H 12 11.78 -17.18 -16.75
C GLU H 12 12.28 -15.81 -17.28
N PHE H 13 11.35 -14.96 -17.66
CA PHE H 13 11.62 -13.64 -18.18
C PHE H 13 11.29 -12.60 -17.11
N ILE H 14 12.28 -11.79 -16.73
CA ILE H 14 12.12 -10.79 -15.68
C ILE H 14 12.13 -9.42 -16.35
N VAL H 15 11.03 -8.69 -16.24
CA VAL H 15 10.86 -7.40 -16.90
C VAL H 15 10.37 -6.38 -15.88
N LYS H 16 10.65 -5.11 -16.14
CA LYS H 16 10.12 -4.01 -15.35
C LYS H 16 8.60 -4.11 -15.32
N ARG H 17 8.00 -3.76 -14.19
CA ARG H 17 6.56 -3.81 -13.98
C ARG H 17 5.88 -2.87 -14.98
N GLU H 18 6.38 -1.65 -15.09
CA GLU H 18 5.82 -0.64 -16.02
C GLU H 18 5.82 -1.21 -17.45
N HIS H 19 6.83 -2.01 -17.81
CA HIS H 19 6.87 -2.64 -19.16
C HIS H 19 5.79 -3.72 -19.28
N ALA H 20 5.66 -4.57 -18.27
CA ALA H 20 4.65 -5.63 -18.24
C ALA H 20 3.25 -5.04 -18.33
N LEU H 21 3.02 -3.86 -17.76
CA LEU H 21 1.72 -3.24 -17.66
C LEU H 21 1.24 -2.71 -19.01
N THR H 22 1.98 -2.96 -20.10
CA THR H 22 1.46 -2.60 -21.40
C THR H 22 0.56 -3.74 -21.91
N SER H 23 0.63 -4.91 -21.27
CA SER H 23 -0.42 -5.91 -21.40
C SER H 23 -1.52 -5.62 -20.37
N GLY H 24 -2.74 -5.37 -20.84
CA GLY H 24 -3.88 -5.20 -19.96
C GLY H 24 -4.16 -6.47 -19.17
N THR H 25 -4.02 -7.61 -19.85
CA THR H 25 -4.21 -8.91 -19.27
C THR H 25 -3.27 -9.08 -18.07
N ILE H 26 -1.98 -8.79 -18.28
CA ILE H 26 -0.97 -8.90 -17.25
C ILE H 26 -1.26 -7.88 -16.14
N LYS H 27 -1.65 -6.66 -16.51
CA LYS H 27 -1.99 -5.62 -15.54
C LYS H 27 -3.04 -6.15 -14.56
N ALA H 28 -4.01 -6.90 -15.09
CA ALA H 28 -5.06 -7.47 -14.27
C ALA H 28 -4.52 -8.64 -13.45
N MET H 29 -3.67 -9.49 -14.05
CA MET H 29 -3.08 -10.62 -13.36
C MET H 29 -2.22 -10.14 -12.18
N LEU H 30 -1.77 -8.88 -12.19
CA LEU H 30 -1.07 -8.24 -11.04
C LEU H 30 -2.08 -7.34 -10.30
N SER H 31 -2.77 -7.93 -9.30
CA SER H 31 -3.74 -7.21 -8.47
C SER H 31 -4.06 -8.01 -7.20
N ASN H 42 3.70 -11.30 -8.23
CA ASN H 42 4.74 -10.70 -9.05
C ASN H 42 5.40 -11.78 -9.92
N GLU H 43 4.68 -12.88 -10.10
CA GLU H 43 5.06 -14.04 -10.86
C GLU H 43 3.81 -14.41 -11.69
N VAL H 44 3.99 -14.80 -12.95
CA VAL H 44 2.85 -15.20 -13.79
C VAL H 44 3.31 -16.34 -14.70
N ASN H 45 2.52 -17.40 -14.77
CA ASN H 45 2.84 -18.56 -15.59
C ASN H 45 2.00 -18.50 -16.87
N PHE H 46 2.58 -18.88 -18.00
CA PHE H 46 1.87 -18.90 -19.27
C PHE H 46 2.04 -20.28 -19.86
N ARG H 47 1.17 -21.22 -19.48
CA ARG H 47 1.38 -22.60 -19.83
C ARG H 47 1.17 -22.84 -21.33
N GLU H 48 0.77 -21.82 -22.12
CA GLU H 48 0.52 -22.03 -23.56
C GLU H 48 1.43 -21.17 -24.46
N ILE H 49 2.29 -20.34 -23.87
CA ILE H 49 3.12 -19.44 -24.65
C ILE H 49 4.58 -19.89 -24.51
N PRO H 50 5.17 -20.48 -25.57
CA PRO H 50 6.55 -20.95 -25.50
C PRO H 50 7.57 -19.78 -25.48
N SER H 51 8.82 -20.11 -25.13
CA SER H 51 9.86 -19.13 -24.84
C SER H 51 10.18 -18.32 -26.09
N HIS H 52 10.12 -18.94 -27.27
CA HIS H 52 10.45 -18.26 -28.53
C HIS H 52 9.40 -17.19 -28.87
N VAL H 53 8.23 -17.27 -28.24
CA VAL H 53 7.16 -16.28 -28.38
C VAL H 53 7.22 -15.26 -27.23
N LEU H 54 7.36 -15.75 -25.98
CA LEU H 54 7.25 -14.87 -24.83
C LEU H 54 8.45 -13.90 -24.80
N SER H 55 9.59 -14.36 -25.32
CA SER H 55 10.78 -13.52 -25.42
C SER H 55 10.47 -12.33 -26.33
N LYS H 56 9.82 -12.59 -27.47
CA LYS H 56 9.44 -11.54 -28.40
C LYS H 56 8.45 -10.59 -27.76
N VAL H 57 7.47 -11.13 -27.01
CA VAL H 57 6.48 -10.30 -26.34
C VAL H 57 7.22 -9.29 -25.46
N CYS H 58 8.25 -9.75 -24.75
CA CYS H 58 8.96 -8.90 -23.80
C CYS H 58 9.70 -7.81 -24.58
N MET H 59 10.26 -8.19 -25.74
CA MET H 59 10.95 -7.24 -26.58
C MET H 59 9.95 -6.18 -27.05
N TYR H 60 8.69 -6.60 -27.28
CA TYR H 60 7.66 -5.69 -27.71
C TYR H 60 7.36 -4.66 -26.61
N PHE H 61 7.31 -5.11 -25.35
CA PHE H 61 7.09 -4.20 -24.26
C PHE H 61 8.17 -3.12 -24.26
N THR H 62 9.44 -3.54 -24.39
CA THR H 62 10.54 -2.59 -24.37
C THR H 62 10.30 -1.54 -25.47
N TYR H 63 9.97 -2.07 -26.65
CA TYR H 63 9.73 -1.30 -27.87
C TYR H 63 8.60 -0.30 -27.68
N LYS H 64 7.48 -0.79 -27.14
CA LYS H 64 6.30 0.03 -26.93
C LYS H 64 6.65 1.18 -25.97
N VAL H 65 7.31 0.87 -24.87
CA VAL H 65 7.57 1.89 -23.85
C VAL H 65 8.60 2.90 -24.33
N ARG H 66 9.58 2.45 -25.14
CA ARG H 66 10.58 3.39 -25.62
C ARG H 66 9.94 4.35 -26.61
N TYR H 67 9.10 3.83 -27.52
CA TYR H 67 8.74 4.60 -28.72
C TYR H 67 7.35 5.26 -28.62
N THR H 68 6.52 4.86 -27.65
CA THR H 68 5.21 5.49 -27.48
C THR H 68 5.43 6.93 -27.00
N ASN H 69 4.86 7.89 -27.75
CA ASN H 69 4.90 9.35 -27.47
C ASN H 69 6.31 9.90 -27.71
N SER H 70 6.94 9.44 -28.80
CA SER H 70 8.29 9.87 -29.17
C SER H 70 8.27 10.43 -30.60
N SER H 71 8.98 11.54 -30.80
CA SER H 71 9.12 12.20 -32.12
C SER H 71 10.28 11.60 -32.91
N THR H 72 11.28 11.05 -32.18
CA THR H 72 12.36 10.31 -32.85
C THR H 72 11.71 9.22 -33.74
N GLU H 73 12.35 8.95 -34.88
CA GLU H 73 11.80 8.08 -35.88
C GLU H 73 11.64 6.69 -35.25
N ILE H 74 10.54 6.03 -35.56
CA ILE H 74 10.16 4.76 -34.99
C ILE H 74 10.51 3.65 -35.98
N PRO H 75 11.33 2.65 -35.60
CA PRO H 75 11.65 1.53 -36.49
C PRO H 75 10.56 0.46 -36.46
N GLU H 76 10.61 -0.42 -37.46
CA GLU H 76 9.72 -1.53 -37.56
C GLU H 76 9.95 -2.47 -36.37
N PHE H 77 8.87 -3.03 -35.84
CA PHE H 77 8.98 -4.18 -34.97
C PHE H 77 9.07 -5.45 -35.80
N PRO H 78 10.20 -6.17 -35.79
CA PRO H 78 10.40 -7.31 -36.67
C PRO H 78 9.83 -8.58 -36.03
N ILE H 79 9.26 -9.43 -36.89
CA ILE H 79 8.65 -10.68 -36.55
C ILE H 79 9.05 -11.69 -37.63
N ALA H 80 9.79 -12.70 -37.23
CA ALA H 80 10.15 -13.76 -38.16
C ALA H 80 8.89 -14.49 -38.58
N PRO H 81 8.79 -14.96 -39.84
CA PRO H 81 7.62 -15.72 -40.29
C PRO H 81 7.26 -16.91 -39.37
N GLU H 82 8.28 -17.56 -38.80
CA GLU H 82 8.14 -18.86 -38.12
C GLU H 82 7.34 -18.70 -36.83
N ILE H 83 7.30 -17.50 -36.24
CA ILE H 83 6.71 -17.28 -34.93
C ILE H 83 5.44 -16.44 -35.05
N ALA H 84 5.12 -15.99 -36.27
CA ALA H 84 4.04 -15.02 -36.48
C ALA H 84 2.71 -15.57 -35.96
N LEU H 85 2.38 -16.81 -36.31
CA LEU H 85 1.08 -17.38 -35.88
C LEU H 85 0.98 -17.37 -34.36
N GLU H 86 2.01 -17.92 -33.69
CA GLU H 86 1.97 -18.05 -32.25
C GLU H 86 1.95 -16.66 -31.60
N LEU H 87 2.77 -15.76 -32.13
CA LEU H 87 2.86 -14.44 -31.56
C LEU H 87 1.50 -13.74 -31.68
N LEU H 88 0.81 -13.97 -32.80
CA LEU H 88 -0.56 -13.44 -32.98
C LEU H 88 -1.47 -13.89 -31.83
N MET H 89 -1.48 -15.21 -31.58
CA MET H 89 -2.32 -15.79 -30.54
C MET H 89 -1.96 -15.20 -29.16
N ALA H 90 -0.66 -15.10 -28.88
CA ALA H 90 -0.20 -14.56 -27.61
C ALA H 90 -0.63 -13.10 -27.48
N ALA H 91 -0.39 -12.32 -28.56
CA ALA H 91 -0.74 -10.91 -28.58
C ALA H 91 -2.23 -10.74 -28.28
N ASN H 92 -3.05 -11.58 -28.92
CA ASN H 92 -4.49 -11.53 -28.75
C ASN H 92 -4.86 -11.73 -27.26
N PHE H 93 -4.30 -12.78 -26.63
CA PHE H 93 -4.62 -13.11 -25.25
C PHE H 93 -4.17 -11.98 -24.30
N LEU H 94 -2.95 -11.48 -24.55
CA LEU H 94 -2.35 -10.38 -23.77
C LEU H 94 -2.93 -9.09 -24.38
N ASP H 95 -3.32 -8.08 -23.64
CA ASP H 95 -4.14 -7.12 -24.41
C ASP H 95 -3.22 -6.09 -25.06
N CYS H 96 -2.39 -6.49 -26.03
CA CYS H 96 -1.29 -5.59 -26.38
C CYS H 96 -0.95 -5.59 -27.89
N PRO I 24 -20.50 15.77 -46.13
CA PRO I 24 -19.39 14.95 -45.59
C PRO I 24 -18.49 15.77 -44.63
N VAL I 25 -18.29 15.26 -43.41
CA VAL I 25 -17.58 16.01 -42.34
C VAL I 25 -16.07 16.08 -42.65
N LEU I 26 -15.48 14.99 -43.17
CA LEU I 26 -14.02 14.94 -43.47
C LEU I 26 -13.80 15.17 -44.97
N ARG I 27 -13.55 16.43 -45.31
CA ARG I 27 -13.29 16.83 -46.68
C ARG I 27 -12.30 18.00 -46.66
N SER I 28 -11.61 18.20 -47.79
CA SER I 28 -10.84 19.40 -47.99
C SER I 28 -11.80 20.58 -48.19
N VAL I 29 -11.43 21.72 -47.60
CA VAL I 29 -11.99 23.02 -47.93
C VAL I 29 -11.39 23.49 -49.27
N ASN I 30 -12.21 24.02 -50.18
CA ASN I 30 -11.74 24.56 -51.47
C ASN I 30 -11.33 26.02 -51.27
N SER I 31 -10.15 26.22 -50.65
CA SER I 31 -9.70 27.53 -50.16
C SER I 31 -9.10 28.37 -51.28
N ARG I 32 -8.53 27.67 -52.29
CA ARG I 32 -7.82 28.26 -53.44
C ARG I 32 -6.57 29.03 -52.94
N GLU I 33 -6.12 28.75 -51.71
CA GLU I 33 -4.98 29.45 -51.07
C GLU I 33 -3.73 28.58 -51.11
N PRO I 34 -2.74 28.82 -52.01
CA PRO I 34 -1.60 27.91 -52.13
C PRO I 34 -0.84 27.77 -50.80
N SER I 35 -0.39 26.54 -50.52
CA SER I 35 0.42 26.23 -49.37
C SER I 35 1.41 25.14 -49.76
N GLN I 36 2.69 25.46 -49.56
CA GLN I 36 3.80 24.61 -49.91
C GLN I 36 4.09 23.71 -48.71
N VAL I 37 4.37 22.43 -48.97
CA VAL I 37 4.51 21.42 -47.91
C VAL I 37 5.63 20.43 -48.29
N ILE I 38 6.32 19.91 -47.29
CA ILE I 38 7.27 18.86 -47.49
C ILE I 38 6.72 17.58 -46.86
N PHE I 39 6.52 16.57 -47.70
CA PHE I 39 6.18 15.25 -47.27
C PHE I 39 7.47 14.47 -47.04
N CYS I 40 7.81 14.21 -45.77
CA CYS I 40 9.01 13.47 -45.39
C CYS I 40 8.59 12.08 -44.91
N ASN I 41 8.95 11.06 -45.69
CA ASN I 41 8.72 9.67 -45.36
C ASN I 41 9.82 9.18 -44.40
N ARG I 42 9.60 9.38 -43.09
CA ARG I 42 10.47 8.89 -42.05
C ARG I 42 10.01 7.51 -41.56
N SER I 43 9.67 6.64 -42.50
CA SER I 43 9.14 5.34 -42.19
C SER I 43 9.86 4.35 -43.09
N PRO I 44 9.86 3.05 -42.76
CA PRO I 44 10.42 2.03 -43.65
C PRO I 44 9.44 1.49 -44.69
N ARG I 45 8.27 2.12 -44.83
CA ARG I 45 7.28 1.69 -45.79
C ARG I 45 7.29 2.63 -46.99
N VAL I 46 6.90 2.07 -48.15
CA VAL I 46 6.48 2.83 -49.29
C VAL I 46 5.18 3.51 -48.89
N VAL I 47 5.16 4.85 -48.94
CA VAL I 47 4.04 5.65 -48.45
C VAL I 47 3.18 6.06 -49.64
N LEU I 48 1.87 5.90 -49.45
CA LEU I 48 0.84 6.37 -50.36
C LEU I 48 0.17 7.57 -49.71
N PRO I 49 0.42 8.80 -50.23
CA PRO I 49 -0.28 10.01 -49.78
C PRO I 49 -1.70 9.98 -50.37
N VAL I 50 -2.66 10.42 -49.56
CA VAL I 50 -4.06 10.40 -49.93
C VAL I 50 -4.65 11.75 -49.57
N TRP I 51 -5.23 12.38 -50.61
CA TRP I 51 -5.87 13.66 -50.47
C TRP I 51 -7.38 13.43 -50.41
N LEU I 52 -8.03 14.04 -49.41
CA LEU I 52 -9.47 13.99 -49.34
C LEU I 52 -10.02 15.15 -50.18
N ASN I 53 -10.70 14.81 -51.27
CA ASN I 53 -11.24 15.79 -52.20
C ASN I 53 -12.42 16.50 -51.52
N PHE I 54 -13.05 17.41 -52.27
CA PHE I 54 -14.06 18.31 -51.75
C PHE I 54 -15.35 17.58 -51.37
N ASP I 55 -15.55 16.39 -51.97
CA ASP I 55 -16.68 15.50 -51.65
C ASP I 55 -16.30 14.52 -50.53
N GLY I 56 -15.03 14.49 -50.12
CA GLY I 56 -14.54 13.64 -49.03
C GLY I 56 -13.93 12.35 -49.56
N GLU I 57 -13.86 12.20 -50.89
CA GLU I 57 -13.43 10.96 -51.51
C GLU I 57 -11.91 10.91 -51.46
N PRO I 58 -11.30 9.79 -51.01
CA PRO I 58 -9.85 9.69 -50.96
C PRO I 58 -9.30 9.65 -52.39
N GLN I 59 -8.24 10.43 -52.63
CA GLN I 59 -7.59 10.47 -53.92
C GLN I 59 -6.12 10.13 -53.73
N PRO I 60 -5.64 9.04 -54.36
CA PRO I 60 -4.24 8.65 -54.28
C PRO I 60 -3.32 9.55 -55.12
N TYR I 61 -2.15 9.90 -54.55
CA TYR I 61 -1.07 10.67 -55.18
C TYR I 61 0.17 9.78 -55.28
N PRO I 62 1.25 10.20 -55.97
CA PRO I 62 2.42 9.34 -56.17
C PRO I 62 3.10 8.91 -54.87
N THR I 63 3.70 7.72 -54.90
CA THR I 63 4.22 7.07 -53.71
C THR I 63 5.61 7.63 -53.39
N LEU I 64 5.94 7.70 -52.09
CA LEU I 64 7.26 8.05 -51.61
C LEU I 64 7.97 6.79 -51.14
N PRO I 65 9.10 6.39 -51.78
CA PRO I 65 9.89 5.28 -51.24
C PRO I 65 10.38 5.59 -49.82
N PRO I 66 10.75 4.57 -49.03
CA PRO I 66 11.25 4.76 -47.67
C PRO I 66 12.43 5.74 -47.65
N GLY I 67 12.41 6.69 -46.70
CA GLY I 67 13.55 7.59 -46.46
C GLY I 67 13.53 8.88 -47.28
N THR I 68 12.58 9.02 -48.21
CA THR I 68 12.59 10.09 -49.20
C THR I 68 11.59 11.19 -48.82
N GLY I 69 11.74 12.34 -49.49
CA GLY I 69 10.91 13.51 -49.29
C GLY I 69 10.51 14.11 -50.62
N ARG I 70 9.43 14.88 -50.63
CA ARG I 70 8.98 15.63 -51.82
C ARG I 70 8.43 16.98 -51.35
N ARG I 71 8.80 18.05 -52.07
CA ARG I 71 8.16 19.35 -51.91
C ARG I 71 6.92 19.37 -52.79
N ILE I 72 5.79 19.75 -52.18
CA ILE I 72 4.41 19.52 -52.61
C ILE I 72 3.69 20.86 -52.57
N HIS I 73 2.95 21.14 -53.66
CA HIS I 73 2.06 22.27 -53.77
C HIS I 73 0.65 21.79 -53.43
N SER I 74 0.13 22.28 -52.30
CA SER I 74 -1.24 22.01 -51.87
C SER I 74 -1.91 23.35 -51.54
N TYR I 75 -2.96 23.32 -50.73
CA TYR I 75 -3.76 24.50 -50.42
C TYR I 75 -4.20 24.44 -48.97
N ARG I 76 -4.38 25.59 -48.32
CA ARG I 76 -4.76 25.63 -46.93
C ARG I 76 -6.12 24.94 -46.80
N GLY I 77 -6.33 24.20 -45.70
CA GLY I 77 -7.61 23.54 -45.42
C GLY I 77 -7.79 22.22 -46.16
N HIS I 78 -6.80 21.82 -46.97
CA HIS I 78 -6.81 20.49 -47.60
C HIS I 78 -6.41 19.40 -46.58
N LEU I 79 -7.03 18.22 -46.70
CA LEU I 79 -6.82 17.11 -45.79
C LEU I 79 -6.03 16.03 -46.50
N TRP I 80 -4.98 15.56 -45.81
CA TRP I 80 -4.16 14.47 -46.29
C TRP I 80 -4.06 13.40 -45.21
N LEU I 81 -3.96 12.16 -45.66
CA LEU I 81 -3.55 11.08 -44.74
C LEU I 81 -2.60 10.20 -45.53
N PHE I 82 -1.98 9.23 -44.83
CA PHE I 82 -0.84 8.49 -45.37
C PHE I 82 -0.96 7.04 -44.95
N ARG I 83 -0.62 6.15 -45.89
CA ARG I 83 -0.85 4.72 -45.72
C ARG I 83 0.32 3.98 -46.37
N ASP I 84 0.57 2.74 -45.94
CA ASP I 84 1.44 1.82 -46.66
C ASP I 84 0.83 1.56 -48.03
N ALA I 85 1.59 1.79 -49.10
CA ALA I 85 1.10 1.72 -50.48
C ALA I 85 0.74 0.28 -50.90
N GLY I 86 1.28 -0.70 -50.22
CA GLY I 86 1.06 -2.10 -50.62
C GLY I 86 -0.06 -2.75 -49.80
N THR I 87 -0.13 -2.41 -48.51
CA THR I 87 -1.00 -3.12 -47.54
C THR I 87 -2.08 -2.19 -46.98
N HIS I 88 -1.95 -0.88 -47.17
CA HIS I 88 -2.90 0.15 -46.69
C HIS I 88 -2.84 0.31 -45.17
N ASP I 89 -1.83 -0.26 -44.49
CA ASP I 89 -1.65 -0.07 -43.04
C ASP I 89 -1.60 1.45 -42.75
N GLY I 90 -2.20 1.87 -41.62
CA GLY I 90 -2.25 3.25 -41.20
C GLY I 90 -0.89 3.76 -40.78
N LEU I 91 -0.54 5.00 -41.20
CA LEU I 91 0.66 5.70 -40.81
C LEU I 91 0.26 6.98 -40.12
N LEU I 92 1.16 7.55 -39.34
CA LEU I 92 0.94 8.82 -38.69
C LEU I 92 1.61 9.92 -39.53
N VAL I 93 1.16 11.15 -39.31
CA VAL I 93 1.74 12.31 -39.88
C VAL I 93 1.70 13.42 -38.83
N ASN I 94 2.86 13.98 -38.54
CA ASN I 94 3.06 14.83 -37.37
C ASN I 94 2.35 14.20 -36.18
N GLN I 95 2.54 12.89 -36.01
CA GLN I 95 2.09 12.11 -34.84
C GLN I 95 0.57 12.01 -34.74
N THR I 96 -0.16 12.30 -35.82
CA THR I 96 -1.60 12.17 -35.82
C THR I 96 -2.07 11.60 -37.16
N GLU I 97 -3.39 11.56 -37.35
CA GLU I 97 -4.06 10.81 -38.42
C GLU I 97 -4.09 11.65 -39.70
N LEU I 98 -4.36 12.95 -39.55
CA LEU I 98 -4.62 13.85 -40.65
C LEU I 98 -3.63 15.02 -40.65
N PHE I 99 -3.21 15.41 -41.85
CA PHE I 99 -2.41 16.59 -42.07
C PHE I 99 -3.18 17.63 -42.87
N VAL I 100 -3.19 18.87 -42.35
CA VAL I 100 -3.86 20.03 -42.93
C VAL I 100 -2.82 21.12 -43.16
N PRO I 101 -2.45 21.43 -44.42
CA PRO I 101 -1.53 22.53 -44.71
C PRO I 101 -2.03 23.82 -44.04
N SER I 102 -1.13 24.53 -43.36
CA SER I 102 -1.41 25.86 -42.82
C SER I 102 -0.76 26.93 -43.72
N LEU I 103 -0.87 28.21 -43.31
CA LEU I 103 -0.22 29.33 -43.92
C LEU I 103 1.32 29.18 -43.83
N ASN I 104 2.01 29.42 -44.95
CA ASN I 104 3.47 29.54 -45.00
C ASN I 104 3.87 30.93 -44.44
N VAL I 105 4.73 30.97 -43.43
CA VAL I 105 5.26 32.22 -42.87
C VAL I 105 6.58 32.56 -43.60
N ASP I 106 6.59 33.72 -44.28
CA ASP I 106 7.51 34.13 -45.39
C ASP I 106 8.13 32.91 -46.10
N GLY I 107 7.30 32.22 -46.89
CA GLY I 107 7.73 31.23 -47.90
C GLY I 107 8.41 30.00 -47.30
N GLN I 108 8.16 29.76 -46.00
CA GLN I 108 8.69 28.58 -45.29
C GLN I 108 7.74 27.40 -45.50
N PRO I 109 8.18 26.30 -46.17
CA PRO I 109 7.35 25.10 -46.28
C PRO I 109 7.02 24.52 -44.90
N ILE I 110 5.81 23.94 -44.77
CA ILE I 110 5.42 23.22 -43.55
C ILE I 110 5.88 21.77 -43.70
N PHE I 111 6.37 21.19 -42.61
CA PHE I 111 6.85 19.81 -42.63
C PHE I 111 5.71 18.86 -42.25
N ALA I 112 5.59 17.78 -43.01
CA ALA I 112 4.68 16.69 -42.74
C ALA I 112 5.48 15.41 -42.57
N ASN I 113 5.81 15.09 -41.32
CA ASN I 113 6.65 13.97 -40.98
C ASN I 113 5.78 12.71 -40.86
N ILE I 114 5.95 11.81 -41.81
CA ILE I 114 5.24 10.59 -41.91
C ILE I 114 6.06 9.52 -41.19
N THR I 115 5.47 8.86 -40.19
CA THR I 115 6.16 7.87 -39.36
C THR I 115 5.28 6.63 -39.15
N LEU I 116 5.90 5.51 -38.76
CA LEU I 116 5.15 4.39 -38.26
C LEU I 116 4.49 4.83 -36.97
N PRO I 117 3.24 4.38 -36.73
CA PRO I 117 2.68 4.39 -35.37
C PRO I 117 3.36 3.25 -34.61
N VAL I 118 3.23 3.27 -33.29
CA VAL I 118 3.52 2.11 -32.50
C VAL I 118 2.30 1.20 -32.61
N TYR I 119 2.30 0.30 -33.59
CA TYR I 119 1.23 -0.61 -33.72
C TYR I 119 1.15 -1.44 -32.44
N THR I 120 -0.06 -1.91 -32.11
CA THR I 120 -0.22 -2.99 -31.16
C THR I 120 0.53 -4.18 -31.73
N LEU I 121 1.02 -5.04 -30.82
CA LEU I 121 1.64 -6.28 -31.22
C LEU I 121 0.63 -7.12 -32.00
N LYS I 122 -0.63 -7.12 -31.58
CA LYS I 122 -1.65 -7.90 -32.31
C LYS I 122 -1.70 -7.44 -33.77
N GLU I 123 -1.80 -6.12 -33.98
CA GLU I 123 -1.95 -5.60 -35.35
C GLU I 123 -0.67 -5.88 -36.15
N ARG I 124 0.51 -5.81 -35.51
CA ARG I 124 1.74 -6.01 -36.24
C ARG I 124 1.84 -7.48 -36.69
N CYS I 125 1.48 -8.40 -35.78
CA CYS I 125 1.38 -9.80 -36.12
C CYS I 125 0.42 -9.99 -37.30
N LEU I 126 -0.76 -9.37 -37.23
CA LEU I 126 -1.72 -9.52 -38.32
C LEU I 126 -1.07 -9.10 -39.65
N GLN I 127 -0.32 -7.97 -39.64
CA GLN I 127 0.29 -7.42 -40.88
C GLN I 127 1.22 -8.46 -41.50
N VAL I 128 2.01 -9.12 -40.65
CA VAL I 128 3.02 -10.06 -41.11
C VAL I 128 2.34 -11.32 -41.64
N VAL I 129 1.32 -11.78 -40.92
CA VAL I 129 0.60 -12.98 -41.34
C VAL I 129 -0.09 -12.67 -42.68
N ARG I 130 -0.78 -11.53 -42.78
CA ARG I 130 -1.44 -11.11 -44.06
C ARG I 130 -0.41 -11.17 -45.19
N SER I 131 0.80 -10.66 -44.92
CA SER I 131 1.85 -10.51 -45.92
C SER I 131 2.43 -11.86 -46.37
N LEU I 132 2.11 -12.96 -45.65
CA LEU I 132 2.70 -14.26 -45.92
C LEU I 132 1.68 -15.27 -46.44
N VAL I 133 0.38 -15.01 -46.25
CA VAL I 133 -0.61 -16.01 -46.62
C VAL I 133 -1.68 -15.38 -47.52
N LYS I 134 -1.96 -16.08 -48.63
CA LYS I 134 -2.95 -15.66 -49.60
C LYS I 134 -4.31 -15.61 -48.91
N PRO I 135 -5.11 -14.53 -49.12
CA PRO I 135 -6.41 -14.39 -48.44
C PRO I 135 -7.35 -15.60 -48.52
N GLU I 136 -7.23 -16.45 -49.55
CA GLU I 136 -8.11 -17.62 -49.70
C GLU I 136 -7.65 -18.78 -48.80
N ASN I 137 -6.49 -18.62 -48.13
CA ASN I 137 -5.89 -19.67 -47.29
C ASN I 137 -5.99 -19.32 -45.79
N TYR I 138 -6.50 -18.11 -45.46
CA TYR I 138 -6.63 -17.71 -44.05
C TYR I 138 -7.38 -18.79 -43.26
N ARG I 139 -8.39 -19.40 -43.89
CA ARG I 139 -9.30 -20.38 -43.26
C ARG I 139 -8.55 -21.67 -42.88
N ARG I 140 -7.35 -21.87 -43.44
CA ARG I 140 -6.56 -23.10 -43.24
C ARG I 140 -5.49 -22.89 -42.15
N LEU I 141 -5.46 -21.70 -41.53
CA LEU I 141 -4.59 -21.44 -40.38
C LEU I 141 -5.22 -22.02 -39.11
N ASP I 142 -4.39 -22.67 -38.29
CA ASP I 142 -4.89 -23.32 -37.08
C ASP I 142 -5.02 -22.27 -35.96
N ILE I 143 -6.04 -21.42 -36.08
CA ILE I 143 -6.25 -20.31 -35.15
C ILE I 143 -7.74 -20.23 -34.82
N VAL I 144 -8.05 -19.59 -33.70
CA VAL I 144 -9.44 -19.45 -33.28
C VAL I 144 -10.17 -18.60 -34.32
N ARG I 145 -11.49 -18.83 -34.43
CA ARG I 145 -12.33 -18.21 -35.44
C ARG I 145 -12.10 -16.69 -35.47
N SER I 146 -12.11 -16.04 -34.31
CA SER I 146 -12.14 -14.57 -34.24
C SER I 146 -10.87 -13.95 -34.83
N LEU I 147 -9.79 -14.73 -34.89
CA LEU I 147 -8.55 -14.28 -35.51
C LEU I 147 -8.64 -14.38 -37.04
N TYR I 148 -9.36 -15.38 -37.59
CA TYR I 148 -9.61 -15.41 -39.05
C TYR I 148 -10.23 -14.07 -39.44
N GLU I 149 -11.23 -13.64 -38.68
CA GLU I 149 -12.01 -12.47 -39.03
C GLU I 149 -11.14 -11.22 -38.92
N ASP I 150 -10.31 -11.15 -37.87
CA ASP I 150 -9.38 -10.07 -37.62
C ASP I 150 -8.41 -9.93 -38.82
N LEU I 151 -7.96 -11.07 -39.38
CA LEU I 151 -7.10 -11.12 -40.57
C LEU I 151 -7.84 -10.55 -41.79
N GLU I 152 -9.11 -10.96 -41.94
CA GLU I 152 -9.92 -10.68 -43.15
C GLU I 152 -10.21 -9.19 -43.23
N ASP I 153 -10.33 -8.54 -42.07
CA ASP I 153 -10.66 -7.15 -41.94
C ASP I 153 -9.40 -6.32 -42.29
N HIS I 154 -9.09 -6.29 -43.59
CA HIS I 154 -7.93 -5.59 -44.14
C HIS I 154 -8.01 -4.12 -43.78
N PRO I 155 -6.87 -3.43 -43.51
CA PRO I 155 -6.93 -2.01 -43.25
C PRO I 155 -7.51 -1.35 -44.52
N ASN I 156 -8.31 -0.32 -44.30
CA ASN I 156 -9.17 0.18 -45.31
C ASN I 156 -9.40 1.67 -45.05
N VAL I 157 -9.10 2.50 -46.05
CA VAL I 157 -9.16 3.95 -45.85
C VAL I 157 -10.60 4.40 -45.56
N GLN I 158 -11.56 3.92 -46.37
CA GLN I 158 -12.93 4.40 -46.25
C GLN I 158 -13.42 4.07 -44.82
N LYS I 159 -13.09 2.87 -44.33
CA LYS I 159 -13.46 2.47 -42.97
C LYS I 159 -12.85 3.40 -41.92
N ASP I 160 -11.52 3.63 -42.00
CA ASP I 160 -10.83 4.53 -41.07
C ASP I 160 -11.55 5.89 -41.04
N LEU I 161 -11.97 6.37 -42.21
CA LEU I 161 -12.65 7.67 -42.32
C LEU I 161 -14.05 7.62 -41.68
N GLU I 162 -14.78 6.50 -41.80
CA GLU I 162 -16.05 6.31 -41.07
C GLU I 162 -15.75 6.35 -39.56
N ARG I 163 -14.68 5.65 -39.14
CA ARG I 163 -14.24 5.57 -37.73
C ARG I 163 -13.97 6.98 -37.19
N LEU I 164 -13.10 7.72 -37.88
CA LEU I 164 -12.68 9.08 -37.50
C LEU I 164 -13.89 10.02 -37.44
N THR I 165 -14.83 9.88 -38.40
CA THR I 165 -16.00 10.76 -38.50
C THR I 165 -16.91 10.57 -37.26
N GLN I 166 -17.04 9.32 -36.77
CA GLN I 166 -17.93 9.01 -35.66
C GLN I 166 -17.33 9.46 -34.32
N GLU I 167 -15.99 9.44 -34.22
CA GLU I 167 -15.27 9.82 -32.98
C GLU I 167 -15.43 11.32 -32.74
N ARG I 168 -15.48 12.10 -33.84
CA ARG I 168 -15.56 13.59 -33.80
C ARG I 168 -16.86 14.03 -33.12
N ILE I 169 -17.93 13.23 -33.31
CA ILE I 169 -19.23 13.48 -32.67
C ILE I 169 -19.11 13.11 -31.18
N ALA I 170 -18.69 11.85 -30.91
CA ALA I 170 -18.48 11.31 -29.54
C ALA I 170 -17.35 12.07 -28.83
N MET J 1 24.63 43.17 7.17
CA MET J 1 24.03 42.17 6.26
C MET J 1 23.69 40.92 7.08
N ASP J 2 22.43 40.50 6.99
CA ASP J 2 21.97 39.32 7.69
C ASP J 2 22.36 38.10 6.82
N VAL J 3 22.72 37.02 7.50
CA VAL J 3 22.96 35.74 6.91
C VAL J 3 22.07 34.73 7.64
N PHE J 4 21.53 33.76 6.89
CA PHE J 4 20.50 32.86 7.35
C PHE J 4 21.06 31.44 7.38
N LEU J 5 20.90 30.79 8.56
CA LEU J 5 21.60 29.57 8.88
C LEU J 5 20.66 28.48 9.36
N MET J 6 21.09 27.25 9.13
CA MET J 6 20.64 26.07 9.88
C MET J 6 21.83 25.54 10.68
N ILE J 7 21.73 25.54 11.99
CA ILE J 7 22.74 24.93 12.86
C ILE J 7 22.27 23.52 13.18
N ARG J 8 23.06 22.52 12.81
CA ARG J 8 22.57 21.16 12.74
C ARG J 8 23.47 20.22 13.52
N ARG J 9 22.84 19.41 14.37
CA ARG J 9 23.47 18.38 15.13
C ARG J 9 22.53 17.18 15.21
N HIS J 10 23.02 16.01 14.80
CA HIS J 10 22.27 14.75 14.85
C HIS J 10 20.93 14.97 14.12
N LYS J 11 19.81 14.97 14.86
CA LYS J 11 18.48 15.20 14.33
C LYS J 11 17.92 16.54 14.84
N THR J 12 18.78 17.41 15.37
CA THR J 12 18.42 18.76 15.77
C THR J 12 18.84 19.73 14.63
N THR J 13 18.00 20.73 14.36
CA THR J 13 18.27 21.79 13.39
C THR J 13 17.69 23.11 13.89
N ILE J 14 18.56 24.10 14.11
CA ILE J 14 18.13 25.43 14.53
C ILE J 14 18.14 26.33 13.29
N PHE J 15 17.03 27.03 13.04
CA PHE J 15 16.97 28.12 12.06
C PHE J 15 17.16 29.43 12.81
N THR J 16 18.25 30.14 12.49
CA THR J 16 18.42 31.47 12.97
C THR J 16 19.18 32.29 11.93
N ASP J 17 19.19 33.60 12.16
CA ASP J 17 19.96 34.53 11.41
C ASP J 17 21.02 35.15 12.32
N ALA J 18 22.04 35.77 11.72
CA ALA J 18 23.08 36.54 12.41
C ALA J 18 23.67 37.55 11.43
N LYS J 19 24.46 38.49 11.92
CA LYS J 19 25.14 39.44 11.07
C LYS J 19 26.39 38.78 10.47
N GLU J 20 26.70 39.16 9.24
CA GLU J 20 27.89 38.71 8.55
C GLU J 20 29.12 39.08 9.39
N SER J 21 29.06 40.22 10.10
CA SER J 21 30.22 40.72 10.87
C SER J 21 30.27 40.11 12.28
N SER J 22 29.20 39.39 12.69
CA SER J 22 29.18 38.68 13.98
C SER J 22 30.12 37.47 13.93
N THR J 23 30.43 36.91 15.10
CA THR J 23 31.49 35.93 15.27
C THR J 23 30.92 34.53 15.52
N VAL J 24 31.75 33.53 15.24
CA VAL J 24 31.49 32.14 15.58
C VAL J 24 31.19 32.02 17.08
N PHE J 25 31.94 32.74 17.94
CA PHE J 25 31.63 32.72 19.37
C PHE J 25 30.19 33.19 19.64
N GLU J 26 29.81 34.30 18.99
CA GLU J 26 28.49 34.93 19.21
C GLU J 26 27.37 33.95 18.83
N LEU J 27 27.66 33.06 17.87
CA LEU J 27 26.69 32.07 17.41
C LEU J 27 26.52 30.96 18.44
N LYS J 28 27.65 30.58 19.05
CA LYS J 28 27.65 29.56 20.08
C LYS J 28 26.82 30.06 21.26
N ARG J 29 26.83 31.38 21.52
CA ARG J 29 25.96 32.03 22.54
C ARG J 29 24.48 31.81 22.21
N ILE J 30 24.14 31.95 20.92
CA ILE J 30 22.78 31.72 20.46
C ILE J 30 22.42 30.25 20.71
N VAL J 31 23.29 29.33 20.32
CA VAL J 31 23.06 27.90 20.55
C VAL J 31 22.93 27.61 22.06
N GLU J 32 23.73 28.31 22.88
CA GLU J 32 23.70 28.12 24.32
C GLU J 32 22.30 28.48 24.85
N GLY J 33 21.80 29.65 24.43
CA GLY J 33 20.47 30.11 24.81
C GLY J 33 19.41 29.07 24.55
N ILE J 34 19.58 28.30 23.47
CA ILE J 34 18.54 27.39 22.99
C ILE J 34 18.74 25.99 23.60
N LEU J 35 19.95 25.43 23.51
CA LEU J 35 20.17 24.00 23.79
C LEU J 35 20.82 23.77 25.17
N LYS J 36 21.13 24.87 25.89
CA LYS J 36 21.54 24.86 27.30
C LYS J 36 22.89 24.15 27.46
N ARG J 37 23.80 24.41 26.50
CA ARG J 37 25.16 23.91 26.55
C ARG J 37 26.08 25.09 26.24
N PRO J 38 27.14 25.32 27.05
CA PRO J 38 27.95 26.53 26.92
C PRO J 38 28.98 26.46 25.78
N PRO J 39 29.42 27.62 25.25
CA PRO J 39 30.38 27.67 24.15
C PRO J 39 31.55 26.68 24.17
N ASP J 40 32.18 26.50 25.32
CA ASP J 40 33.40 25.66 25.43
C ASP J 40 33.05 24.16 25.27
N GLU J 41 31.74 23.84 25.26
CA GLU J 41 31.28 22.45 25.07
C GLU J 41 30.78 22.25 23.63
N GLN J 42 30.82 23.30 22.80
CA GLN J 42 30.35 23.27 21.43
C GLN J 42 31.53 23.37 20.48
N ARG J 43 31.51 22.59 19.39
CA ARG J 43 32.32 22.85 18.19
C ARG J 43 31.36 23.14 17.04
N LEU J 44 31.63 24.22 16.28
CA LEU J 44 30.89 24.59 15.10
C LEU J 44 31.75 24.33 13.87
N TYR J 45 31.13 23.84 12.79
CA TYR J 45 31.81 23.46 11.56
C TYR J 45 31.12 24.06 10.32
N LYS J 46 31.91 24.38 9.28
CA LYS J 46 31.43 24.51 7.94
C LYS J 46 31.99 23.34 7.13
N ASP J 47 31.09 22.45 6.72
CA ASP J 47 31.44 21.17 6.16
C ASP J 47 32.20 20.39 7.24
N ASP J 48 33.43 19.95 6.94
CA ASP J 48 34.22 19.16 7.88
C ASP J 48 35.23 20.05 8.61
N GLN J 49 35.27 21.34 8.30
CA GLN J 49 36.25 22.26 8.84
C GLN J 49 35.76 22.90 10.14
N LEU J 50 36.58 22.79 11.20
CA LEU J 50 36.31 23.38 12.49
C LEU J 50 36.48 24.91 12.38
N LEU J 51 35.57 25.68 12.98
CA LEU J 51 35.56 27.13 12.89
C LEU J 51 36.10 27.74 14.18
N ASP J 52 36.95 28.76 14.05
CA ASP J 52 37.58 29.44 15.17
C ASP J 52 36.63 30.49 15.75
N ASP J 53 36.56 30.55 17.08
CA ASP J 53 35.64 31.40 17.84
C ASP J 53 35.70 32.87 17.38
N GLY J 54 36.89 33.39 17.07
CA GLY J 54 37.08 34.83 16.81
C GLY J 54 36.88 35.23 15.35
N LYS J 55 36.51 34.28 14.50
CA LYS J 55 36.31 34.54 13.05
C LYS J 55 34.88 35.01 12.82
N THR J 56 34.70 35.95 11.88
CA THR J 56 33.37 36.37 11.52
C THR J 56 32.74 35.31 10.62
N LEU J 57 31.40 35.35 10.55
CA LEU J 57 30.64 34.44 9.76
C LEU J 57 31.04 34.67 8.30
N GLY J 58 31.24 35.93 7.91
CA GLY J 58 31.74 36.32 6.58
C GLY J 58 33.06 35.65 6.24
N GLU J 59 34.01 35.72 7.19
CA GLU J 59 35.31 35.09 7.05
C GLU J 59 35.16 33.57 6.94
N CYS J 60 34.11 33.01 7.55
CA CYS J 60 33.86 31.58 7.54
C CYS J 60 33.10 31.14 6.29
N GLY J 61 32.70 32.09 5.43
CA GLY J 61 32.10 31.79 4.13
C GLY J 61 30.59 31.89 4.12
N PHE J 62 29.98 32.44 5.19
CA PHE J 62 28.54 32.72 5.24
C PHE J 62 28.33 34.18 4.82
N THR J 63 27.63 34.39 3.70
CA THR J 63 27.43 35.67 3.04
C THR J 63 26.00 35.74 2.52
N SER J 64 25.56 36.91 2.06
CA SER J 64 24.24 37.06 1.50
C SER J 64 24.08 36.14 0.29
N GLN J 65 25.18 35.84 -0.41
CA GLN J 65 25.07 34.99 -1.57
C GLN J 65 24.87 33.53 -1.18
N THR J 66 25.40 33.07 -0.04
CA THR J 66 25.42 31.63 0.26
C THR J 66 24.49 31.28 1.43
N ALA J 67 23.86 32.27 2.06
CA ALA J 67 23.15 32.04 3.31
C ALA J 67 21.87 32.85 3.29
N ARG J 68 20.97 32.43 2.42
CA ARG J 68 19.82 33.20 2.04
C ARG J 68 18.63 32.71 2.86
N PRO J 69 17.63 33.56 3.10
CA PRO J 69 16.44 33.16 3.86
C PRO J 69 15.81 31.88 3.32
N GLN J 70 15.55 31.86 2.02
CA GLN J 70 14.90 30.73 1.37
C GLN J 70 15.86 29.58 1.08
N ALA J 71 17.14 29.71 1.45
CA ALA J 71 18.15 28.69 1.16
C ALA J 71 19.32 28.88 2.13
N PRO J 72 19.11 28.57 3.42
CA PRO J 72 20.12 28.85 4.42
C PRO J 72 21.35 27.94 4.33
N ALA J 73 22.48 28.43 4.84
CA ALA J 73 23.70 27.71 4.92
C ALA J 73 23.69 26.85 6.19
N THR J 74 24.32 25.69 6.13
CA THR J 74 24.40 24.78 7.20
C THR J 74 25.67 25.03 8.00
N VAL J 75 25.54 25.06 9.33
CA VAL J 75 26.63 25.01 10.27
C VAL J 75 26.53 23.68 11.05
N GLY J 76 27.61 22.92 11.10
CA GLY J 76 27.69 21.70 11.92
C GLY J 76 27.92 22.04 13.39
N LEU J 77 27.32 21.25 14.28
CA LEU J 77 27.47 21.43 15.72
C LEU J 77 27.78 20.07 16.33
N ALA J 78 28.73 20.08 17.27
CA ALA J 78 29.18 18.89 17.96
C ALA J 78 29.35 19.25 19.44
N PHE J 79 28.85 18.38 20.30
CA PHE J 79 28.89 18.56 21.75
C PHE J 79 30.02 17.75 22.37
N ARG J 80 30.54 18.25 23.50
CA ARG J 80 31.45 17.51 24.37
C ARG J 80 30.61 16.61 25.31
N ALA J 81 30.91 15.30 25.23
CA ALA J 81 30.00 14.20 25.60
C ALA J 81 30.33 13.51 26.93
N ASP J 82 31.53 13.72 27.51
CA ASP J 82 31.96 13.31 28.86
C ASP J 82 33.22 14.13 29.21
N ASP J 83 34.36 13.67 28.65
CA ASP J 83 35.64 14.39 28.68
C ASP J 83 35.94 15.07 27.33
N THR J 84 35.54 14.45 26.20
CA THR J 84 36.01 14.77 24.87
C THR J 84 34.85 14.93 23.88
N PHE J 85 35.11 15.63 22.76
CA PHE J 85 34.11 15.96 21.73
C PHE J 85 33.72 14.70 20.94
N GLU J 86 32.40 14.56 20.72
CA GLU J 86 31.88 13.58 19.78
C GLU J 86 32.28 14.03 18.38
N ALA J 87 32.30 13.07 17.45
CA ALA J 87 32.43 13.37 16.03
C ALA J 87 31.22 14.20 15.57
N LEU J 88 31.44 15.01 14.53
CA LEU J 88 30.38 15.70 13.88
C LEU J 88 29.48 14.68 13.21
N CYS J 89 28.23 14.62 13.65
CA CYS J 89 27.24 13.81 12.99
C CYS J 89 25.97 14.64 12.71
N ILE J 90 25.52 14.59 11.45
CA ILE J 90 24.32 15.24 11.00
C ILE J 90 23.47 14.24 10.23
N GLU J 91 22.32 13.89 10.81
CA GLU J 91 21.40 12.95 10.19
C GLU J 91 20.80 13.60 8.97
N PRO J 92 20.84 12.99 7.77
CA PRO J 92 20.21 13.63 6.60
C PRO J 92 18.70 13.71 6.82
N PHE J 93 18.05 14.62 6.09
CA PHE J 93 16.62 14.67 6.02
C PHE J 93 16.13 13.44 5.24
N SER J 94 14.83 13.15 5.36
CA SER J 94 14.22 12.05 4.63
C SER J 94 14.36 12.29 3.12
N SER J 95 14.32 11.19 2.36
CA SER J 95 14.29 11.21 0.92
C SER J 95 12.88 11.54 0.45
N PRO J 96 12.73 12.41 -0.58
CA PRO J 96 11.42 12.55 -1.23
C PRO J 96 11.03 11.26 -1.97
N PRO J 97 9.74 11.04 -2.25
CA PRO J 97 9.29 9.90 -3.05
C PRO J 97 9.74 10.12 -4.50
N GLU J 98 9.75 9.04 -5.28
CA GLU J 98 10.06 9.14 -6.66
C GLU J 98 9.06 10.13 -7.29
N LEU J 99 9.56 10.89 -8.27
CA LEU J 99 8.75 11.84 -9.01
C LEU J 99 7.63 11.11 -9.76
N PRO J 100 6.34 11.45 -9.54
CA PRO J 100 5.24 10.76 -10.23
C PRO J 100 5.33 10.83 -11.75
N ASP J 101 4.86 9.76 -12.42
CA ASP J 101 4.83 9.65 -13.88
C ASP J 101 4.34 10.96 -14.53
N VAL J 102 3.30 11.57 -13.95
CA VAL J 102 2.61 12.73 -14.54
C VAL J 102 3.42 14.02 -14.42
N MET J 103 4.58 14.01 -13.73
CA MET J 103 5.36 15.23 -13.46
C MET J 103 6.61 15.31 -14.36
N LYS J 104 6.53 14.75 -15.57
CA LYS J 104 7.38 15.22 -16.71
C LYS J 104 6.46 15.57 -17.88
N MET K 1 11.13 32.56 23.19
CA MET K 1 11.55 33.17 21.90
C MET K 1 11.63 32.12 20.80
N TYR K 2 12.02 30.88 21.13
CA TYR K 2 12.12 29.78 20.13
C TYR K 2 11.08 28.68 20.44
N VAL K 3 10.65 27.95 19.42
CA VAL K 3 9.74 26.85 19.55
C VAL K 3 10.31 25.69 18.73
N LYS K 4 9.85 24.46 19.00
CA LYS K 4 10.30 23.26 18.34
C LYS K 4 9.15 22.63 17.53
N LEU K 5 9.45 22.27 16.29
CA LEU K 5 8.55 21.60 15.40
C LEU K 5 9.20 20.27 15.02
N ILE K 6 8.52 19.15 15.26
CA ILE K 6 9.09 17.82 15.12
C ILE K 6 8.43 17.12 13.94
N SER K 7 9.26 16.57 13.06
CA SER K 7 8.81 15.97 11.84
C SER K 7 8.35 14.56 12.15
N SER K 8 7.75 13.92 11.14
CA SER K 8 7.22 12.57 11.23
C SER K 8 8.38 11.60 11.53
N ASP K 9 9.55 11.85 10.91
CA ASP K 9 10.73 11.00 11.02
C ASP K 9 11.63 11.44 12.20
N GLY K 10 11.10 12.28 13.11
CA GLY K 10 11.74 12.61 14.40
C GLY K 10 12.68 13.81 14.37
N HIS K 11 12.91 14.45 13.21
CA HIS K 11 13.80 15.62 13.17
C HIS K 11 13.19 16.76 13.99
N GLU K 12 14.03 17.50 14.72
CA GLU K 12 13.57 18.58 15.61
C GLU K 12 14.04 19.91 15.01
N PHE K 13 13.10 20.74 14.58
CA PHE K 13 13.38 22.02 13.99
C PHE K 13 13.01 23.13 14.98
N ILE K 14 14.01 23.95 15.31
CA ILE K 14 13.85 24.98 16.33
C ILE K 14 13.90 26.32 15.61
N VAL K 15 12.80 27.06 15.69
CA VAL K 15 12.63 28.31 14.96
C VAL K 15 12.12 29.36 15.94
N LYS K 16 12.35 30.64 15.64
CA LYS K 16 11.81 31.73 16.39
C LYS K 16 10.28 31.57 16.44
N ARG K 17 9.68 31.98 17.57
CA ARG K 17 8.25 31.90 17.77
C ARG K 17 7.53 32.75 16.71
N GLU K 18 8.01 34.00 16.53
CA GLU K 18 7.50 34.93 15.55
C GLU K 18 7.49 34.27 14.16
N HIS K 19 8.51 33.47 13.83
CA HIS K 19 8.56 32.78 12.52
C HIS K 19 7.49 31.69 12.42
N ALA K 20 7.36 30.88 13.47
CA ALA K 20 6.38 29.80 13.52
C ALA K 20 4.96 30.36 13.41
N LEU K 21 4.74 31.55 13.96
CA LEU K 21 3.40 32.13 14.03
C LEU K 21 2.92 32.65 12.68
N THR K 22 3.67 32.40 11.58
CA THR K 22 3.13 32.73 10.28
C THR K 22 2.24 31.57 9.80
N SER K 23 2.34 30.41 10.44
CA SER K 23 1.29 29.40 10.33
C SER K 23 0.18 29.68 11.35
N GLY K 24 -1.05 29.93 10.90
CA GLY K 24 -2.20 30.07 11.78
C GLY K 24 -2.45 28.78 12.57
N THR K 25 -2.28 27.64 11.88
CA THR K 25 -2.46 26.35 12.45
C THR K 25 -1.49 26.19 13.64
N ILE K 26 -0.22 26.50 13.43
CA ILE K 26 0.80 26.40 14.47
C ILE K 26 0.48 27.41 15.58
N LYS K 27 0.06 28.62 15.22
CA LYS K 27 -0.28 29.63 16.21
C LYS K 27 -1.32 29.07 17.18
N ALA K 28 -2.27 28.30 16.64
CA ALA K 28 -3.31 27.68 17.46
C ALA K 28 -2.73 26.52 18.28
N MET K 29 -1.87 25.70 17.65
CA MET K 29 -1.24 24.57 18.32
C MET K 29 -0.37 25.06 19.50
N LEU K 30 0.04 26.33 19.49
CA LEU K 30 0.71 26.97 20.65
C LEU K 30 -0.31 27.84 21.41
N SER K 31 -0.97 27.22 22.39
CA SER K 31 -2.05 27.78 23.21
C SER K 31 -2.45 26.75 24.28
N THR K 41 3.80 23.32 25.26
CA THR K 41 3.11 24.36 24.50
C THR K 41 4.15 25.20 23.73
N ASN K 42 5.41 24.75 23.72
CA ASN K 42 6.47 25.32 22.89
C ASN K 42 7.07 24.22 22.01
N GLU K 43 6.30 23.15 21.82
CA GLU K 43 6.70 21.92 21.19
C GLU K 43 5.49 21.49 20.35
N VAL K 44 5.69 21.03 19.11
CA VAL K 44 4.58 20.55 18.28
C VAL K 44 5.08 19.38 17.45
N ASN K 45 4.33 18.28 17.42
CA ASN K 45 4.68 17.11 16.65
C ASN K 45 3.84 17.08 15.38
N PHE K 46 4.41 16.68 14.25
CA PHE K 46 3.71 16.64 12.99
C PHE K 46 3.88 15.24 12.41
N ARG K 47 2.96 14.34 12.75
CA ARG K 47 3.23 12.94 12.53
C ARG K 47 3.06 12.60 11.03
N GLU K 48 2.66 13.54 10.17
CA GLU K 48 2.54 13.21 8.71
C GLU K 48 3.37 14.15 7.82
N ILE K 49 4.21 15.00 8.41
CA ILE K 49 5.07 15.90 7.63
C ILE K 49 6.51 15.46 7.81
N PRO K 50 7.13 14.83 6.81
CA PRO K 50 8.52 14.40 6.93
C PRO K 50 9.51 15.57 6.91
N SER K 51 10.76 15.28 7.30
CA SER K 51 11.79 16.28 7.56
C SER K 51 12.13 17.04 6.26
N HIS K 52 12.08 16.35 5.11
CA HIS K 52 12.43 16.99 3.83
C HIS K 52 11.39 18.06 3.42
N VAL K 53 10.19 17.99 4.02
CA VAL K 53 9.14 18.95 3.83
C VAL K 53 9.16 20.01 4.92
N LEU K 54 9.29 19.60 6.18
CA LEU K 54 9.17 20.53 7.32
C LEU K 54 10.36 21.51 7.32
N SER K 55 11.52 21.03 6.84
CA SER K 55 12.70 21.87 6.74
C SER K 55 12.40 23.02 5.76
N LYS K 56 11.78 22.70 4.62
CA LYS K 56 11.41 23.69 3.63
C LYS K 56 10.38 24.66 4.20
N VAL K 57 9.40 24.13 4.96
CA VAL K 57 8.39 24.97 5.57
C VAL K 57 9.09 26.03 6.41
N CYS K 58 10.09 25.63 7.18
CA CYS K 58 10.78 26.53 8.08
C CYS K 58 11.53 27.58 7.24
N MET K 59 12.12 27.17 6.12
CA MET K 59 12.79 28.08 5.23
C MET K 59 11.78 29.11 4.71
N TYR K 60 10.53 28.68 4.50
CA TYR K 60 9.50 29.57 4.03
C TYR K 60 9.18 30.62 5.10
N PHE K 61 9.12 30.22 6.35
CA PHE K 61 8.89 31.15 7.43
C PHE K 61 9.98 32.22 7.41
N THR K 62 11.24 31.80 7.30
CA THR K 62 12.35 32.75 7.33
C THR K 62 12.14 33.75 6.16
N TYR K 63 11.81 33.20 5.00
CA TYR K 63 11.57 33.93 3.77
C TYR K 63 10.45 34.95 3.92
N LYS K 64 9.31 34.49 4.45
CA LYS K 64 8.13 35.31 4.60
C LYS K 64 8.48 36.49 5.52
N VAL K 65 9.13 36.21 6.66
CA VAL K 65 9.34 37.23 7.66
C VAL K 65 10.41 38.22 7.18
N ARG K 66 11.40 37.76 6.41
CA ARG K 66 12.41 38.69 5.91
C ARG K 66 11.77 39.62 4.89
N TYR K 67 10.95 39.09 3.97
CA TYR K 67 10.59 39.84 2.75
C TYR K 67 9.20 40.49 2.81
N THR K 68 8.35 40.12 3.76
CA THR K 68 7.03 40.75 3.87
C THR K 68 7.22 42.21 4.32
N ASN K 69 6.66 43.15 3.54
CA ASN K 69 6.68 44.61 3.79
C ASN K 69 8.09 45.16 3.55
N SER K 70 8.74 44.68 2.49
CA SER K 70 10.08 45.13 2.12
C SER K 70 10.08 45.65 0.67
N SER K 71 10.79 46.77 0.46
CA SER K 71 10.97 47.42 -0.85
C SER K 71 12.12 46.78 -1.63
N THR K 72 13.10 46.19 -0.91
CA THR K 72 14.10 45.28 -1.46
C THR K 72 13.45 44.36 -2.51
N GLU K 73 14.15 44.12 -3.62
CA GLU K 73 13.67 43.20 -4.62
C GLU K 73 13.55 41.83 -3.96
N ILE K 74 12.48 41.11 -4.27
CA ILE K 74 12.12 39.89 -3.59
C ILE K 74 12.47 38.73 -4.51
N PRO K 75 13.30 37.75 -4.06
CA PRO K 75 13.65 36.60 -4.88
C PRO K 75 12.55 35.54 -4.83
N GLU K 76 12.62 34.64 -5.81
CA GLU K 76 11.72 33.54 -5.90
C GLU K 76 11.93 32.63 -4.69
N PHE K 77 10.84 32.08 -4.15
CA PHE K 77 10.93 30.95 -3.23
C PHE K 77 11.03 29.66 -4.04
N PRO K 78 12.16 28.94 -3.98
CA PRO K 78 12.36 27.81 -4.87
C PRO K 78 11.79 26.53 -4.25
N ILE K 79 11.22 25.71 -5.12
CA ILE K 79 10.63 24.46 -4.76
C ILE K 79 11.02 23.43 -5.83
N ALA K 80 11.82 22.47 -5.40
CA ALA K 80 12.20 21.40 -6.26
C ALA K 80 10.96 20.60 -6.62
N PRO K 81 10.88 20.05 -7.85
CA PRO K 81 9.74 19.22 -8.25
C PRO K 81 9.43 18.08 -7.26
N GLU K 82 10.49 17.51 -6.66
CA GLU K 82 10.41 16.26 -5.90
C GLU K 82 9.58 16.43 -4.62
N ILE K 83 9.48 17.66 -4.10
CA ILE K 83 8.82 17.88 -2.82
C ILE K 83 7.54 18.68 -2.98
N ALA K 84 7.24 19.10 -4.21
CA ALA K 84 6.16 20.06 -4.44
C ALA K 84 4.82 19.50 -3.92
N LEU K 85 4.50 18.24 -4.25
CA LEU K 85 3.22 17.67 -3.80
C LEU K 85 3.12 17.71 -2.28
N GLU K 86 4.14 17.17 -1.60
CA GLU K 86 4.08 17.08 -0.14
C GLU K 86 4.04 18.48 0.47
N LEU K 87 4.85 19.39 -0.08
CA LEU K 87 4.92 20.72 0.45
C LEU K 87 3.55 21.40 0.31
N LEU K 88 2.87 21.12 -0.82
CA LEU K 88 1.50 21.63 -1.04
C LEU K 88 0.58 21.16 0.08
N MET K 89 0.59 19.87 0.36
CA MET K 89 -0.26 19.27 1.41
C MET K 89 0.03 19.92 2.78
N ALA K 90 1.33 20.06 3.09
CA ALA K 90 1.71 20.63 4.33
C ALA K 90 1.28 22.10 4.41
N ALA K 91 1.55 22.85 3.32
CA ALA K 91 1.19 24.25 3.25
C ALA K 91 -0.30 24.43 3.50
N ASN K 92 -1.10 23.56 2.86
CA ASN K 92 -2.55 23.62 2.98
C ASN K 92 -2.95 23.46 4.45
N PHE K 93 -2.41 22.42 5.12
CA PHE K 93 -2.75 22.12 6.51
C PHE K 93 -2.35 23.28 7.44
N LEU K 94 -1.14 23.80 7.21
CA LEU K 94 -0.54 24.84 8.06
C LEU K 94 -1.14 26.23 7.80
N ASP K 95 -1.84 26.39 6.67
CA ASP K 95 -2.49 27.68 6.34
C ASP K 95 -1.43 28.79 6.20
N CYS K 96 -0.48 28.60 5.31
CA CYS K 96 0.59 29.58 5.21
C CYS K 96 1.09 29.68 3.76
N VAL L 25 -16.36 50.31 -12.92
CA VAL L 25 -15.81 51.10 -11.78
C VAL L 25 -14.27 51.03 -11.79
N LEU L 26 -13.67 49.90 -12.19
CA LEU L 26 -12.19 49.85 -12.48
C LEU L 26 -11.93 50.05 -13.97
N ARG L 27 -11.69 51.29 -14.35
CA ARG L 27 -11.43 51.67 -15.71
C ARG L 27 -10.45 52.84 -15.71
N SER L 28 -9.75 52.99 -16.85
CA SER L 28 -8.97 54.19 -17.09
C SER L 28 -9.94 55.35 -17.34
N VAL L 29 -9.59 56.51 -16.78
CA VAL L 29 -10.19 57.79 -17.14
C VAL L 29 -9.53 58.25 -18.46
N ASN L 30 -10.33 58.76 -19.40
CA ASN L 30 -9.86 59.24 -20.71
C ASN L 30 -9.43 60.70 -20.55
N SER L 31 -8.25 60.93 -19.97
CA SER L 31 -7.80 62.27 -19.54
C SER L 31 -7.20 63.07 -20.70
N ARG L 32 -6.62 62.34 -21.65
CA ARG L 32 -5.86 62.88 -22.81
C ARG L 32 -4.64 63.68 -22.33
N GLU L 33 -4.21 63.47 -21.08
CA GLU L 33 -3.10 64.19 -20.45
C GLU L 33 -1.86 63.30 -20.39
N PRO L 34 -0.83 63.51 -21.25
CA PRO L 34 0.32 62.61 -21.30
C PRO L 34 1.00 62.45 -19.93
N SER L 35 1.48 61.23 -19.68
CA SER L 35 2.31 60.93 -18.54
C SER L 35 3.31 59.85 -18.93
N GLN L 36 4.59 60.18 -18.76
CA GLN L 36 5.69 59.32 -19.04
C GLN L 36 5.95 58.43 -17.82
N VAL L 37 6.26 57.16 -18.04
CA VAL L 37 6.39 56.16 -16.98
C VAL L 37 7.50 55.16 -17.33
N ILE L 38 8.17 54.65 -16.31
CA ILE L 38 9.13 53.59 -16.48
C ILE L 38 8.55 52.34 -15.79
N PHE L 39 8.36 51.29 -16.58
CA PHE L 39 8.05 50.00 -16.11
C PHE L 39 9.34 49.23 -15.86
N ASN L 41 10.89 45.92 -14.36
CA ASN L 41 10.62 44.54 -13.99
C ASN L 41 11.71 44.08 -13.01
N ARG L 42 11.48 44.31 -11.72
CA ARG L 42 12.36 43.87 -10.65
C ARG L 42 11.86 42.53 -10.10
N SER L 43 11.50 41.62 -11.00
CA SER L 43 10.99 40.33 -10.68
C SER L 43 11.74 39.33 -11.54
N PRO L 44 11.77 38.04 -11.16
CA PRO L 44 12.35 37.00 -12.01
C PRO L 44 11.40 36.41 -13.05
N ARG L 45 10.22 37.01 -13.23
CA ARG L 45 9.24 36.56 -14.20
C ARG L 45 9.24 37.46 -15.44
N VAL L 46 8.82 36.87 -16.57
CA VAL L 46 8.40 37.60 -17.74
C VAL L 46 7.11 38.31 -17.37
N VAL L 47 7.09 39.64 -17.45
CA VAL L 47 5.96 40.47 -17.00
C VAL L 47 5.12 40.84 -18.22
N LEU L 48 3.80 40.71 -18.04
CA LEU L 48 2.78 41.15 -18.96
C LEU L 48 2.12 42.38 -18.34
N PRO L 49 2.38 43.59 -18.89
CA PRO L 49 1.65 44.79 -18.49
C PRO L 49 0.23 44.76 -19.06
N VAL L 50 -0.73 45.18 -18.26
CA VAL L 50 -2.13 45.14 -18.64
C VAL L 50 -2.75 46.50 -18.32
N TRP L 51 -3.32 47.10 -19.36
CA TRP L 51 -3.96 48.40 -19.29
C TRP L 51 -5.46 48.17 -19.22
N LEU L 52 -6.12 48.80 -18.25
CA LEU L 52 -7.57 48.75 -18.18
C LEU L 52 -8.12 49.86 -19.07
N ASN L 53 -8.81 49.46 -20.15
CA ASN L 53 -9.33 50.39 -21.14
C ASN L 53 -10.52 51.12 -20.51
N PHE L 54 -11.14 51.98 -21.31
CA PHE L 54 -12.15 52.91 -20.82
C PHE L 54 -13.44 52.19 -20.43
N ASP L 55 -13.63 50.96 -20.95
CA ASP L 55 -14.75 50.09 -20.60
C ASP L 55 -14.39 49.17 -19.43
N GLY L 56 -13.12 49.15 -19.04
CA GLY L 56 -12.64 48.31 -17.93
C GLY L 56 -12.11 46.97 -18.38
N GLU L 57 -12.03 46.78 -19.71
CA GLU L 57 -11.53 45.54 -20.31
C GLU L 57 -10.01 45.53 -20.23
N PRO L 58 -9.39 44.43 -19.75
CA PRO L 58 -7.94 44.36 -19.66
C PRO L 58 -7.35 44.31 -21.07
N GLN L 59 -6.29 45.08 -21.32
CA GLN L 59 -5.65 45.10 -22.62
C GLN L 59 -4.17 44.80 -22.45
N PRO L 60 -3.67 43.70 -23.04
CA PRO L 60 -2.27 43.32 -22.91
C PRO L 60 -1.36 44.18 -23.81
N TYR L 61 -0.19 44.55 -23.29
CA TYR L 61 0.89 45.31 -23.92
C TYR L 61 2.14 44.43 -23.94
N PRO L 62 3.21 44.81 -24.66
CA PRO L 62 4.38 43.92 -24.81
C PRO L 62 5.10 43.56 -23.50
N THR L 63 5.69 42.36 -23.49
CA THR L 63 6.24 41.72 -22.32
C THR L 63 7.62 42.28 -21.99
N LEU L 64 7.91 42.36 -20.68
CA LEU L 64 9.21 42.73 -20.16
C LEU L 64 9.93 41.47 -19.67
N PRO L 65 11.06 41.06 -20.27
CA PRO L 65 11.84 39.97 -19.68
C PRO L 65 12.32 40.34 -18.27
N PRO L 66 12.72 39.35 -17.45
CA PRO L 66 13.19 39.61 -16.09
C PRO L 66 14.37 40.58 -16.10
N GLY L 67 14.34 41.55 -15.18
CA GLY L 67 15.48 42.49 -14.99
C GLY L 67 15.60 43.58 -16.05
N THR L 68 14.52 43.84 -16.81
CA THR L 68 14.54 44.85 -17.86
C THR L 68 13.54 45.96 -17.50
N GLY L 69 13.66 47.07 -18.22
CA GLY L 69 12.80 48.23 -18.07
C GLY L 69 12.36 48.76 -19.44
N ARG L 70 11.26 49.51 -19.47
CA ARG L 70 10.81 50.23 -20.65
C ARG L 70 10.26 51.59 -20.25
N ARG L 71 10.65 52.63 -21.01
CA ARG L 71 10.02 53.94 -20.90
C ARG L 71 8.78 53.94 -21.79
N ILE L 72 7.66 54.38 -21.23
CA ILE L 72 6.28 54.17 -21.64
C ILE L 72 5.58 55.53 -21.63
N HIS L 73 4.84 55.80 -22.70
CA HIS L 73 3.95 56.93 -22.84
C HIS L 73 2.53 56.45 -22.50
N SER L 74 1.99 56.94 -21.39
CA SER L 74 0.63 56.70 -20.98
C SER L 74 -0.04 58.04 -20.68
N TYR L 75 -1.08 58.04 -19.86
CA TYR L 75 -1.89 59.23 -19.59
C TYR L 75 -2.33 59.22 -18.13
N ARG L 76 -2.52 60.39 -17.54
CA ARG L 76 -2.94 60.50 -16.16
C ARG L 76 -4.31 59.80 -16.05
N GLY L 77 -4.53 59.10 -14.93
CA GLY L 77 -5.79 58.43 -14.63
C GLY L 77 -5.95 57.09 -15.33
N HIS L 78 -4.95 56.66 -16.11
CA HIS L 78 -4.95 55.31 -16.69
C HIS L 78 -4.54 54.26 -15.65
N LEU L 79 -5.16 53.09 -15.72
CA LEU L 79 -4.93 51.99 -14.76
C LEU L 79 -4.14 50.88 -15.43
N TRP L 80 -3.10 50.43 -14.74
CA TRP L 80 -2.29 49.31 -15.15
C TRP L 80 -2.20 48.28 -14.02
N LEU L 81 -2.07 47.02 -14.40
CA LEU L 81 -1.66 45.98 -13.46
C LEU L 81 -0.70 45.08 -14.23
N PHE L 82 -0.08 44.13 -13.51
CA PHE L 82 1.04 43.38 -14.01
C PHE L 82 0.93 41.93 -13.55
N ARG L 83 1.26 41.01 -14.46
CA ARG L 83 1.05 39.60 -14.27
C ARG L 83 2.23 38.86 -14.91
N ASP L 84 2.52 37.64 -14.44
CA ASP L 84 3.39 36.72 -15.12
C ASP L 84 2.78 36.42 -16.49
N ALA L 85 3.56 36.62 -17.57
CA ALA L 85 3.05 36.53 -18.94
C ALA L 85 2.73 35.09 -19.33
N GLY L 86 3.31 34.12 -18.62
CA GLY L 86 3.11 32.73 -19.00
C GLY L 86 1.99 32.07 -18.20
N THR L 87 1.88 32.44 -16.92
CA THR L 87 1.01 31.73 -15.96
C THR L 87 -0.09 32.66 -15.44
N HIS L 88 0.03 33.96 -15.64
CA HIS L 88 -0.91 35.00 -15.18
C HIS L 88 -0.88 35.17 -13.65
N ASP L 89 0.13 34.64 -12.97
CA ASP L 89 0.30 34.86 -11.50
C ASP L 89 0.28 36.39 -11.25
N GLY L 90 -0.32 36.83 -10.16
CA GLY L 90 -0.38 38.21 -9.74
C GLY L 90 0.99 38.74 -9.33
N LEU L 91 1.34 39.96 -9.79
CA LEU L 91 2.54 40.65 -9.40
C LEU L 91 2.15 41.97 -8.78
N LEU L 92 3.07 42.57 -8.03
CA LEU L 92 2.81 43.84 -7.39
C LEU L 92 3.51 44.92 -8.20
N VAL L 93 3.06 46.16 -8.01
CA VAL L 93 3.64 47.30 -8.64
C VAL L 93 3.60 48.44 -7.62
N ASN L 94 4.78 49.01 -7.34
CA ASN L 94 4.98 49.88 -6.20
C ASN L 94 4.27 49.27 -4.99
N GLN L 95 4.47 47.97 -4.79
CA GLN L 95 4.00 47.19 -3.62
C GLN L 95 2.47 47.13 -3.51
N THR L 96 1.74 47.41 -4.59
CA THR L 96 0.30 47.33 -4.59
C THR L 96 -0.19 46.74 -5.93
N GLU L 97 -1.50 46.74 -6.11
CA GLU L 97 -2.21 45.95 -7.11
C GLU L 97 -2.23 46.69 -8.45
N LEU L 98 -2.49 48.01 -8.37
CA LEU L 98 -2.75 48.86 -9.49
C LEU L 98 -1.76 50.04 -9.51
N PHE L 99 -1.39 50.44 -10.74
CA PHE L 99 -0.55 51.58 -10.99
C PHE L 99 -1.30 52.60 -11.84
N VAL L 100 -1.30 53.86 -11.38
CA VAL L 100 -1.98 55.00 -12.00
C VAL L 100 -0.96 56.11 -12.27
N PRO L 101 -0.57 56.34 -13.54
CA PRO L 101 0.34 57.43 -13.87
C PRO L 101 -0.19 58.77 -13.34
N SER L 102 0.67 59.55 -12.69
CA SER L 102 0.35 60.91 -12.26
C SER L 102 0.95 61.96 -13.22
N LEU L 103 0.81 63.25 -12.89
CA LEU L 103 1.48 64.36 -13.62
C LEU L 103 3.00 64.25 -13.43
N ASN L 104 3.77 64.39 -14.52
CA ASN L 104 5.27 64.46 -14.44
C ASN L 104 5.70 65.86 -13.95
N VAL L 105 6.45 65.91 -12.83
CA VAL L 105 6.97 67.18 -12.29
C VAL L 105 8.41 67.37 -12.81
N ASP L 106 8.59 68.48 -13.53
CA ASP L 106 9.86 68.89 -14.20
C ASP L 106 10.41 67.69 -14.98
N GLY L 107 9.61 67.19 -15.93
CA GLY L 107 9.99 66.19 -16.95
C GLY L 107 10.42 64.84 -16.39
N GLN L 108 10.05 64.55 -15.14
CA GLN L 108 10.52 63.34 -14.44
C GLN L 108 9.57 62.19 -14.72
N PRO L 109 10.03 61.09 -15.37
CA PRO L 109 9.23 59.88 -15.47
C PRO L 109 8.89 59.33 -14.07
N ILE L 110 7.69 58.73 -13.94
CA ILE L 110 7.28 58.06 -12.71
C ILE L 110 7.72 56.61 -12.81
N PHE L 111 8.23 56.07 -11.70
CA PHE L 111 8.69 54.68 -11.65
C PHE L 111 7.55 53.78 -11.21
N ALA L 112 7.40 52.67 -11.94
CA ALA L 112 6.52 51.58 -11.62
C ALA L 112 7.36 50.32 -11.41
N ASN L 113 7.69 50.04 -10.16
CA ASN L 113 8.53 48.93 -9.80
C ASN L 113 7.64 47.69 -9.62
N ILE L 114 7.79 46.76 -10.55
CA ILE L 114 7.10 45.53 -10.61
C ILE L 114 7.94 44.49 -9.85
N THR L 115 7.35 43.84 -8.85
CA THR L 115 8.03 42.90 -7.96
C THR L 115 7.17 41.66 -7.72
N LEU L 116 7.80 40.57 -7.29
CA LEU L 116 7.05 39.44 -6.79
C LEU L 116 6.35 39.90 -5.52
N PRO L 117 5.12 39.44 -5.27
CA PRO L 117 4.56 39.46 -3.93
C PRO L 117 5.25 38.34 -3.15
N VAL L 118 5.14 38.39 -1.82
CA VAL L 118 5.41 37.24 -1.01
C VAL L 118 4.18 36.35 -1.11
N TYR L 119 4.19 35.42 -2.06
CA TYR L 119 3.11 34.49 -2.15
C TYR L 119 3.04 33.71 -0.84
N THR L 120 1.84 33.25 -0.50
CA THR L 120 1.68 32.17 0.49
C THR L 120 2.46 30.96 -0.04
N LEU L 121 2.94 30.11 0.88
CA LEU L 121 3.55 28.87 0.52
C LEU L 121 2.54 28.02 -0.25
N LYS L 122 1.29 28.01 0.17
CA LYS L 122 0.27 27.22 -0.55
C LYS L 122 0.22 27.65 -2.04
N GLU L 123 0.11 28.96 -2.27
CA GLU L 123 -0.01 29.44 -3.64
C GLU L 123 1.28 29.17 -4.44
N ARG L 124 2.44 29.26 -3.80
CA ARG L 124 3.70 29.05 -4.52
C ARG L 124 3.80 27.58 -4.93
N CYS L 125 3.44 26.68 -4.00
CA CYS L 125 3.36 25.26 -4.31
C CYS L 125 2.40 25.02 -5.47
N LEU L 126 1.22 25.65 -5.44
CA LEU L 126 0.28 25.47 -6.56
C LEU L 126 0.96 25.86 -7.87
N GLN L 127 1.69 27.00 -7.87
CA GLN L 127 2.32 27.53 -9.11
C GLN L 127 3.28 26.48 -9.68
N VAL L 128 4.06 25.85 -8.80
CA VAL L 128 5.10 24.90 -9.22
C VAL L 128 4.44 23.62 -9.74
N VAL L 129 3.40 23.16 -9.04
CA VAL L 129 2.72 21.95 -9.47
C VAL L 129 2.06 22.23 -10.83
N ARG L 130 1.35 23.36 -10.96
CA ARG L 130 0.73 23.74 -12.25
C ARG L 130 1.79 23.71 -13.35
N SER L 131 2.99 24.23 -13.06
CA SER L 131 4.06 24.37 -14.06
C SER L 131 4.65 23.01 -14.47
N LEU L 132 4.34 21.93 -13.75
CA LEU L 132 4.97 20.62 -13.98
C LEU L 132 3.97 19.58 -14.49
N VAL L 133 2.66 19.86 -14.37
CA VAL L 133 1.67 18.88 -14.71
C VAL L 133 0.68 19.50 -15.71
N LYS L 134 0.44 18.76 -16.80
CA LYS L 134 -0.54 19.15 -17.81
C LYS L 134 -1.90 19.19 -17.13
N PRO L 135 -2.72 20.23 -17.38
CA PRO L 135 -4.02 20.37 -16.71
C PRO L 135 -4.95 19.14 -16.77
N GLU L 136 -4.81 18.28 -17.79
CA GLU L 136 -5.65 17.08 -17.91
C GLU L 136 -5.17 15.96 -16.96
N ASN L 137 -4.02 16.15 -16.29
CA ASN L 137 -3.39 15.15 -15.42
C ASN L 137 -3.49 15.56 -13.94
N TYR L 138 -4.02 16.75 -13.65
CA TYR L 138 -4.23 17.17 -12.25
C TYR L 138 -4.99 16.09 -11.49
N ARG L 139 -5.98 15.48 -12.16
CA ARG L 139 -6.90 14.48 -11.57
C ARG L 139 -6.15 13.19 -11.18
N ARG L 140 -4.93 13.01 -11.70
CA ARG L 140 -4.13 11.79 -11.47
C ARG L 140 -3.13 11.99 -10.31
N LEU L 141 -3.12 13.19 -9.70
CA LEU L 141 -2.27 13.46 -8.53
C LEU L 141 -2.94 12.88 -7.27
N ASP L 142 -2.15 12.22 -6.44
CA ASP L 142 -2.66 11.59 -5.23
C ASP L 142 -2.80 12.66 -4.14
N ILE L 143 -3.84 13.49 -4.26
CA ILE L 143 -4.06 14.63 -3.38
C ILE L 143 -5.55 14.69 -3.08
N VAL L 144 -5.88 15.36 -1.98
CA VAL L 144 -7.27 15.51 -1.57
C VAL L 144 -8.02 16.28 -2.67
N ARG L 145 -9.33 16.04 -2.77
CA ARG L 145 -10.18 16.60 -3.82
C ARG L 145 -10.00 18.12 -3.88
N SER L 146 -10.07 18.78 -2.72
CA SER L 146 -10.12 20.25 -2.65
C SER L 146 -8.84 20.88 -3.22
N LEU L 147 -7.75 20.13 -3.27
CA LEU L 147 -6.50 20.62 -3.87
C LEU L 147 -6.55 20.49 -5.40
N TYR L 148 -7.25 19.50 -5.95
CA TYR L 148 -7.47 19.45 -7.42
C TYR L 148 -8.13 20.77 -7.83
N GLU L 149 -9.14 21.19 -7.06
CA GLU L 149 -9.95 22.34 -7.43
C GLU L 149 -9.09 23.61 -7.33
N ASP L 150 -8.28 23.69 -6.27
CA ASP L 150 -7.36 24.79 -6.02
C ASP L 150 -6.38 24.95 -7.19
N LEU L 151 -5.89 23.82 -7.72
CA LEU L 151 -5.01 23.75 -8.90
C LEU L 151 -5.72 24.29 -10.13
N GLU L 152 -6.98 23.87 -10.32
CA GLU L 152 -7.75 24.13 -11.55
C GLU L 152 -8.05 25.62 -11.66
N ASP L 153 -8.22 26.28 -10.51
CA ASP L 153 -8.56 27.67 -10.41
C ASP L 153 -7.32 28.52 -10.75
N HIS L 154 -6.98 28.53 -12.05
CA HIS L 154 -5.82 29.23 -12.60
C HIS L 154 -5.94 30.70 -12.28
N PRO L 155 -4.83 31.42 -12.01
CA PRO L 155 -4.94 32.85 -11.74
C PRO L 155 -5.48 33.48 -13.02
N ASN L 156 -6.28 34.52 -12.85
CA ASN L 156 -7.16 34.97 -13.89
C ASN L 156 -7.44 36.44 -13.65
N VAL L 157 -7.12 37.26 -14.64
CA VAL L 157 -7.23 38.71 -14.50
C VAL L 157 -8.69 39.12 -14.31
N GLN L 158 -9.61 38.58 -15.13
CA GLN L 158 -10.99 39.04 -15.07
C GLN L 158 -11.52 38.78 -13.64
N LYS L 159 -11.20 37.61 -13.08
CA LYS L 159 -11.59 37.26 -11.70
C LYS L 159 -10.99 38.25 -10.69
N ASP L 160 -9.68 38.48 -10.76
CA ASP L 160 -9.00 39.43 -9.86
C ASP L 160 -9.71 40.79 -9.90
N LEU L 161 -10.13 41.22 -11.11
CA LEU L 161 -10.84 42.50 -11.28
C LEU L 161 -12.23 42.47 -10.63
N GLU L 162 -12.94 41.33 -10.73
CA GLU L 162 -14.21 41.16 -10.01
C GLU L 162 -13.94 41.24 -8.49
N ARG L 163 -12.87 40.58 -8.03
CA ARG L 163 -12.45 40.54 -6.61
C ARG L 163 -12.20 41.98 -6.14
N LEU L 164 -11.34 42.72 -6.85
CA LEU L 164 -10.94 44.09 -6.48
C LEU L 164 -12.18 45.01 -6.46
N THR L 165 -13.10 44.82 -7.42
CA THR L 165 -14.29 45.65 -7.55
C THR L 165 -15.21 45.47 -6.34
N GLN L 166 -15.32 44.23 -5.83
CA GLN L 166 -16.23 43.89 -4.72
C GLN L 166 -15.66 44.41 -3.39
N GLU L 167 -14.32 44.45 -3.26
CA GLU L 167 -13.64 44.92 -2.05
C GLU L 167 -13.89 46.42 -1.86
N ARG L 168 -13.94 47.17 -2.97
CA ARG L 168 -14.10 48.63 -3.00
C ARG L 168 -15.44 49.04 -2.37
N ILE L 169 -16.45 48.19 -2.53
CA ILE L 169 -17.80 48.35 -1.93
C ILE L 169 -17.68 48.25 -0.39
N ALA L 170 -17.08 47.16 0.14
CA ALA L 170 -16.76 47.07 1.58
C ALA L 170 -15.81 48.20 2.02
#